data_2VKF
# 
_entry.id   2VKF 
# 
_audit_conform.dict_name       mmcif_pdbx.dic 
_audit_conform.dict_version    5.382 
_audit_conform.dict_location   http://mmcif.pdb.org/dictionaries/ascii/mmcif_pdbx.dic 
# 
loop_
_database_2.database_id 
_database_2.database_code 
_database_2.pdbx_database_accession 
_database_2.pdbx_DOI 
PDB   2VKF         pdb_00002vkf 10.2210/pdb2vkf/pdb 
PDBE  EBI-34830    ?            ?                   
WWPDB D_1290034830 ?            ?                   
# 
loop_
_pdbx_database_related.db_name 
_pdbx_database_related.db_id 
_pdbx_database_related.content_type 
_pdbx_database_related.details 
PDB 2CCB unspecified 'COMPLEXES OF DODECIN WITH FLAVIN AND FLAVIN -LIKE LIGANDS' 
PDB 2CCC unspecified 'COMPLEXES OF DODECIN WITH FLAVIN AND FLAVIN -LIKE LIGANDS' 
PDB 2CIF unspecified 'COMPLEXES OF DODECIN WITH FLAVIN AND FLAVIN -LIKE LIGANDS' 
PDB 1MOG unspecified 'CRYSTAL STRUCTURE OF H. SALINARUM DODECIN'                 
PDB 2CC6 unspecified 'COMPLEXES OF DODECIN WITH FLAVIN AND FLAVIN -LIKE LIGANDS' 
PDB 2CC7 unspecified 'COMPLEXES OF DODECIN WITH FLAVIN AND FLAVIN -LIKE LIGANDS' 
PDB 2CC8 unspecified 'COMPLEXES OF DODECIN WITH FLAVIN AND FLAVIN -LIKE LIGANDS' 
PDB 2CC9 unspecified 'COMPLEXES OF DODECIN WITH FLAVIN AND FLAVIN -LIKE LIGANDS' 
PDB 2CIE unspecified 'COMPLEXES OF DODECIN WITH FLAVIN AND FLAVIN -LIKE LIGANDS' 
PDB 2CJC unspecified 'COMPLEXES OF DODECIN WITH FLAVIN AND FLAVIN -LIKE LIGANDS' 
PDB 2VKG unspecified 'COMPLEXES OF DODECIN WITH FLAVIN AND FLAVIN -LIKE LIGANDS' 
# 
_pdbx_database_status.status_code                     REL 
_pdbx_database_status.entry_id                        2VKF 
_pdbx_database_status.deposit_site                    PDBE 
_pdbx_database_status.process_site                    PDBE 
_pdbx_database_status.SG_entry                        . 
_pdbx_database_status.recvd_initial_deposition_date   2007-12-19 
_pdbx_database_status.pdb_format_compatible           Y 
_pdbx_database_status.status_code_sf                  REL 
_pdbx_database_status.status_code_mr                  ? 
_pdbx_database_status.status_code_cs                  ? 
_pdbx_database_status.methods_development_category    ? 
_pdbx_database_status.status_code_nmr_data            ? 
# 
loop_
_audit_author.name 
_audit_author.pdbx_ordinal 
'Grininger, M.'  1 
'Noell, G.'      2 
'Trawoeger, S.'  3 
'Sinner, E.'     4 
'Oesterhelt, D.' 5 
# 
_citation.id                        primary 
_citation.title                     
'Electrochemical Switching of the Flavoprotein Dodecin at Gold Surfaces Modified by Flavin-DNA Hybrid Linkers' 
_citation.journal_abbrev            Biointerphases 
_citation.journal_volume            3 
_citation.page_first                51 
_citation.page_last                 ? 
_citation.year                      2008 
_citation.journal_id_ASTM           ? 
_citation.country                   ? 
_citation.journal_id_ISSN           1934-8630 
_citation.journal_id_CSD            ? 
_citation.book_publisher            ? 
_citation.pdbx_database_id_PubMed   20408700 
_citation.pdbx_database_id_DOI      10.1116/1.2965134 
# 
loop_
_citation_author.citation_id 
_citation_author.name 
_citation_author.ordinal 
_citation_author.identifier_ORCID 
primary 'Grininger, M.'  1 ? 
primary 'Noell, G.'      2 ? 
primary 'Trawoeger, S.'  3 ? 
primary 'Sinner, E.'     4 ? 
primary 'Oesterhelt, D.' 5 ? 
# 
_cell.entry_id           2VKF 
_cell.length_a           141.704 
_cell.length_b           141.704 
_cell.length_c           141.704 
_cell.angle_alpha        90.00 
_cell.angle_beta         90.00 
_cell.angle_gamma        90.00 
_cell.Z_PDB              96 
_cell.pdbx_unique_axis   ? 
# 
_symmetry.entry_id                         2VKF 
_symmetry.space_group_name_H-M             'F 41 3 2' 
_symmetry.pdbx_full_space_group_name_H-M   ? 
_symmetry.cell_setting                     ? 
_symmetry.Int_Tables_number                210 
# 
loop_
_entity.id 
_entity.type 
_entity.src_method 
_entity.pdbx_description 
_entity.formula_weight 
_entity.pdbx_number_of_molecules 
_entity.pdbx_ec 
_entity.pdbx_mutation 
_entity.pdbx_fragment 
_entity.details 
1 polymer     man DODECIN                                                                                                     
6722.342 1  ? YES 'RESIDUES 11-58,61-74' 'LIGAND BOUND' 
2 non-polymer syn 'MAGNESIUM ION'                                                                                             
24.305   2  ? ?   ?                      ?              
3 non-polymer syn 'SODIUM ION'                                                                                                
22.990   1  ? ?   ?                      ?              
4 non-polymer syn 'CHLORIDE ION'                                                                                              
35.453   1  ? ?   ?                      ?              
5 non-polymer syn 'SULFATE ION'                                                                                               
96.063   1  ? ?   ?                      ?              
6 non-polymer syn "2'-deoxy-5'-O-{[2-(7,8-dimethyl-2,4-dioxo-3,4-dihydrobenzo[g]pteridin-10(2H)-yl)ethyl]carbamoyl}guanosine" 
578.537  1  ? ?   ?                      ?              
7 water       nat water                                                                                                       
18.015   86 ? ?   ?                      ?              
# 
_entity_poly.entity_id                      1 
_entity_poly.type                           'polypeptide(L)' 
_entity_poly.nstd_linkage                   no 
_entity_poly.nstd_monomer                   no 
_entity_poly.pdbx_seq_one_letter_code       VFKKVLLTGTSEESFTAAADDAIDRAEDTLDNVVWAEVVDQGVAIGAVRTYQTEVQVAFELD 
_entity_poly.pdbx_seq_one_letter_code_can   VFKKVLLTGTSEESFTAAADDAIDRAEDTLDNVVWAEVVDQGVAIGAVRTYQTEVQVAFELD 
_entity_poly.pdbx_strand_id                 A 
_entity_poly.pdbx_target_identifier         ? 
# 
loop_
_entity_poly_seq.entity_id 
_entity_poly_seq.num 
_entity_poly_seq.mon_id 
_entity_poly_seq.hetero 
1 1  VAL n 
1 2  PHE n 
1 3  LYS n 
1 4  LYS n 
1 5  VAL n 
1 6  LEU n 
1 7  LEU n 
1 8  THR n 
1 9  GLY n 
1 10 THR n 
1 11 SER n 
1 12 GLU n 
1 13 GLU n 
1 14 SER n 
1 15 PHE n 
1 16 THR n 
1 17 ALA n 
1 18 ALA n 
1 19 ALA n 
1 20 ASP n 
1 21 ASP n 
1 22 ALA n 
1 23 ILE n 
1 24 ASP n 
1 25 ARG n 
1 26 ALA n 
1 27 GLU n 
1 28 ASP n 
1 29 THR n 
1 30 LEU n 
1 31 ASP n 
1 32 ASN n 
1 33 VAL n 
1 34 VAL n 
1 35 TRP n 
1 36 ALA n 
1 37 GLU n 
1 38 VAL n 
1 39 VAL n 
1 40 ASP n 
1 41 GLN n 
1 42 GLY n 
1 43 VAL n 
1 44 ALA n 
1 45 ILE n 
1 46 GLY n 
1 47 ALA n 
1 48 VAL n 
1 49 ARG n 
1 50 THR n 
1 51 TYR n 
1 52 GLN n 
1 53 THR n 
1 54 GLU n 
1 55 VAL n 
1 56 GLN n 
1 57 VAL n 
1 58 ALA n 
1 59 PHE n 
1 60 GLU n 
1 61 LEU n 
1 62 ASP n 
# 
_entity_src_gen.entity_id                          1 
_entity_src_gen.pdbx_src_id                        1 
_entity_src_gen.pdbx_alt_source_flag               sample 
_entity_src_gen.pdbx_seq_type                      ? 
_entity_src_gen.pdbx_beg_seq_num                   ? 
_entity_src_gen.pdbx_end_seq_num                   ? 
_entity_src_gen.gene_src_common_name               ? 
_entity_src_gen.gene_src_genus                     ? 
_entity_src_gen.pdbx_gene_src_gene                 ? 
_entity_src_gen.gene_src_species                   ? 
_entity_src_gen.gene_src_strain                    R1 
_entity_src_gen.gene_src_tissue                    ? 
_entity_src_gen.gene_src_tissue_fraction           ? 
_entity_src_gen.gene_src_details                   ? 
_entity_src_gen.pdbx_gene_src_fragment             ? 
_entity_src_gen.pdbx_gene_src_scientific_name      'HALOBACTERIUM SALINARUM' 
_entity_src_gen.pdbx_gene_src_ncbi_taxonomy_id     478009 
_entity_src_gen.pdbx_gene_src_variant              ? 
_entity_src_gen.pdbx_gene_src_cell_line            ? 
_entity_src_gen.pdbx_gene_src_atcc                 ? 
_entity_src_gen.pdbx_gene_src_organ                ? 
_entity_src_gen.pdbx_gene_src_organelle            ? 
_entity_src_gen.pdbx_gene_src_cell                 ? 
_entity_src_gen.pdbx_gene_src_cellular_location    ? 
_entity_src_gen.host_org_common_name               ? 
_entity_src_gen.pdbx_host_org_scientific_name      'ESCHERICHIA COLI' 
_entity_src_gen.pdbx_host_org_ncbi_taxonomy_id     469008 
_entity_src_gen.host_org_genus                     ? 
_entity_src_gen.pdbx_host_org_gene                 ? 
_entity_src_gen.pdbx_host_org_organ                ? 
_entity_src_gen.host_org_species                   ? 
_entity_src_gen.pdbx_host_org_tissue               ? 
_entity_src_gen.pdbx_host_org_tissue_fraction      ? 
_entity_src_gen.pdbx_host_org_strain               'BL21(DE3)' 
_entity_src_gen.pdbx_host_org_variant              ? 
_entity_src_gen.pdbx_host_org_cell_line            ? 
_entity_src_gen.pdbx_host_org_atcc                 ? 
_entity_src_gen.pdbx_host_org_culture_collection   ? 
_entity_src_gen.pdbx_host_org_cell                 ? 
_entity_src_gen.pdbx_host_org_organelle            ? 
_entity_src_gen.pdbx_host_org_cellular_location    ? 
_entity_src_gen.pdbx_host_org_vector_type          PLASMID 
_entity_src_gen.pdbx_host_org_vector               ? 
_entity_src_gen.host_org_details                   ? 
_entity_src_gen.expression_system_id               ? 
_entity_src_gen.plasmid_name                       PET22B 
_entity_src_gen.plasmid_details                    ? 
_entity_src_gen.pdbx_description                   'GERMAN COLLECTION OF MICROORGANISMS (DSM 671)' 
# 
_struct_ref.id                         1 
_struct_ref.db_name                    UNP 
_struct_ref.db_code                    Q9HPW4_HALSA 
_struct_ref.entity_id                  1 
_struct_ref.pdbx_seq_one_letter_code   ? 
_struct_ref.pdbx_align_begin           ? 
_struct_ref.pdbx_db_accession          Q9HPW4 
_struct_ref.pdbx_db_isoform            ? 
# 
loop_
_struct_ref_seq.align_id 
_struct_ref_seq.ref_id 
_struct_ref_seq.pdbx_PDB_id_code 
_struct_ref_seq.pdbx_strand_id 
_struct_ref_seq.seq_align_beg 
_struct_ref_seq.pdbx_seq_align_beg_ins_code 
_struct_ref_seq.seq_align_end 
_struct_ref_seq.pdbx_seq_align_end_ins_code 
_struct_ref_seq.pdbx_db_accession 
_struct_ref_seq.db_align_beg 
_struct_ref_seq.pdbx_db_align_beg_ins_code 
_struct_ref_seq.db_align_end 
_struct_ref_seq.pdbx_db_align_end_ins_code 
_struct_ref_seq.pdbx_auth_seq_align_beg 
_struct_ref_seq.pdbx_auth_seq_align_end 
1 1 2VKF A 1  ? 48 ? Q9HPW4 11 ? 58 ? 2  49 
2 1 2VKF A 49 ? 62 ? Q9HPW4 61 ? 74 ? 50 63 
# 
_struct_ref_seq_dif.align_id                     1 
_struct_ref_seq_dif.pdbx_pdb_id_code             2VKF 
_struct_ref_seq_dif.mon_id                       ALA 
_struct_ref_seq_dif.pdbx_pdb_strand_id           A 
_struct_ref_seq_dif.seq_num                      44 
_struct_ref_seq_dif.pdbx_pdb_ins_code            ? 
_struct_ref_seq_dif.pdbx_seq_db_name             UNP 
_struct_ref_seq_dif.pdbx_seq_db_accession_code   Q9HPW4 
_struct_ref_seq_dif.db_mon_id                    GLU 
_struct_ref_seq_dif.pdbx_seq_db_seq_num          54 
_struct_ref_seq_dif.details                      'engineered mutation' 
_struct_ref_seq_dif.pdbx_auth_seq_num            45 
_struct_ref_seq_dif.pdbx_ordinal                 1 
# 
loop_
_chem_comp.id 
_chem_comp.type 
_chem_comp.mon_nstd_flag 
_chem_comp.name 
_chem_comp.pdbx_synonyms 
_chem_comp.formula 
_chem_comp.formula_weight 
ALA 'L-peptide linking' y ALANINE ? 'C3 H7 N O2'     89.093  
ARG 'L-peptide linking' y ARGININE ? 'C6 H15 N4 O2 1' 175.209 
ASN 'L-peptide linking' y ASPARAGINE ? 'C4 H8 N2 O3'    132.118 
ASP 'L-peptide linking' y 'ASPARTIC ACID' ? 'C4 H7 N O4'     133.103 
CF2 non-polymer         . 
"2'-deoxy-5'-O-{[2-(7,8-dimethyl-2,4-dioxo-3,4-dihydrobenzo[g]pteridin-10(2H)-yl)ethyl]carbamoyl}guanosine" ? 'C25 H26 N10 O7' 
578.537 
CL  non-polymer         . 'CHLORIDE ION' ? 'Cl -1'          35.453  
GLN 'L-peptide linking' y GLUTAMINE ? 'C5 H10 N2 O3'   146.144 
GLU 'L-peptide linking' y 'GLUTAMIC ACID' ? 'C5 H9 N O4'     147.129 
GLY 'peptide linking'   y GLYCINE ? 'C2 H5 N O2'     75.067  
HOH non-polymer         . WATER ? 'H2 O'           18.015  
ILE 'L-peptide linking' y ISOLEUCINE ? 'C6 H13 N O2'    131.173 
LEU 'L-peptide linking' y LEUCINE ? 'C6 H13 N O2'    131.173 
LYS 'L-peptide linking' y LYSINE ? 'C6 H15 N2 O2 1' 147.195 
MG  non-polymer         . 'MAGNESIUM ION' ? 'Mg 2'           24.305  
NA  non-polymer         . 'SODIUM ION' ? 'Na 1'           22.990  
PHE 'L-peptide linking' y PHENYLALANINE ? 'C9 H11 N O2'    165.189 
SER 'L-peptide linking' y SERINE ? 'C3 H7 N O3'     105.093 
SO4 non-polymer         . 'SULFATE ION' ? 'O4 S -2'        96.063  
THR 'L-peptide linking' y THREONINE ? 'C4 H9 N O3'     119.119 
TRP 'L-peptide linking' y TRYPTOPHAN ? 'C11 H12 N2 O2'  204.225 
TYR 'L-peptide linking' y TYROSINE ? 'C9 H11 N O3'    181.189 
VAL 'L-peptide linking' y VALINE ? 'C5 H11 N O2'    117.146 
# 
_exptl.entry_id          2VKF 
_exptl.method            'X-RAY DIFFRACTION' 
_exptl.crystals_number   1 
# 
_exptl_crystal.id                    1 
_exptl_crystal.density_meas          ? 
_exptl_crystal.density_Matthews      3.41 
_exptl_crystal.density_percent_sol   63.64 
_exptl_crystal.description           NONE 
# 
_exptl_crystal_grow.crystal_id      1 
_exptl_crystal_grow.method          ? 
_exptl_crystal_grow.temp            ? 
_exptl_crystal_grow.temp_details    ? 
_exptl_crystal_grow.pH              7.5 
_exptl_crystal_grow.pdbx_pH_range   ? 
_exptl_crystal_grow.pdbx_details    '0.2 M MGCL2, 2.0 M NACL, 0.1 M NA HEPES PH 7.5 AND 30% PEG400' 
# 
_diffrn.id                     1 
_diffrn.ambient_temp           100 
_diffrn.ambient_temp_details   ? 
_diffrn.crystal_id             1 
# 
_diffrn_detector.diffrn_id              1 
_diffrn_detector.detector               CCD 
_diffrn_detector.type                   MARRESEARCH 
_diffrn_detector.pdbx_collection_date   2006-08-13 
_diffrn_detector.details                ? 
# 
_diffrn_radiation.diffrn_id                        1 
_diffrn_radiation.wavelength_id                    1 
_diffrn_radiation.pdbx_monochromatic_or_laue_m_l   M 
_diffrn_radiation.monochromator                    ? 
_diffrn_radiation.pdbx_diffrn_protocol             'SINGLE WAVELENGTH' 
_diffrn_radiation.pdbx_scattering_type             x-ray 
# 
_diffrn_radiation_wavelength.id           1 
_diffrn_radiation_wavelength.wavelength   1.033000 
_diffrn_radiation_wavelength.wt           1.0 
# 
_diffrn_source.diffrn_id                   1 
_diffrn_source.source                      SYNCHROTRON 
_diffrn_source.type                        'SLS BEAMLINE X10SA' 
_diffrn_source.pdbx_synchrotron_site       SLS 
_diffrn_source.pdbx_synchrotron_beamline   X10SA 
_diffrn_source.pdbx_wavelength             1.033000 
_diffrn_source.pdbx_wavelength_list        ? 
# 
_reflns.pdbx_diffrn_id               1 
_reflns.pdbx_ordinal                 1 
_reflns.entry_id                     2VKF 
_reflns.observed_criterion_sigma_I   3.0 
_reflns.observed_criterion_sigma_F   ? 
_reflns.d_resolution_low             20.00 
_reflns.d_resolution_high            1.69 
_reflns.number_obs                   171130 
_reflns.number_all                   ? 
_reflns.percent_possible_obs         95.4 
_reflns.pdbx_Rmerge_I_obs            0.09 
_reflns.pdbx_Rsym_value              ? 
_reflns.pdbx_netI_over_sigmaI        19.80 
_reflns.B_iso_Wilson_estimate        ? 
_reflns.pdbx_redundancy              12.7 
# 
_reflns_shell.pdbx_diffrn_id         1 
_reflns_shell.pdbx_ordinal           1 
_reflns_shell.d_res_high             1.69 
_reflns_shell.d_res_low              1.80 
_reflns_shell.percent_possible_all   79.0 
_reflns_shell.Rmerge_I_obs           0.52 
_reflns_shell.pdbx_Rsym_value        ? 
_reflns_shell.meanI_over_sigI_obs    4.10 
_reflns_shell.pdbx_redundancy        8.4 
# 
_refine.pdbx_refine_id                           'X-RAY DIFFRACTION' 
_refine.entry_id                                 2VKF 
_refine.pdbx_diffrn_id                           1 
_refine.pdbx_TLS_residual_ADP_flag               ? 
_refine.ls_number_reflns_obs                     12770 
_refine.ls_number_reflns_all                     ? 
_refine.pdbx_ls_sigma_I                          ? 
_refine.pdbx_ls_sigma_F                          ? 
_refine.pdbx_data_cutoff_high_absF               ? 
_refine.pdbx_data_cutoff_low_absF                ? 
_refine.pdbx_data_cutoff_high_rms_absF           ? 
_refine.ls_d_res_low                             19.03 
_refine.ls_d_res_high                            1.70 
_refine.ls_percent_reflns_obs                    96.6 
_refine.ls_R_factor_obs                          0.186 
_refine.ls_R_factor_all                          ? 
_refine.ls_R_factor_R_work                       0.184 
_refine.ls_R_factor_R_free                       0.213 
_refine.ls_R_factor_R_free_error                 ? 
_refine.ls_R_factor_R_free_error_details         ? 
_refine.ls_percent_reflns_R_free                 5.200 
_refine.ls_number_reflns_R_free                  703 
_refine.ls_number_parameters                     ? 
_refine.ls_number_restraints                     ? 
_refine.occupancy_min                            ? 
_refine.occupancy_max                            ? 
_refine.correlation_coeff_Fo_to_Fc               0.952 
_refine.correlation_coeff_Fo_to_Fc_free          0.951 
_refine.B_iso_mean                               18.22 
_refine.aniso_B[1][1]                            ? 
_refine.aniso_B[2][2]                            ? 
_refine.aniso_B[3][3]                            ? 
_refine.aniso_B[1][2]                            ? 
_refine.aniso_B[1][3]                            ? 
_refine.aniso_B[2][3]                            ? 
_refine.solvent_model_details                    MASK 
_refine.solvent_model_param_ksol                 ? 
_refine.solvent_model_param_bsol                 ? 
_refine.pdbx_solvent_vdw_probe_radii             1.40 
_refine.pdbx_solvent_ion_probe_radii             0.80 
_refine.pdbx_solvent_shrinkage_radii             0.80 
_refine.pdbx_ls_cross_valid_method               THROUGHOUT 
_refine.details                                  'HYDROGENS HAVE BEEN ADDED IN THE RIDING POSITIONS.' 
_refine.pdbx_starting_model                      'PDB ENTRY 2CCC' 
_refine.pdbx_method_to_determine_struct          'MOLECULAR REPLACEMENT' 
_refine.pdbx_isotropic_thermal_model             ? 
_refine.pdbx_stereochemistry_target_values       'MAXIMUM LIKELIHOOD' 
_refine.pdbx_stereochem_target_val_spec_case     ? 
_refine.pdbx_R_Free_selection_details            RANDOM 
_refine.pdbx_overall_ESU_R                       0.079 
_refine.pdbx_overall_ESU_R_Free                  0.082 
_refine.overall_SU_ML                            0.050 
_refine.pdbx_overall_phase_error                 ? 
_refine.overall_SU_B                             1.474 
_refine.overall_SU_R_Cruickshank_DPI             ? 
_refine.pdbx_overall_SU_R_free_Cruickshank_DPI   ? 
_refine.pdbx_overall_SU_R_Blow_DPI               ? 
_refine.pdbx_overall_SU_R_free_Blow_DPI          ? 
# 
_refine_hist.pdbx_refine_id                   'X-RAY DIFFRACTION' 
_refine_hist.cycle_id                         LAST 
_refine_hist.pdbx_number_atoms_protein        473 
_refine_hist.pdbx_number_atoms_nucleic_acid   0 
_refine_hist.pdbx_number_atoms_ligand         51 
_refine_hist.number_atoms_solvent             86 
_refine_hist.number_atoms_total               610 
_refine_hist.d_res_high                       1.70 
_refine_hist.d_res_low                        19.03 
# 
loop_
_refine_ls_restr.type 
_refine_ls_restr.dev_ideal 
_refine_ls_restr.dev_ideal_target 
_refine_ls_restr.weight 
_refine_ls_restr.number 
_refine_ls_restr.pdbx_refine_id 
_refine_ls_restr.pdbx_restraint_function 
r_bond_refined_d             0.014  0.022  ? 542 'X-RAY DIFFRACTION' ? 
r_bond_other_d               ?      ?      ? ?   'X-RAY DIFFRACTION' ? 
r_angle_refined_deg          1.458  2.041  ? 750 'X-RAY DIFFRACTION' ? 
r_angle_other_deg            ?      ?      ? ?   'X-RAY DIFFRACTION' ? 
r_dihedral_angle_1_deg       6.030  5.000  ? 65  'X-RAY DIFFRACTION' ? 
r_dihedral_angle_2_deg       30.182 26.250 ? 24  'X-RAY DIFFRACTION' ? 
r_dihedral_angle_3_deg       11.584 15.000 ? 77  'X-RAY DIFFRACTION' ? 
r_dihedral_angle_4_deg       10.926 15.000 ? 2   'X-RAY DIFFRACTION' ? 
r_chiral_restr               0.095  0.200  ? 88  'X-RAY DIFFRACTION' ? 
r_gen_planes_refined         0.006  0.020  ? 409 'X-RAY DIFFRACTION' ? 
r_gen_planes_other           ?      ?      ? ?   'X-RAY DIFFRACTION' ? 
r_nbd_refined                0.209  0.200  ? 190 'X-RAY DIFFRACTION' ? 
r_nbd_other                  ?      ?      ? ?   'X-RAY DIFFRACTION' ? 
r_nbtor_refined              0.303  0.200  ? 376 'X-RAY DIFFRACTION' ? 
r_nbtor_other                ?      ?      ? ?   'X-RAY DIFFRACTION' ? 
r_xyhbond_nbd_refined        0.204  0.200  ? 56  'X-RAY DIFFRACTION' ? 
r_xyhbond_nbd_other          ?      ?      ? ?   'X-RAY DIFFRACTION' ? 
r_metal_ion_refined          ?      ?      ? ?   'X-RAY DIFFRACTION' ? 
r_metal_ion_other            ?      ?      ? ?   'X-RAY DIFFRACTION' ? 
r_symmetry_vdw_refined       0.188  0.200  ? 70  'X-RAY DIFFRACTION' ? 
r_symmetry_vdw_other         ?      ?      ? ?   'X-RAY DIFFRACTION' ? 
r_symmetry_hbond_refined     0.224  0.200  ? 25  'X-RAY DIFFRACTION' ? 
r_symmetry_hbond_other       ?      ?      ? ?   'X-RAY DIFFRACTION' ? 
r_symmetry_metal_ion_refined ?      ?      ? ?   'X-RAY DIFFRACTION' ? 
r_symmetry_metal_ion_other   ?      ?      ? ?   'X-RAY DIFFRACTION' ? 
r_mcbond_it                  0.843  1.500  ? 315 'X-RAY DIFFRACTION' ? 
r_mcbond_other               ?      ?      ? ?   'X-RAY DIFFRACTION' ? 
r_mcangle_it                 1.588  2.000  ? 512 'X-RAY DIFFRACTION' ? 
r_mcangle_other              ?      ?      ? ?   'X-RAY DIFFRACTION' ? 
r_scbond_it                  1.985  3.000  ? 308 'X-RAY DIFFRACTION' ? 
r_scbond_other               ?      ?      ? ?   'X-RAY DIFFRACTION' ? 
r_scangle_it                 3.717  4.500  ? 237 'X-RAY DIFFRACTION' ? 
r_scangle_other              ?      ?      ? ?   'X-RAY DIFFRACTION' ? 
r_long_range_B_refined       ?      ?      ? ?   'X-RAY DIFFRACTION' ? 
r_long_range_B_other         ?      ?      ? ?   'X-RAY DIFFRACTION' ? 
r_rigid_bond_restr           ?      ?      ? ?   'X-RAY DIFFRACTION' ? 
r_sphericity_free            ?      ?      ? ?   'X-RAY DIFFRACTION' ? 
r_sphericity_bonded          ?      ?      ? ?   'X-RAY DIFFRACTION' ? 
# 
_refine_ls_shell.pdbx_refine_id                   'X-RAY DIFFRACTION' 
_refine_ls_shell.pdbx_total_number_of_bins_used   20 
_refine_ls_shell.d_res_high                       1.70 
_refine_ls_shell.d_res_low                        1.74 
_refine_ls_shell.number_reflns_R_work             730 
_refine_ls_shell.R_factor_R_work                  0.2670 
_refine_ls_shell.percent_reflns_obs               ? 
_refine_ls_shell.R_factor_R_free                  0.3240 
_refine_ls_shell.R_factor_R_free_error            ? 
_refine_ls_shell.percent_reflns_R_free            ? 
_refine_ls_shell.number_reflns_R_free             44 
_refine_ls_shell.number_reflns_all                ? 
_refine_ls_shell.R_factor_all                     ? 
# 
_struct.entry_id                  2VKF 
_struct.title                     'COMPLEXES OF DODECIN WITH FLAVIN AND FLAVIN-LIKE LIGANDS' 
_struct.pdbx_model_details        ? 
_struct.pdbx_CASP_flag            ? 
_struct.pdbx_model_type_details   ? 
# 
_struct_keywords.entry_id        2VKF 
_struct_keywords.pdbx_keywords   'ELECTRON TRANSPORT' 
_struct_keywords.text            
'BIOTECHNOLOGICAL APPLICATION OF DODECIN BINDING PROPERTIES, FLAVIN-DNA LIGAND HYBRID, ELECTRON TRANSPORT' 
# 
loop_
_struct_asym.id 
_struct_asym.pdbx_blank_PDB_chainid_flag 
_struct_asym.pdbx_modified 
_struct_asym.entity_id 
_struct_asym.details 
A N N 1 ? 
B N N 2 ? 
C N N 2 ? 
D N N 3 ? 
E N N 4 ? 
F N N 5 ? 
G N N 6 ? 
H N N 7 ? 
# 
_struct_biol.id   1 
# 
_struct_conf.conf_type_id            HELX_P 
_struct_conf.id                      HELX_P1 
_struct_conf.pdbx_PDB_helix_id       1 
_struct_conf.beg_label_comp_id       SER 
_struct_conf.beg_label_asym_id       A 
_struct_conf.beg_label_seq_id        14 
_struct_conf.pdbx_beg_PDB_ins_code   ? 
_struct_conf.end_label_comp_id       LEU 
_struct_conf.end_label_asym_id       A 
_struct_conf.end_label_seq_id        30 
_struct_conf.pdbx_end_PDB_ins_code   ? 
_struct_conf.beg_auth_comp_id        SER 
_struct_conf.beg_auth_asym_id        A 
_struct_conf.beg_auth_seq_id         15 
_struct_conf.end_auth_comp_id        LEU 
_struct_conf.end_auth_asym_id        A 
_struct_conf.end_auth_seq_id         31 
_struct_conf.pdbx_PDB_helix_class    1 
_struct_conf.details                 ? 
_struct_conf.pdbx_PDB_helix_length   17 
# 
_struct_conf_type.id          HELX_P 
_struct_conf_type.criteria    ? 
_struct_conf_type.reference   ? 
# 
loop_
_struct_conn.id 
_struct_conn.conn_type_id 
_struct_conn.pdbx_leaving_atom_flag 
_struct_conn.pdbx_PDB_id 
_struct_conn.ptnr1_label_asym_id 
_struct_conn.ptnr1_label_comp_id 
_struct_conn.ptnr1_label_seq_id 
_struct_conn.ptnr1_label_atom_id 
_struct_conn.pdbx_ptnr1_label_alt_id 
_struct_conn.pdbx_ptnr1_PDB_ins_code 
_struct_conn.pdbx_ptnr1_standard_comp_id 
_struct_conn.ptnr1_symmetry 
_struct_conn.ptnr2_label_asym_id 
_struct_conn.ptnr2_label_comp_id 
_struct_conn.ptnr2_label_seq_id 
_struct_conn.ptnr2_label_atom_id 
_struct_conn.pdbx_ptnr2_label_alt_id 
_struct_conn.pdbx_ptnr2_PDB_ins_code 
_struct_conn.ptnr1_auth_asym_id 
_struct_conn.ptnr1_auth_comp_id 
_struct_conn.ptnr1_auth_seq_id 
_struct_conn.ptnr2_auth_asym_id 
_struct_conn.ptnr2_auth_comp_id 
_struct_conn.ptnr2_auth_seq_id 
_struct_conn.ptnr2_symmetry 
_struct_conn.pdbx_ptnr3_label_atom_id 
_struct_conn.pdbx_ptnr3_label_seq_id 
_struct_conn.pdbx_ptnr3_label_comp_id 
_struct_conn.pdbx_ptnr3_label_asym_id 
_struct_conn.pdbx_ptnr3_label_alt_id 
_struct_conn.pdbx_ptnr3_PDB_ins_code 
_struct_conn.details 
_struct_conn.pdbx_dist_value 
_struct_conn.pdbx_value_order 
_struct_conn.pdbx_role 
metalc1  metalc ? ? A GLU 13 OE2 ? ? ? 1_555  C MG  . MG ? ? A GLU 14   A MG  1062 1_555  ? ? ? ? ? ? ? 2.095 ? ? 
metalc2  metalc ? ? A ASP 40 OD2 ? ? ? 80_555 B MG  . MG ? ? A ASP 41   A MG  1061 1_555  ? ? ? ? ? ? ? 2.211 ? ? 
metalc3  metalc ? ? B MG  .  MG  ? ? ? 1_555  H HOH . O  ? ? A MG  1061 A HOH 2053 1_555  ? ? ? ? ? ? ? 2.175 ? ? 
metalc4  metalc ? ? B MG  .  MG  ? ? ? 1_555  H HOH . O  ? ? A MG  1061 A HOH 2054 1_555  ? ? ? ? ? ? ? 2.223 ? ? 
metalc5  metalc ? ? B MG  .  MG  ? ? ? 1_555  H HOH . O  ? ? A MG  1061 A HOH 2058 80_555 ? ? ? ? ? ? ? 2.307 ? ? 
metalc6  metalc ? ? B MG  .  MG  ? ? ? 1_555  H HOH . O  ? ? A MG  1061 A HOH 2059 80_555 ? ? ? ? ? ? ? 2.031 ? ? 
metalc7  metalc ? ? B MG  .  MG  ? ? ? 1_555  H HOH . O  ? ? A MG  1061 A HOH 2076 80_555 ? ? ? ? ? ? ? 1.977 ? ? 
metalc8  metalc ? ? C MG  .  MG  ? ? ? 1_555  H HOH . O  ? ? A MG  1062 A HOH 2019 1_555  ? ? ? ? ? ? ? 2.195 ? ? 
metalc9  metalc ? ? C MG  .  MG  ? ? ? 1_555  H HOH . O  ? ? A MG  1062 A HOH 2022 1_555  ? ? ? ? ? ? ? 2.206 ? ? 
metalc10 metalc ? ? C MG  .  MG  ? ? ? 1_555  H HOH . O  ? ? A MG  1062 A HOH 2023 1_555  ? ? ? ? ? ? ? 2.099 ? ? 
metalc11 metalc ? ? C MG  .  MG  ? ? ? 1_555  H HOH . O  ? ? A MG  1062 A HOH 2027 24_555 ? ? ? ? ? ? ? 2.077 ? ? 
metalc12 metalc ? ? C MG  .  MG  ? ? ? 1_555  H HOH . O  ? ? A MG  1062 A HOH 2036 24_555 ? ? ? ? ? ? ? 2.131 ? ? 
metalc13 metalc ? ? D NA  .  NA  ? ? ? 1_555  H HOH . O  ? ? A NA  1063 A HOH 2004 80_555 ? ? ? ? ? ? ? 2.574 ? ? 
metalc14 metalc ? ? D NA  .  NA  ? ? ? 1_555  H HOH . O  ? ? A NA  1063 A HOH 2004 59_555 ? ? ? ? ? ? ? 2.574 ? ? 
metalc15 metalc ? ? D NA  .  NA  ? ? ? 1_555  H HOH . O  ? ? A NA  1063 A HOH 2004 1_555  ? ? ? ? ? ? ? 2.574 ? ? 
metalc16 metalc ? ? D NA  .  NA  ? ? ? 1_555  H HOH . O  ? ? A NA  1063 A HOH 2079 1_555  ? ? ? ? ? ? ? 2.332 ? ? 
metalc17 metalc ? ? D NA  .  NA  ? ? ? 1_555  H HOH . O  ? ? A NA  1063 A HOH 2079 80_555 ? ? ? ? ? ? ? 2.332 ? ? 
metalc18 metalc ? ? D NA  .  NA  ? ? ? 1_555  H HOH . O  ? ? A NA  1063 A HOH 2079 59_555 ? ? ? ? ? ? ? 2.332 ? ? 
# 
_struct_conn_type.id          metalc 
_struct_conn_type.criteria    ? 
_struct_conn_type.reference   ? 
# 
_struct_sheet.id               AA 
_struct_sheet.type             ? 
_struct_sheet.number_strands   3 
_struct_sheet.details          ? 
# 
loop_
_struct_sheet_order.sheet_id 
_struct_sheet_order.range_id_1 
_struct_sheet_order.range_id_2 
_struct_sheet_order.offset 
_struct_sheet_order.sense 
AA 1 2 ? anti-parallel 
AA 2 3 ? anti-parallel 
# 
loop_
_struct_sheet_range.sheet_id 
_struct_sheet_range.id 
_struct_sheet_range.beg_label_comp_id 
_struct_sheet_range.beg_label_asym_id 
_struct_sheet_range.beg_label_seq_id 
_struct_sheet_range.pdbx_beg_PDB_ins_code 
_struct_sheet_range.end_label_comp_id 
_struct_sheet_range.end_label_asym_id 
_struct_sheet_range.end_label_seq_id 
_struct_sheet_range.pdbx_end_PDB_ins_code 
_struct_sheet_range.beg_auth_comp_id 
_struct_sheet_range.beg_auth_asym_id 
_struct_sheet_range.beg_auth_seq_id 
_struct_sheet_range.end_auth_comp_id 
_struct_sheet_range.end_auth_asym_id 
_struct_sheet_range.end_auth_seq_id 
AA 1 PHE A 2  ? SER A 11 ? PHE A 3  SER A 12 
AA 2 ARG A 49 ? GLU A 60 ? ARG A 50 GLU A 61 
AA 3 VAL A 33 ? ILE A 45 ? VAL A 34 ILE A 46 
# 
loop_
_pdbx_struct_sheet_hbond.sheet_id 
_pdbx_struct_sheet_hbond.range_id_1 
_pdbx_struct_sheet_hbond.range_id_2 
_pdbx_struct_sheet_hbond.range_1_label_atom_id 
_pdbx_struct_sheet_hbond.range_1_label_comp_id 
_pdbx_struct_sheet_hbond.range_1_label_asym_id 
_pdbx_struct_sheet_hbond.range_1_label_seq_id 
_pdbx_struct_sheet_hbond.range_1_PDB_ins_code 
_pdbx_struct_sheet_hbond.range_1_auth_atom_id 
_pdbx_struct_sheet_hbond.range_1_auth_comp_id 
_pdbx_struct_sheet_hbond.range_1_auth_asym_id 
_pdbx_struct_sheet_hbond.range_1_auth_seq_id 
_pdbx_struct_sheet_hbond.range_2_label_atom_id 
_pdbx_struct_sheet_hbond.range_2_label_comp_id 
_pdbx_struct_sheet_hbond.range_2_label_asym_id 
_pdbx_struct_sheet_hbond.range_2_label_seq_id 
_pdbx_struct_sheet_hbond.range_2_PDB_ins_code 
_pdbx_struct_sheet_hbond.range_2_auth_atom_id 
_pdbx_struct_sheet_hbond.range_2_auth_comp_id 
_pdbx_struct_sheet_hbond.range_2_auth_asym_id 
_pdbx_struct_sheet_hbond.range_2_auth_seq_id 
AA 1 2 N SER A 11 ? N SER A 12 O TYR A 51 ? O TYR A 52 
AA 2 3 O ALA A 58 ? O ALA A 59 N VAL A 34 ? N VAL A 35 
# 
loop_
_struct_site.id 
_struct_site.pdbx_evidence_code 
_struct_site.pdbx_auth_asym_id 
_struct_site.pdbx_auth_comp_id 
_struct_site.pdbx_auth_seq_id 
_struct_site.pdbx_auth_ins_code 
_struct_site.pdbx_num_residues 
_struct_site.details 
AC1 Software A MG  1061 ? 6  'BINDING SITE FOR RESIDUE MG A 1061'  
AC2 Software A MG  1062 ? 6  'BINDING SITE FOR RESIDUE MG A 1062'  
AC3 Software A NA  1063 ? 9  'BINDING SITE FOR RESIDUE NA A 1063'  
AC4 Software A CL  1064 ? 9  'BINDING SITE FOR RESIDUE CL A 1064'  
AC5 Software A SO4 1065 ? 12 'BINDING SITE FOR RESIDUE SO4 A 1065' 
AC6 Software A CF2 1066 ? 15 'BINDING SITE FOR RESIDUE CF2 A 1066' 
# 
loop_
_struct_site_gen.id 
_struct_site_gen.site_id 
_struct_site_gen.pdbx_num_res 
_struct_site_gen.label_comp_id 
_struct_site_gen.label_asym_id 
_struct_site_gen.label_seq_id 
_struct_site_gen.pdbx_auth_ins_code 
_struct_site_gen.auth_comp_id 
_struct_site_gen.auth_asym_id 
_struct_site_gen.auth_seq_id 
_struct_site_gen.label_atom_id 
_struct_site_gen.label_alt_id 
_struct_site_gen.symmetry 
_struct_site_gen.details 
1  AC1 6  ASP A 40 ? ASP A 41   . ? 80_555 ? 
2  AC1 6  HOH H .  ? HOH A 2053 . ? 1_555  ? 
3  AC1 6  HOH H .  ? HOH A 2054 . ? 1_555  ? 
4  AC1 6  HOH H .  ? HOH A 2058 . ? 80_555 ? 
5  AC1 6  HOH H .  ? HOH A 2059 . ? 80_555 ? 
6  AC1 6  HOH H .  ? HOH A 2076 . ? 80_555 ? 
7  AC2 6  GLU A 13 ? GLU A 14   . ? 1_555  ? 
8  AC2 6  HOH H .  ? HOH A 2019 . ? 1_555  ? 
9  AC2 6  HOH H .  ? HOH A 2022 . ? 1_555  ? 
10 AC2 6  HOH H .  ? HOH A 2023 . ? 1_555  ? 
11 AC2 6  HOH H .  ? HOH A 2027 . ? 24_555 ? 
12 AC2 6  HOH H .  ? HOH A 2036 . ? 24_555 ? 
13 AC3 9  CL  E .  ? CL  A 1064 . ? 1_555  ? 
14 AC3 9  CL  E .  ? CL  A 1064 . ? 59_555 ? 
15 AC3 9  CL  E .  ? CL  A 1064 . ? 80_555 ? 
16 AC3 9  HOH H .  ? HOH A 2004 . ? 80_555 ? 
17 AC3 9  HOH H .  ? HOH A 2004 . ? 59_555 ? 
18 AC3 9  HOH H .  ? HOH A 2004 . ? 1_555  ? 
19 AC3 9  HOH H .  ? HOH A 2079 . ? 80_555 ? 
20 AC3 9  HOH H .  ? HOH A 2079 . ? 1_555  ? 
21 AC3 9  HOH H .  ? HOH A 2079 . ? 59_555 ? 
22 AC4 9  GLN A 56 ? GLN A 57   . ? 80_555 ? 
23 AC4 9  GLN A 56 ? GLN A 57   . ? 59_555 ? 
24 AC4 9  GLN A 56 ? GLN A 57   . ? 1_555  ? 
25 AC4 9  NA  D .  ? NA  A 1063 . ? 59_555 ? 
26 AC4 9  NA  D .  ? NA  A 1063 . ? 80_555 ? 
27 AC4 9  NA  D .  ? NA  A 1063 . ? 1_555  ? 
28 AC4 9  HOH H .  ? HOH A 2034 . ? 59_555 ? 
29 AC4 9  HOH H .  ? HOH A 2034 . ? 80_555 ? 
30 AC4 9  HOH H .  ? HOH A 2034 . ? 1_555  ? 
31 AC5 12 SER A 14 ? SER A 15   . ? 1_555  ? 
32 AC5 12 SER A 14 ? SER A 15   . ? 5_555  ? 
33 AC5 12 SER A 14 ? SER A 15   . ? 9_555  ? 
34 AC5 12 THR A 16 ? THR A 17   . ? 9_555  ? 
35 AC5 12 THR A 16 ? THR A 17   . ? 1_555  ? 
36 AC5 12 THR A 16 ? THR A 17   . ? 5_555  ? 
37 AC5 12 HOH H .  ? HOH A 2060 . ? 1_555  ? 
38 AC5 12 HOH H .  ? HOH A 2060 . ? 5_555  ? 
39 AC5 12 HOH H .  ? HOH A 2060 . ? 9_555  ? 
40 AC5 12 HOH H .  ? HOH A 2082 . ? 9_555  ? 
41 AC5 12 HOH H .  ? HOH A 2082 . ? 5_555  ? 
42 AC5 12 HOH H .  ? HOH A 2082 . ? 1_555  ? 
43 AC6 15 PHE A 2  ? PHE A 3    . ? 1_555  ? 
44 AC6 15 VAL A 34 ? VAL A 35   . ? 1_555  ? 
45 AC6 15 TRP A 35 ? TRP A 36   . ? 1_555  ? 
46 AC6 15 VAL A 43 ? VAL A 44   . ? 5_555  ? 
47 AC6 15 ALA A 44 ? ALA A 45   . ? 5_555  ? 
48 AC6 15 ILE A 45 ? ILE A 46   . ? 5_555  ? 
49 AC6 15 GLY A 46 ? GLY A 47   . ? 5_555  ? 
50 AC6 15 GLN A 52 ? GLN A 53   . ? 5_555  ? 
51 AC6 15 GLN A 52 ? GLN A 53   . ? 80_555 ? 
52 AC6 15 GLU A 60 ? GLU A 61   . ? 1_555  ? 
53 AC6 15 HOH H .  ? HOH A 2054 . ? 1_555  ? 
54 AC6 15 HOH H .  ? HOH A 2064 . ? 5_555  ? 
55 AC6 15 HOH H .  ? HOH A 2075 . ? 80_555 ? 
56 AC6 15 HOH H .  ? HOH A 2083 . ? 1_555  ? 
57 AC6 15 HOH H .  ? HOH A 2084 . ? 1_555  ? 
# 
_atom_sites.entry_id                    2VKF 
_atom_sites.fract_transf_matrix[1][1]   0.00200749 
_atom_sites.fract_transf_matrix[1][2]   -0.00357282 
_atom_sites.fract_transf_matrix[1][3]   -0.00574510 
_atom_sites.fract_transf_matrix[2][1]   -0.00118206 
_atom_sites.fract_transf_matrix[2][2]   0.00571528 
_atom_sites.fract_transf_matrix[2][3]   -0.00396732 
_atom_sites.fract_transf_matrix[3][1]   0.00666138 
_atom_sites.fract_transf_matrix[3][2]   0.00209089 
_atom_sites.fract_transf_matrix[3][3]   0.00102736 
_atom_sites.fract_transf_vector[1]      0.109870 
_atom_sites.fract_transf_vector[2]      0.109886 
_atom_sites.fract_transf_vector[3]      0.001292 
# 
loop_
_atom_type.symbol 
C  
CL 
MG 
N  
NA 
O  
S  
# 
loop_
_atom_site.group_PDB 
_atom_site.id 
_atom_site.type_symbol 
_atom_site.label_atom_id 
_atom_site.label_alt_id 
_atom_site.label_comp_id 
_atom_site.label_asym_id 
_atom_site.label_entity_id 
_atom_site.label_seq_id 
_atom_site.pdbx_PDB_ins_code 
_atom_site.Cartn_x 
_atom_site.Cartn_y 
_atom_site.Cartn_z 
_atom_site.occupancy 
_atom_site.B_iso_or_equiv 
_atom_site.pdbx_formal_charge 
_atom_site.auth_seq_id 
_atom_site.auth_comp_id 
_atom_site.auth_asym_id 
_atom_site.auth_atom_id 
_atom_site.pdbx_PDB_model_num 
ATOM   1   N  N      . VAL A 1 1  ? -18.073 9.879   4.495   1.00 14.29 ? 2    VAL A N      1 
ATOM   2   C  CA     . VAL A 1 1  ? -17.628 8.518   4.964   1.00 13.87 ? 2    VAL A CA     1 
ATOM   3   C  C      . VAL A 1 1  ? -16.365 8.073   4.224   1.00 13.79 ? 2    VAL A C      1 
ATOM   4   O  O      . VAL A 1 1  ? -16.272 8.208   3.003   1.00 14.80 ? 2    VAL A O      1 
ATOM   5   C  CB     . VAL A 1 1  ? -18.743 7.440   4.776   1.00 14.23 ? 2    VAL A CB     1 
ATOM   6   C  CG1    . VAL A 1 1  ? -18.259 6.078   5.224   1.00 13.41 ? 2    VAL A CG1    1 
ATOM   7   C  CG2    . VAL A 1 1  ? -20.021 7.792   5.556   1.00 14.79 ? 2    VAL A CG2    1 
ATOM   8   N  N      . PHE A 1 2  ? -15.397 7.547   4.969   1.00 12.18 ? 3    PHE A N      1 
ATOM   9   C  CA     . PHE A 1 2  ? -14.181 6.975   4.371   1.00 12.47 ? 3    PHE A CA     1 
ATOM   10  C  C      . PHE A 1 2  ? -14.268 5.459   4.421   1.00 12.19 ? 3    PHE A C      1 
ATOM   11  O  O      . PHE A 1 2  ? -14.913 4.889   5.322   1.00 13.00 ? 3    PHE A O      1 
ATOM   12  C  CB     . PHE A 1 2  ? -12.923 7.447   5.108   1.00 12.23 ? 3    PHE A CB     1 
ATOM   13  C  CG     . PHE A 1 2  ? -12.762 8.948   5.142   1.00 14.75 ? 3    PHE A CG     1 
ATOM   14  C  CD1    . PHE A 1 2  ? -13.027 9.661   6.310   1.00 16.95 ? 3    PHE A CD1    1 
ATOM   15  C  CD2    . PHE A 1 2  ? -12.345 9.643   4.007   1.00 15.99 ? 3    PHE A CD2    1 
ATOM   16  C  CE1    . PHE A 1 2  ? -12.871 11.069  6.348   1.00 17.74 ? 3    PHE A CE1    1 
ATOM   17  C  CE2    . PHE A 1 2  ? -12.191 11.046  4.031   1.00 16.88 ? 3    PHE A CE2    1 
ATOM   18  C  CZ     . PHE A 1 2  ? -12.454 11.753  5.193   1.00 18.64 ? 3    PHE A CZ     1 
ATOM   19  N  N      . LYS A 1 3  ? -13.635 4.813   3.451   1.00 11.43 ? 4    LYS A N      1 
ATOM   20  C  CA     . LYS A 1 3  ? -13.528 3.368   3.439   1.00 10.07 ? 4    LYS A CA     1 
ATOM   21  C  C      . LYS A 1 3  ? -12.044 3.055   3.319   1.00 9.49  ? 4    LYS A C      1 
ATOM   22  O  O      . LYS A 1 3  ? -11.302 3.812   2.679   1.00 9.76  ? 4    LYS A O      1 
ATOM   23  C  CB     . LYS A 1 3  ? -14.281 2.793   2.243   1.00 10.55 ? 4    LYS A CB     1 
ATOM   24  C  CG     . LYS A 1 3  ? -14.274 1.281   2.185   1.00 12.53 ? 4    LYS A CG     1 
ATOM   25  C  CD     . LYS A 1 3  ? -15.152 0.765   1.051   1.00 14.55 ? 4    LYS A CD     1 
ATOM   26  C  CE     . LYS A 1 3  ? -15.015 -0.727  0.924   1.00 20.04 ? 4    LYS A CE     1 
ATOM   27  N  NZ     . LYS A 1 3  ? -15.962 -1.275  -0.103  1.00 24.04 ? 4    LYS A NZ     1 
ATOM   28  N  N      . LYS A 1 4  ? -11.614 1.961   3.941   1.00 9.29  ? 5    LYS A N      1 
ATOM   29  C  CA     . LYS A 1 4  ? -10.219 1.541   3.857   1.00 8.77  ? 5    LYS A CA     1 
ATOM   30  C  C      . LYS A 1 4  ? -10.140 0.180   3.201   1.00 9.51  ? 5    LYS A C      1 
ATOM   31  O  O      . LYS A 1 4  ? -10.979 -0.695  3.476   1.00 9.80  ? 5    LYS A O      1 
ATOM   32  C  CB     . LYS A 1 4  ? -9.569  1.472   5.232   1.00 9.27  ? 5    LYS A CB     1 
ATOM   33  C  CG     . LYS A 1 4  ? -9.237  2.862   5.787   1.00 9.17  ? 5    LYS A CG     1 
ATOM   34  C  CD     . LYS A 1 4  ? -8.793  2.745   7.229   1.00 11.65 ? 5    LYS A CD     1 
ATOM   35  C  CE     . LYS A 1 4  ? -8.553  4.124   7.825   1.00 17.63 ? 5    LYS A CE     1 
ATOM   36  N  NZ     . LYS A 1 4  ? -8.108  3.988   9.252   1.00 20.82 ? 5    LYS A NZ     1 
ATOM   37  N  N      A VAL A 1 5  ? -9.162  0.017   2.317   0.50 9.26  ? 6    VAL A N      1 
ATOM   38  N  N      B VAL A 1 5  ? -9.139  0.009   2.340   0.50 9.96  ? 6    VAL A N      1 
ATOM   39  C  CA     A VAL A 1 5  ? -8.802  -1.306  1.821   0.50 9.20  ? 6    VAL A CA     1 
ATOM   40  C  CA     B VAL A 1 5  ? -8.800  -1.293  1.762   0.50 10.68 ? 6    VAL A CA     1 
ATOM   41  C  C      A VAL A 1 5  ? -7.412  -1.671  2.303   0.50 9.35  ? 6    VAL A C      1 
ATOM   42  C  C      B VAL A 1 5  ? -7.394  -1.682  2.214   0.50 10.21 ? 6    VAL A C      1 
ATOM   43  O  O      A VAL A 1 5  ? -6.549  -0.807  2.446   0.50 9.40  ? 6    VAL A O      1 
ATOM   44  O  O      B VAL A 1 5  ? -6.496  -0.838  2.236   0.50 10.29 ? 6    VAL A O      1 
ATOM   45  C  CB     A VAL A 1 5  ? -8.880  -1.422  0.284   0.50 9.06  ? 6    VAL A CB     1 
ATOM   46  C  CB     B VAL A 1 5  ? -8.874  -1.267  0.216   0.50 10.73 ? 6    VAL A CB     1 
ATOM   47  C  CG1    A VAL A 1 5  ? -10.343 -1.524  -0.142  0.50 11.34 ? 6    VAL A CG1    1 
ATOM   48  C  CG1    B VAL A 1 5  ? -8.369  -2.569  -0.390  0.50 12.90 ? 6    VAL A CG1    1 
ATOM   49  C  CG2    A VAL A 1 5  ? -8.136  -0.274  -0.411  0.50 7.38  ? 6    VAL A CG2    1 
ATOM   50  C  CG2    B VAL A 1 5  ? -10.307 -0.998  -0.226  0.50 13.76 ? 6    VAL A CG2    1 
ATOM   51  N  N      . LEU A 1 6  ? -7.219  -2.962  2.538   1.00 9.40  ? 7    LEU A N      1 
ATOM   52  C  CA     . LEU A 1 6  ? -5.998  -3.459  3.151   1.00 9.40  ? 7    LEU A CA     1 
ATOM   53  C  C      . LEU A 1 6  ? -5.129  -4.078  2.068   1.00 9.46  ? 7    LEU A C      1 
ATOM   54  O  O      . LEU A 1 6  ? -5.403  -5.186  1.585   1.00 9.65  ? 7    LEU A O      1 
ATOM   55  C  CB     . LEU A 1 6  ? -6.367  -4.466  4.251   1.00 9.40  ? 7    LEU A CB     1 
ATOM   56  C  CG     . LEU A 1 6  ? -5.221  -5.064  5.061   1.00 8.64  ? 7    LEU A CG     1 
ATOM   57  C  CD1    . LEU A 1 6  ? -4.435  -3.941  5.751   1.00 10.88 ? 7    LEU A CD1    1 
ATOM   58  C  CD2    . LEU A 1 6  ? -5.761  -6.046  6.122   1.00 8.82  ? 7    LEU A CD2    1 
ATOM   59  N  N      . LEU A 1 7  ? -4.078  -3.346  1.690   1.00 9.38  ? 8    LEU A N      1 
ATOM   60  C  CA     . LEU A 1 7  ? -3.227  -3.724  0.573   1.00 10.64 ? 8    LEU A CA     1 
ATOM   61  C  C      . LEU A 1 7  ? -1.796  -3.899  1.020   1.00 10.56 ? 8    LEU A C      1 
ATOM   62  O  O      . LEU A 1 7  ? -1.317  -3.124  1.837   1.00 10.38 ? 8    LEU A O      1 
ATOM   63  C  CB     . LEU A 1 7  ? -3.253  -2.638  -0.505  1.00 10.69 ? 8    LEU A CB     1 
ATOM   64  C  CG     . LEU A 1 7  ? -4.605  -2.229  -1.082  1.00 11.88 ? 8    LEU A CG     1 
ATOM   65  C  CD1    . LEU A 1 7  ? -4.460  -1.075  -2.077  1.00 12.53 ? 8    LEU A CD1    1 
ATOM   66  C  CD2    . LEU A 1 7  ? -5.267  -3.430  -1.759  1.00 12.92 ? 8    LEU A CD2    1 
ATOM   67  N  N      . THR A 1 8  ? -1.112  -4.879  0.432   1.00 10.54 ? 9    THR A N      1 
ATOM   68  C  CA     . THR A 1 8  ? 0.312   -5.100  0.679   1.00 10.54 ? 9    THR A CA     1 
ATOM   69  C  C      . THR A 1 8  ? 1.063   -4.776  -0.606  1.00 10.42 ? 9    THR A C      1 
ATOM   70  O  O      . THR A 1 8  ? 0.877   -5.447  -1.628  1.00 10.28 ? 9    THR A O      1 
ATOM   71  C  CB     . THR A 1 8  ? 0.582   -6.533  1.119   1.00 11.20 ? 9    THR A CB     1 
ATOM   72  O  OG1    . THR A 1 8  ? -0.098  -6.766  2.355   1.00 11.60 ? 9    THR A OG1    1 
ATOM   73  C  CG2    . THR A 1 8  ? 2.095   -6.779  1.340   1.00 11.94 ? 9    THR A CG2    1 
ATOM   74  N  N      . GLY A 1 9  ? 1.856   -3.720  -0.550  1.00 10.19 ? 10   GLY A N      1 
ATOM   75  C  CA     . GLY A 1 9  ? 2.692   -3.338  -1.693  1.00 10.07 ? 10   GLY A CA     1 
ATOM   76  C  C      . GLY A 1 9  ? 4.048   -4.008  -1.590  1.00 11.01 ? 10   GLY A C      1 
ATOM   77  O  O      . GLY A 1 9  ? 4.474   -4.424  -0.499  1.00 10.32 ? 10   GLY A O      1 
ATOM   78  N  N      . THR A 1 10 ? 4.750   -4.082  -2.721  1.00 10.36 ? 11   THR A N      1 
ATOM   79  C  CA     . THR A 1 10 ? 6.040   -4.757  -2.759  1.00 11.38 ? 11   THR A CA     1 
ATOM   80  C  C      . THR A 1 10 ? 7.050   -3.915  -3.536  1.00 11.46 ? 11   THR A C      1 
ATOM   81  O  O      . THR A 1 10 ? 6.674   -3.191  -4.461  1.00 11.53 ? 11   THR A O      1 
ATOM   82  C  CB     . THR A 1 10 ? 5.958   -6.186  -3.372  1.00 12.18 ? 11   THR A CB     1 
ATOM   83  O  OG1    . THR A 1 10 ? 5.734   -6.121  -4.794  1.00 13.96 ? 11   THR A OG1    1 
ATOM   84  C  CG2    . THR A 1 10 ? 4.853   -7.021  -2.706  1.00 12.78 ? 11   THR A CG2    1 
ATOM   85  N  N      . SER A 1 11 ? 8.324   -4.041  -3.171  1.00 11.28 ? 12   SER A N      1 
ATOM   86  C  CA     . SER A 1 11 ? 9.402   -3.314  -3.842  1.00 10.92 ? 12   SER A CA     1 
ATOM   87  C  C      . SER A 1 11 ? 10.687  -4.066  -3.589  1.00 11.66 ? 12   SER A C      1 
ATOM   88  O  O      . SER A 1 11 ? 10.900  -4.573  -2.491  1.00 11.42 ? 12   SER A O      1 
ATOM   89  C  CB     . SER A 1 11 ? 9.550   -1.908  -3.253  1.00 10.93 ? 12   SER A CB     1 
ATOM   90  O  OG     . SER A 1 11 ? 10.685  -1.238  -3.802  1.00 12.09 ? 12   SER A OG     1 
ATOM   91  N  N      . GLU A 1 12 ? 11.570  -4.091  -4.585  1.00 12.23 ? 13   GLU A N      1 
ATOM   92  C  CA     . GLU A 1 12 ? 12.911  -4.604  -4.357  1.00 12.83 ? 13   GLU A CA     1 
ATOM   93  C  C      . GLU A 1 12 ? 13.870  -3.527  -3.840  1.00 12.79 ? 13   GLU A C      1 
ATOM   94  O  O      . GLU A 1 12 ? 15.069  -3.776  -3.697  1.00 13.10 ? 13   GLU A O      1 
ATOM   95  C  CB     . GLU A 1 12 ? 13.461  -5.262  -5.632  1.00 13.50 ? 13   GLU A CB     1 
ATOM   96  C  CG     . GLU A 1 12 ? 12.605  -6.445  -6.096  1.00 17.22 ? 13   GLU A CG     1 
ATOM   97  C  CD     . GLU A 1 12 ? 13.134  -7.113  -7.355  1.00 23.13 ? 13   GLU A CD     1 
ATOM   98  O  OE1    . GLU A 1 12 ? 14.266  -6.785  -7.778  1.00 25.35 ? 13   GLU A OE1    1 
ATOM   99  O  OE2    . GLU A 1 12 ? 12.409  -7.976  -7.917  1.00 24.31 ? 13   GLU A OE2    1 
ATOM   100 N  N      . GLU A 1 13 ? 13.332  -2.358  -3.514  1.00 12.05 ? 14   GLU A N      1 
ATOM   101 C  CA     . GLU A 1 13 ? 14.151  -1.228  -3.089  1.00 13.01 ? 14   GLU A CA     1 
ATOM   102 C  C      . GLU A 1 13 ? 14.003  -0.829  -1.623  1.00 12.06 ? 14   GLU A C      1 
ATOM   103 O  O      . GLU A 1 13 ? 15.011  -0.672  -0.924  1.00 12.55 ? 14   GLU A O      1 
ATOM   104 C  CB     . GLU A 1 13 ? 13.918  -0.010  -3.994  1.00 13.36 ? 14   GLU A CB     1 
ATOM   105 C  CG     . GLU A 1 13 ? 14.104  -0.283  -5.505  1.00 15.54 ? 14   GLU A CG     1 
ATOM   106 C  CD     . GLU A 1 13 ? 15.438  -0.964  -5.846  1.00 17.09 ? 14   GLU A CD     1 
ATOM   107 O  OE1    . GLU A 1 13 ? 16.431  -0.773  -5.106  1.00 17.11 ? 14   GLU A OE1    1 
ATOM   108 O  OE2    . GLU A 1 13 ? 15.479  -1.672  -6.884  1.00 17.84 ? 14   GLU A OE2    1 
ATOM   109 N  N      . SER A 1 14 ? 12.769  -0.618  -1.148  1.00 10.87 ? 15   SER A N      1 
ATOM   110 C  CA     . SER A 1 14 ? 12.611  -0.081  0.205   1.00 10.12 ? 15   SER A CA     1 
ATOM   111 C  C      . SER A 1 14 ? 11.193  -0.267  0.709   1.00 9.76  ? 15   SER A C      1 
ATOM   112 O  O      . SER A 1 14 ? 10.252  -0.480  -0.076  1.00 8.70  ? 15   SER A O      1 
ATOM   113 C  CB     . SER A 1 14 ? 12.960  1.419   0.262   1.00 10.09 ? 15   SER A CB     1 
ATOM   114 O  OG     . SER A 1 14 ? 11.977  2.213   -0.398  1.00 9.32  ? 15   SER A OG     1 
ATOM   115 N  N      . PHE A 1 15 ? 11.058  -0.169  2.023   1.00 9.85  ? 16   PHE A N      1 
ATOM   116 C  CA     . PHE A 1 15 ? 9.727   -0.134  2.646   1.00 9.42  ? 16   PHE A CA     1 
ATOM   117 C  C      . PHE A 1 15 ? 8.885   1.049   2.162   1.00 9.80  ? 16   PHE A C      1 
ATOM   118 O  O      . PHE A 1 15 ? 7.698   0.897   1.948   1.00 9.22  ? 16   PHE A O      1 
ATOM   119 C  CB     . PHE A 1 15 ? 9.853   -0.076  4.178   1.00 10.02 ? 16   PHE A CB     1 
ATOM   120 C  CG     . PHE A 1 15 ? 10.452  -1.312  4.779   1.00 7.76  ? 16   PHE A CG     1 
ATOM   121 C  CD1    . PHE A 1 15 ? 11.514  -1.211  5.672   1.00 10.39 ? 16   PHE A CD1    1 
ATOM   122 C  CD2    . PHE A 1 15 ? 9.907   -2.575  4.504   1.00 10.16 ? 16   PHE A CD2    1 
ATOM   123 C  CE1    . PHE A 1 15 ? 12.071  -2.357  6.245   1.00 9.64  ? 16   PHE A CE1    1 
ATOM   124 C  CE2    . PHE A 1 15 ? 10.459  -3.742  5.078   1.00 10.53 ? 16   PHE A CE2    1 
ATOM   125 C  CZ     . PHE A 1 15 ? 11.541  -3.619  5.950   1.00 9.70  ? 16   PHE A CZ     1 
ATOM   126 N  N      . THR A 1 16 ? 9.485   2.240   2.012   1.00 9.43  ? 17   THR A N      1 
ATOM   127 C  CA     . THR A 1 16 ? 8.726   3.386   1.464   1.00 9.57  ? 17   THR A CA     1 
ATOM   128 C  C      . THR A 1 16 ? 8.194   3.069   0.056   1.00 9.31  ? 17   THR A C      1 
ATOM   129 O  O      . THR A 1 16 ? 7.026   3.333   -0.239  1.00 9.05  ? 17   THR A O      1 
ATOM   130 C  CB     . THR A 1 16 ? 9.594   4.674   1.423   1.00 9.42  ? 17   THR A CB     1 
ATOM   131 O  OG1    . THR A 1 16 ? 10.033  5.000   2.754   1.00 10.73 ? 17   THR A OG1    1 
ATOM   132 C  CG2    . THR A 1 16 ? 8.815   5.852   0.847   1.00 11.60 ? 17   THR A CG2    1 
ATOM   133 N  N      . ALA A 1 17 ? 9.047   2.518   -0.816  1.00 9.21  ? 18   ALA A N      1 
ATOM   134 C  CA     . ALA A 1 17 ? 8.642   2.203   -2.200  1.00 9.57  ? 18   ALA A CA     1 
ATOM   135 C  C      . ALA A 1 17 ? 7.550   1.139   -2.218  1.00 9.84  ? 18   ALA A C      1 
ATOM   136 O  O      . ALA A 1 17 ? 6.690   1.150   -3.102  1.00 9.44  ? 18   ALA A O      1 
ATOM   137 C  CB     . ALA A 1 17 ? 9.838   1.751   -3.025  1.00 10.21 ? 18   ALA A CB     1 
ATOM   138 N  N      . ALA A 1 18 ? 7.574   0.241   -1.229  1.00 9.67  ? 19   ALA A N      1 
ATOM   139 C  CA     . ALA A 1 18 ? 6.554   -0.829  -1.144  1.00 9.85  ? 19   ALA A CA     1 
ATOM   140 C  C      . ALA A 1 18 ? 5.195   -0.218  -0.758  1.00 9.29  ? 19   ALA A C      1 
ATOM   141 O  O      . ALA A 1 18 ? 4.180   -0.555  -1.353  1.00 9.54  ? 19   ALA A O      1 
ATOM   142 C  CB     . ALA A 1 18 ? 6.966   -1.908  -0.152  1.00 9.84  ? 19   ALA A CB     1 
ATOM   143 N  N      . ALA A 1 19 ? 5.204   0.735   0.181   1.00 9.03  ? 20   ALA A N      1 
ATOM   144 C  CA     . ALA A 1 19 ? 3.997   1.485   0.531   1.00 9.52  ? 20   ALA A CA     1 
ATOM   145 C  C      . ALA A 1 19 ? 3.469   2.198   -0.724  1.00 10.04 ? 20   ALA A C      1 
ATOM   146 O  O      . ALA A 1 19 ? 2.284   2.159   -1.023  1.00 9.64  ? 20   ALA A O      1 
ATOM   147 C  CB     . ALA A 1 19 ? 4.284   2.479   1.654   1.00 9.94  ? 20   ALA A CB     1 
ATOM   148 N  N      . ASP A 1 20 ? 4.375   2.830   -1.476  1.00 9.77  ? 21   ASP A N      1 
ATOM   149 C  CA     . ASP A 1 20 ? 3.986   3.519   -2.701  1.00 10.96 ? 21   ASP A CA     1 
ATOM   150 C  C      . ASP A 1 20 ? 3.338   2.586   -3.715  1.00 10.29 ? 21   ASP A C      1 
ATOM   151 O  O      . ASP A 1 20 ? 2.418   2.986   -4.425  1.00 10.30 ? 21   ASP A O      1 
ATOM   152 C  CB     . ASP A 1 20 ? 5.217   4.131   -3.359  1.00 11.01 ? 21   ASP A CB     1 
ATOM   153 C  CG     . ASP A 1 20 ? 5.557   5.507   -2.816  1.00 14.00 ? 21   ASP A CG     1 
ATOM   154 O  OD1    . ASP A 1 20 ? 4.704   6.172   -2.178  1.00 15.75 ? 21   ASP A OD1    1 
ATOM   155 O  OD2    . ASP A 1 20 ? 6.704   5.928   -3.071  1.00 16.36 ? 21   ASP A OD2    1 
ATOM   156 N  N      . ASP A 1 21 ? 3.849   1.360   -3.814  1.00 9.73  ? 22   ASP A N      1 
ATOM   157 C  CA     . ASP A 1 21 ? 3.330   0.348   -4.745  1.00 10.95 ? 22   ASP A CA     1 
ATOM   158 C  C      . ASP A 1 21 ? 1.837   0.044   -4.465  1.00 11.09 ? 22   ASP A C      1 
ATOM   159 O  O      . ASP A 1 21 ? 1.004   -0.053  -5.390  1.00 11.87 ? 22   ASP A O      1 
ATOM   160 C  CB     . ASP A 1 21 ? 4.189   -0.907  -4.615  1.00 10.58 ? 22   ASP A CB     1 
ATOM   161 C  CG     . ASP A 1 21 ? 3.812   -1.987  -5.594  1.00 14.73 ? 22   ASP A CG     1 
ATOM   162 O  OD1    . ASP A 1 21 ? 3.832   -1.719  -6.821  1.00 16.48 ? 22   ASP A OD1    1 
ATOM   163 O  OD2    . ASP A 1 21 ? 3.520   -3.118  -5.142  1.00 16.49 ? 22   ASP A OD2    1 
ATOM   164 N  N      . ALA A 1 22 ? 1.504   -0.082  -3.181  1.00 10.92 ? 23   ALA A N      1 
ATOM   165 C  CA     . ALA A 1 22 ? 0.122   -0.300  -2.766  1.00 10.45 ? 23   ALA A CA     1 
ATOM   166 C  C      . ALA A 1 22 ? -0.743  0.910   -3.086  1.00 9.98  ? 23   ALA A C      1 
ATOM   167 O  O      . ALA A 1 22 ? -1.848  0.771   -3.618  1.00 11.02 ? 23   ALA A O      1 
ATOM   168 C  CB     . ALA A 1 22 ? 0.056   -0.638  -1.268  1.00 10.23 ? 23   ALA A CB     1 
ATOM   169 N  N      . ILE A 1 23 ? -0.223  2.096   -2.804  1.00 9.85  ? 24   ILE A N      1 
ATOM   170 C  CA     . ILE A 1 23 ? -0.967  3.327   -3.026  1.00 10.95 ? 24   ILE A CA     1 
ATOM   171 C  C      . ILE A 1 23 ? -1.212  3.525   -4.534  1.00 11.52 ? 24   ILE A C      1 
ATOM   172 O  O      . ILE A 1 23 ? -2.317  3.892   -4.959  1.00 12.44 ? 24   ILE A O      1 
ATOM   173 C  CB     . ILE A 1 23 ? -0.265  4.544   -2.370  1.00 10.96 ? 24   ILE A CB     1 
ATOM   174 C  CG1    . ILE A 1 23 ? -0.250  4.391   -0.833  1.00 11.76 ? 24   ILE A CG1    1 
ATOM   175 C  CG2    . ILE A 1 23 ? -0.987  5.831   -2.710  1.00 11.62 ? 24   ILE A CG2    1 
ATOM   176 C  CD1    . ILE A 1 23 ? 0.737   5.375   -0.116  1.00 13.51 ? 24   ILE A CD1    1 
ATOM   177 N  N      . ASP A 1 24 ? -0.182  3.244   -5.331  1.00 12.35 ? 25   ASP A N      1 
ATOM   178 C  CA     . ASP A 1 24 ? -0.277  3.293   -6.801  1.00 13.98 ? 25   ASP A CA     1 
ATOM   179 C  C      . ASP A 1 24 ? -1.444  2.453   -7.299  1.00 14.19 ? 25   ASP A C      1 
ATOM   180 O  O      . ASP A 1 24 ? -2.238  2.907   -8.132  1.00 14.92 ? 25   ASP A O      1 
ATOM   181 C  CB     . ASP A 1 24 ? 0.995   2.734   -7.444  1.00 13.87 ? 25   ASP A CB     1 
ATOM   182 C  CG     . ASP A 1 24 ? 2.183   3.676   -7.356  1.00 16.14 ? 25   ASP A CG     1 
ATOM   183 O  OD1    . ASP A 1 24 ? 2.024   4.851   -6.971  1.00 15.63 ? 25   ASP A OD1    1 
ATOM   184 O  OD2    . ASP A 1 24 ? 3.295   3.215   -7.704  1.00 18.03 ? 25   ASP A OD2    1 
ATOM   185 N  N      . ARG A 1 25 ? -1.552  1.235   -6.780  1.00 14.85 ? 26   ARG A N      1 
ATOM   186 C  CA     . ARG A 1 25 ? -2.629  0.337   -7.168  1.00 16.00 ? 26   ARG A CA     1 
ATOM   187 C  C      . ARG A 1 25 ? -3.990  0.892   -6.741  1.00 15.91 ? 26   ARG A C      1 
ATOM   188 O  O      . ARG A 1 25 ? -4.929  0.880   -7.537  1.00 16.45 ? 26   ARG A O      1 
ATOM   189 C  CB     . ARG A 1 25 ? -2.393  -1.077  -6.626  1.00 16.20 ? 26   ARG A CB     1 
ATOM   190 C  CG     . ARG A 1 25 ? -3.373  -2.134  -7.149  1.00 19.73 ? 26   ARG A CG     1 
ATOM   191 C  CD     . ARG A 1 25 ? -3.300  -2.291  -8.679  1.00 24.85 ? 26   ARG A CD     1 
ATOM   192 N  NE     . ARG A 1 25 ? -3.998  -3.491  -9.147  1.00 29.78 ? 26   ARG A NE     1 
ATOM   193 C  CZ     . ARG A 1 25 ? -5.322  -3.609  -9.250  1.00 31.57 ? 26   ARG A CZ     1 
ATOM   194 N  NH1    . ARG A 1 25 ? -6.118  -2.602  -8.911  1.00 33.24 ? 26   ARG A NH1    1 
ATOM   195 N  NH2    . ARG A 1 25 ? -5.855  -4.745  -9.682  1.00 32.27 ? 26   ARG A NH2    1 
ATOM   196 N  N      . ALA A 1 26 ? -4.090  1.367   -5.496  1.00 15.65 ? 27   ALA A N      1 
ATOM   197 C  CA     . ALA A 1 26 ? -5.319  2.004   -5.007  1.00 16.72 ? 27   ALA A CA     1 
ATOM   198 C  C      . ALA A 1 26 ? -5.768  3.121   -5.944  1.00 17.79 ? 27   ALA A C      1 
ATOM   199 O  O      . ALA A 1 26 ? -6.935  3.166   -6.364  1.00 17.81 ? 27   ALA A O      1 
ATOM   200 C  CB     . ALA A 1 26 ? -5.122  2.544   -3.572  1.00 16.22 ? 27   ALA A CB     1 
ATOM   201 N  N      . GLU A 1 27 ? -4.836  4.008   -6.295  1.00 18.49 ? 28   GLU A N      1 
ATOM   202 C  CA     . GLU A 1 27 ? -5.148  5.166   -7.144  1.00 20.38 ? 28   GLU A CA     1 
ATOM   203 C  C      . GLU A 1 27 ? -5.522  4.788   -8.579  1.00 21.52 ? 28   GLU A C      1 
ATOM   204 O  O      . GLU A 1 27 ? -6.196  5.567   -9.267  1.00 21.37 ? 28   GLU A O      1 
ATOM   205 C  CB     . GLU A 1 27 ? -3.988  6.148   -7.165  1.00 20.23 ? 28   GLU A CB     1 
ATOM   206 C  CG     . GLU A 1 27 ? -3.723  6.815   -5.833  1.00 21.17 ? 28   GLU A CG     1 
ATOM   207 C  CD     . GLU A 1 27 ? -2.715  7.935   -5.956  1.00 24.50 ? 28   GLU A CD     1 
ATOM   208 O  OE1    . GLU A 1 27 ? -1.758  7.791   -6.754  1.00 27.08 ? 28   GLU A OE1    1 
ATOM   209 O  OE2    . GLU A 1 27 ? -2.881  8.955   -5.254  1.00 25.96 ? 28   GLU A OE2    1 
ATOM   210 N  N      . ASP A 1 28 ? -5.082  3.614   -9.029  1.00 22.73 ? 29   ASP A N      1 
ATOM   211 C  CA     . ASP A 1 28 ? -5.459  3.105   -10.361 1.00 24.75 ? 29   ASP A CA     1 
ATOM   212 C  C      . ASP A 1 28 ? -6.938  2.730   -10.455 1.00 25.26 ? 29   ASP A C      1 
ATOM   213 O  O      . ASP A 1 28 ? -7.518  2.770   -11.534 1.00 25.44 ? 29   ASP A O      1 
ATOM   214 C  CB     . ASP A 1 28 ? -4.627  1.875   -10.749 1.00 25.56 ? 29   ASP A CB     1 
ATOM   215 C  CG     . ASP A 1 28 ? -3.214  2.226   -11.187 1.00 28.55 ? 29   ASP A CG     1 
ATOM   216 O  OD1    . ASP A 1 28 ? -2.353  1.315   -11.173 1.00 32.27 ? 29   ASP A OD1    1 
ATOM   217 O  OD2    . ASP A 1 28 ? -2.964  3.399   -11.553 1.00 33.06 ? 29   ASP A OD2    1 
ATOM   218 N  N      . THR A 1 29 ? -7.535  2.336   -9.333  1.00 25.58 ? 30   THR A N      1 
ATOM   219 C  CA     . THR A 1 29 ? -8.874  1.757   -9.357  1.00 26.79 ? 30   THR A CA     1 
ATOM   220 C  C      . THR A 1 29 ? -9.890  2.595   -8.595  1.00 26.55 ? 30   THR A C      1 
ATOM   221 O  O      . THR A 1 29 ? -11.091 2.509   -8.853  1.00 27.31 ? 30   THR A O      1 
ATOM   222 C  CB     . THR A 1 29 ? -8.879  0.300   -8.825  1.00 26.80 ? 30   THR A CB     1 
ATOM   223 O  OG1    . THR A 1 29 ? -8.179  0.224   -7.576  1.00 28.98 ? 30   THR A OG1    1 
ATOM   224 C  CG2    . THR A 1 29 ? -8.182  -0.614  -9.807  1.00 28.46 ? 30   THR A CG2    1 
ATOM   225 N  N      . LEU A 1 30 ? -9.404  3.412   -7.668  1.00 25.63 ? 31   LEU A N      1 
ATOM   226 C  CA     . LEU A 1 30 ? -10.277 4.136   -6.755  1.00 25.26 ? 31   LEU A CA     1 
ATOM   227 C  C      . LEU A 1 30 ? -10.163 5.632   -6.941  1.00 25.18 ? 31   LEU A C      1 
ATOM   228 O  O      . LEU A 1 30 ? -9.095  6.153   -7.267  1.00 25.49 ? 31   LEU A O      1 
ATOM   229 C  CB     . LEU A 1 30 ? -9.941  3.781   -5.300  1.00 24.84 ? 31   LEU A CB     1 
ATOM   230 C  CG     . LEU A 1 30 ? -10.053 2.327   -4.856  1.00 25.37 ? 31   LEU A CG     1 
ATOM   231 C  CD1    . LEU A 1 30 ? -9.385  2.131   -3.493  1.00 25.88 ? 31   LEU A CD1    1 
ATOM   232 C  CD2    . LEU A 1 30 ? -11.507 1.857   -4.838  1.00 25.83 ? 31   LEU A CD2    1 
ATOM   233 N  N      . ASP A 1 31 ? -11.278 6.318   -6.727  1.00 24.83 ? 32   ASP A N      1 
ATOM   234 C  CA     . ASP A 1 31 ? -11.295 7.764   -6.690  1.00 24.94 ? 32   ASP A CA     1 
ATOM   235 C  C      . ASP A 1 31 ? -11.177 8.243   -5.249  1.00 23.33 ? 32   ASP A C      1 
ATOM   236 O  O      . ASP A 1 31 ? -11.601 7.548   -4.312  1.00 23.34 ? 32   ASP A O      1 
ATOM   237 C  CB     . ASP A 1 31 ? -12.602 8.295   -7.296  1.00 25.82 ? 32   ASP A CB     1 
ATOM   238 C  CG     . ASP A 1 31 ? -12.685 8.065   -8.800  1.00 29.68 ? 32   ASP A CG     1 
ATOM   239 O  OD1    . ASP A 1 31 ? -11.689 8.357   -9.503  1.00 33.59 ? 32   ASP A OD1    1 
ATOM   240 O  OD2    . ASP A 1 31 ? -13.749 7.600   -9.279  1.00 34.29 ? 32   ASP A OD2    1 
ATOM   241 N  N      . ASN A 1 32 ? -10.613 9.438   -5.102  1.00 21.34 ? 33   ASN A N      1 
ATOM   242 C  CA     . ASN A 1 32 ? -10.547 10.164  -3.839  1.00 19.99 ? 33   ASN A CA     1 
ATOM   243 C  C      . ASN A 1 32 ? -9.764  9.432   -2.767  1.00 17.94 ? 33   ASN A C      1 
ATOM   244 O  O      . ASN A 1 32 ? -10.211 9.350   -1.629  1.00 16.83 ? 33   ASN A O      1 
ATOM   245 C  CB     . ASN A 1 32 ? -11.952 10.485  -3.312  1.00 20.21 ? 33   ASN A CB     1 
ATOM   246 C  CG     . ASN A 1 32 ? -12.800 11.219  -4.334  1.00 23.82 ? 33   ASN A CG     1 
ATOM   247 O  OD1    . ASN A 1 32 ? -12.380 12.236  -4.881  1.00 28.19 ? 33   ASN A OD1    1 
ATOM   248 N  ND2    . ASN A 1 32 ? -13.990 10.704  -4.594  1.00 27.58 ? 33   ASN A ND2    1 
ATOM   249 N  N      . VAL A 1 33 ? -8.625  8.871   -3.154  1.00 16.37 ? 34   VAL A N      1 
ATOM   250 C  CA     . VAL A 1 33 ? -7.703  8.273   -2.186  1.00 14.91 ? 34   VAL A CA     1 
ATOM   251 C  C      . VAL A 1 33 ? -7.064  9.402   -1.381  1.00 14.53 ? 34   VAL A C      1 
ATOM   252 O  O      . VAL A 1 33 ? -6.510  10.339  -1.964  1.00 14.54 ? 34   VAL A O      1 
ATOM   253 C  CB     . VAL A 1 33 ? -6.636  7.403   -2.894  1.00 14.73 ? 34   VAL A CB     1 
ATOM   254 C  CG1    . VAL A 1 33 ? -5.569  6.984   -1.930  1.00 15.00 ? 34   VAL A CG1    1 
ATOM   255 C  CG2    . VAL A 1 33 ? -7.294  6.171   -3.519  1.00 15.31 ? 34   VAL A CG2    1 
ATOM   256 N  N      . VAL A 1 34 ? -7.105  9.314   -0.053  1.00 12.91 ? 35   VAL A N      1 
ATOM   257 C  CA     A VAL A 1 34 ? -6.697  10.455  0.761   0.50 12.92 ? 35   VAL A CA     1 
ATOM   258 C  CA     B VAL A 1 34 ? -6.736  10.454  0.805   0.50 12.44 ? 35   VAL A CA     1 
ATOM   259 C  C      . VAL A 1 34 ? -5.505  10.176  1.667   1.00 12.61 ? 35   VAL A C      1 
ATOM   260 O  O      . VAL A 1 34 ? -4.630  11.024  1.805   1.00 13.04 ? 35   VAL A O      1 
ATOM   261 C  CB     A VAL A 1 34 ? -7.893  11.118  1.512   0.50 13.07 ? 35   VAL A CB     1 
ATOM   262 C  CB     B VAL A 1 34 ? -7.906  10.900  1.733   0.50 12.50 ? 35   VAL A CB     1 
ATOM   263 C  CG1    A VAL A 1 34 ? -8.814  11.773  0.507   0.50 12.40 ? 35   VAL A CG1    1 
ATOM   264 C  CG1    B VAL A 1 34 ? -7.527  12.157  2.513   0.50 10.19 ? 35   VAL A CG1    1 
ATOM   265 C  CG2    A VAL A 1 34 ? -8.678  10.109  2.338   0.50 14.16 ? 35   VAL A CG2    1 
ATOM   266 C  CG2    B VAL A 1 34 ? -9.195  11.125  0.935   0.50 12.31 ? 35   VAL A CG2    1 
ATOM   267 N  N      . TRP A 1 35 ? -5.454  8.984   2.247   1.00 11.58 ? 36   TRP A N      1 
ATOM   268 C  CA     . TRP A 1 35 ? -4.311  8.638   3.100   1.00 11.04 ? 36   TRP A CA     1 
ATOM   269 C  C      . TRP A 1 35 ? -4.092  7.143   3.214   1.00 10.72 ? 36   TRP A C      1 
ATOM   270 O  O      . TRP A 1 35 ? -4.941  6.336   2.812   1.00 9.92  ? 36   TRP A O      1 
ATOM   271 C  CB     . TRP A 1 35 ? -4.432  9.293   4.482   1.00 11.57 ? 36   TRP A CB     1 
ATOM   272 C  CG     . TRP A 1 35 ? -5.290  8.571   5.495   1.00 11.77 ? 36   TRP A CG     1 
ATOM   273 C  CD1    . TRP A 1 35 ? -4.882  7.585   6.346   1.00 12.39 ? 36   TRP A CD1    1 
ATOM   274 C  CD2    . TRP A 1 35 ? -6.668  8.833   5.816   1.00 11.97 ? 36   TRP A CD2    1 
ATOM   275 N  NE1    . TRP A 1 35 ? -5.928  7.186   7.152   1.00 13.18 ? 36   TRP A NE1    1 
ATOM   276 C  CE2    . TRP A 1 35 ? -7.030  7.942   6.855   1.00 12.63 ? 36   TRP A CE2    1 
ATOM   277 C  CE3    . TRP A 1 35 ? -7.637  9.722   5.315   1.00 12.81 ? 36   TRP A CE3    1 
ATOM   278 C  CZ2    . TRP A 1 35 ? -8.325  7.907   7.400   1.00 13.44 ? 36   TRP A CZ2    1 
ATOM   279 C  CZ3    . TRP A 1 35 ? -8.925  9.687   5.860   1.00 13.99 ? 36   TRP A CZ3    1 
ATOM   280 C  CH2    . TRP A 1 35 ? -9.249  8.792   6.902   1.00 13.36 ? 36   TRP A CH2    1 
ATOM   281 N  N      . ALA A 1 36 ? -2.950  6.770   3.786   1.00 10.33 ? 37   ALA A N      1 
ATOM   282 C  CA     . ALA A 1 36 ? -2.622  5.358   4.006   1.00 9.00  ? 37   ALA A CA     1 
ATOM   283 C  C      . ALA A 1 36 ? -1.987  5.281   5.385   1.00 9.26  ? 37   ALA A C      1 
ATOM   284 O  O      . ALA A 1 36 ? -1.248  6.200   5.780   1.00 9.79  ? 37   ALA A O      1 
ATOM   285 C  CB     . ALA A 1 36 ? -1.637  4.866   3.002   1.00 9.26  ? 37   ALA A CB     1 
ATOM   286 N  N      . GLU A 1 37 ? -2.288  4.205   6.096   1.00 9.43  ? 38   GLU A N      1 
ATOM   287 C  CA     . GLU A 1 37 ? -1.670  3.936   7.415   1.00 8.82  ? 38   GLU A CA     1 
ATOM   288 C  C      . GLU A 1 37 ? -0.893  2.630   7.326   1.00 9.67  ? 38   GLU A C      1 
ATOM   289 O  O      . GLU A 1 37 ? -1.445  1.601   6.901   1.00 8.65  ? 38   GLU A O      1 
ATOM   290 C  CB     . GLU A 1 37 ? -2.752  3.816   8.496   1.00 10.40 ? 38   GLU A CB     1 
ATOM   291 C  CG     . GLU A 1 37 ? -3.576  5.118   8.651   1.00 12.84 ? 38   GLU A CG     1 
ATOM   292 C  CD     . GLU A 1 37 ? -4.672  5.020   9.693   1.00 19.95 ? 38   GLU A CD     1 
ATOM   293 O  OE1    . GLU A 1 37 ? -4.435  4.399   10.755  1.00 22.55 ? 38   GLU A OE1    1 
ATOM   294 O  OE2    . GLU A 1 37 ? -5.761  5.594   9.458   1.00 18.92 ? 38   GLU A OE2    1 
ATOM   295 N  N      . VAL A 1 38 ? 0.383   2.652   7.712   1.00 9.32  ? 39   VAL A N      1 
ATOM   296 C  CA     . VAL A 1 38 ? 1.183   1.433   7.643   1.00 8.93  ? 39   VAL A CA     1 
ATOM   297 C  C      . VAL A 1 38 ? 0.747   0.510   8.773   1.00 9.48  ? 39   VAL A C      1 
ATOM   298 O  O      . VAL A 1 38 ? 0.686   0.936   9.926   1.00 9.35  ? 39   VAL A O      1 
ATOM   299 C  CB     . VAL A 1 38 ? 2.682   1.723   7.780   1.00 8.70  ? 39   VAL A CB     1 
ATOM   300 C  CG1    . VAL A 1 38 ? 3.476   0.400   7.875   1.00 9.45  ? 39   VAL A CG1    1 
ATOM   301 C  CG2    . VAL A 1 38 ? 3.143   2.586   6.571   1.00 8.75  ? 39   VAL A CG2    1 
ATOM   302 N  N      . VAL A 1 39 ? 0.486   -0.749  8.444   1.00 10.12 ? 40   VAL A N      1 
ATOM   303 C  CA     . VAL A 1 39 ? 0.086   -1.698  9.467   1.00 11.90 ? 40   VAL A CA     1 
ATOM   304 C  C      . VAL A 1 39 ? 1.042   -2.888  9.639   1.00 12.12 ? 40   VAL A C      1 
ATOM   305 O  O      . VAL A 1 39 ? 0.993   -3.567  10.652  1.00 13.45 ? 40   VAL A O      1 
ATOM   306 C  CB     . VAL A 1 39 ? -1.378  -2.158  9.298   1.00 13.20 ? 40   VAL A CB     1 
ATOM   307 C  CG1    . VAL A 1 39 ? -2.334  -0.994  9.547   1.00 14.50 ? 40   VAL A CG1    1 
ATOM   308 C  CG2    . VAL A 1 39 ? -1.620  -2.757  7.939   1.00 15.08 ? 40   VAL A CG2    1 
ATOM   309 N  N      . ASP A 1 40 ? 1.903   -3.131  8.660   1.00 11.65 ? 41   ASP A N      1 
ATOM   310 C  CA     . ASP A 1 40 ? 2.898   -4.197  8.792   1.00 12.23 ? 41   ASP A CA     1 
ATOM   311 C  C      . ASP A 1 40 ? 3.974   -3.969  7.756   1.00 11.45 ? 41   ASP A C      1 
ATOM   312 O  O      . ASP A 1 40 ? 3.713   -3.366  6.721   1.00 11.13 ? 41   ASP A O      1 
ATOM   313 C  CB     . ASP A 1 40 ? 2.263   -5.559  8.525   1.00 13.10 ? 41   ASP A CB     1 
ATOM   314 C  CG     . ASP A 1 40 ? 2.394   -6.522  9.710   1.00 20.53 ? 41   ASP A CG     1 
ATOM   315 O  OD1    . ASP A 1 40 ? 2.935   -6.139  10.776  1.00 26.01 ? 41   ASP A OD1    1 
ATOM   316 O  OD2    . ASP A 1 40 ? 1.942   -7.689  9.575   1.00 26.83 ? 41   ASP A OD2    1 
ATOM   317 N  N      . GLN A 1 41 ? 5.164   -4.491  8.044   1.00 10.00 ? 42   GLN A N      1 
ATOM   318 C  CA     . GLN A 1 41 ? 6.286   -4.468  7.088   1.00 10.61 ? 42   GLN A CA     1 
ATOM   319 C  C      . GLN A 1 41 ? 7.051   -5.766  7.197   1.00 10.32 ? 42   GLN A C      1 
ATOM   320 O  O      . GLN A 1 41 ? 7.183   -6.331  8.288   1.00 10.06 ? 42   GLN A O      1 
ATOM   321 C  CB     . GLN A 1 41 ? 7.236   -3.304  7.366   1.00 10.33 ? 42   GLN A CB     1 
ATOM   322 C  CG     . GLN A 1 41 ? 6.614   -1.935  7.172   1.00 11.44 ? 42   GLN A CG     1 
ATOM   323 C  CD     . GLN A 1 41 ? 7.450   -0.814  7.736   1.00 15.59 ? 42   GLN A CD     1 
ATOM   324 O  OE1    . GLN A 1 41 ? 7.674   -0.732  8.944   1.00 21.28 ? 42   GLN A OE1    1 
ATOM   325 N  NE2    . GLN A 1 41 ? 7.876   0.081   6.874   1.00 18.28 ? 42   GLN A NE2    1 
ATOM   326 N  N      . GLY A 1 42 ? 7.563   -6.225  6.068   1.00 10.87 ? 43   GLY A N      1 
ATOM   327 C  CA     . GLY A 1 42 ? 8.368   -7.444  6.074   1.00 10.56 ? 43   GLY A CA     1 
ATOM   328 C  C      . GLY A 1 42 ? 9.204   -7.555  4.824   1.00 10.34 ? 43   GLY A C      1 
ATOM   329 O  O      . GLY A 1 42 ? 9.210   -6.651  3.984   1.00 10.36 ? 43   GLY A O      1 
ATOM   330 N  N      . VAL A 1 43 ? 9.874   -8.693  4.687   1.00 10.52 ? 44   VAL A N      1 
ATOM   331 C  CA     . VAL A 1 43 ? 10.793  -8.905  3.570   1.00 10.17 ? 44   VAL A CA     1 
ATOM   332 C  C      . VAL A 1 43 ? 10.691  -10.377 3.175   1.00 11.20 ? 44   VAL A C      1 
ATOM   333 O  O      . VAL A 1 43 ? 10.823  -11.264 4.025   1.00 10.65 ? 44   VAL A O      1 
ATOM   334 C  CB     . VAL A 1 43 ? 12.254  -8.642  3.979   1.00 10.30 ? 44   VAL A CB     1 
ATOM   335 C  CG1    . VAL A 1 43 ? 13.212  -8.744  2.752   1.00 10.60 ? 44   VAL A CG1    1 
ATOM   336 C  CG2    . VAL A 1 43 ? 12.418  -7.292  4.691   1.00 9.18  ? 44   VAL A CG2    1 
ATOM   337 N  N      . ALA A 1 44 ? 10.408  -10.609 1.896   1.00 11.52 ? 45   ALA A N      1 
ATOM   338 C  CA     . ALA A 1 44 ? 10.450  -11.943 1.302   1.00 13.85 ? 45   ALA A CA     1 
ATOM   339 C  C      . ALA A 1 44 ? 11.886  -12.148 0.864   1.00 14.85 ? 45   ALA A C      1 
ATOM   340 O  O      . ALA A 1 44 ? 12.424  -11.349 0.081   1.00 15.13 ? 45   ALA A O      1 
ATOM   341 C  CB     . ALA A 1 44 ? 9.507   -12.004 0.107   1.00 13.42 ? 45   ALA A CB     1 
ATOM   342 N  N      . ILE A 1 45 ? 12.517  -13.201 1.377   1.00 16.97 ? 46   ILE A N      1 
ATOM   343 C  CA     . ILE A 1 45 ? 13.957  -13.411 1.194   1.00 17.81 ? 46   ILE A CA     1 
ATOM   344 C  C      . ILE A 1 45 ? 14.212  -14.595 0.258   1.00 19.92 ? 46   ILE A C      1 
ATOM   345 O  O      . ILE A 1 45 ? 14.271  -15.744 0.710   1.00 20.49 ? 46   ILE A O      1 
ATOM   346 C  CB     . ILE A 1 45 ? 14.681  -13.591 2.561   1.00 18.00 ? 46   ILE A CB     1 
ATOM   347 C  CG1    . ILE A 1 45 ? 14.327  -12.435 3.508   1.00 15.09 ? 46   ILE A CG1    1 
ATOM   348 C  CG2    . ILE A 1 45 ? 16.214  -13.668 2.378   1.00 17.59 ? 46   ILE A CG2    1 
ATOM   349 C  CD1    . ILE A 1 45 ? 14.609  -12.707 4.993   1.00 16.08 ? 46   ILE A CD1    1 
ATOM   350 N  N      . GLY A 1 46 ? 14.338  -14.308 -1.045  1.00 20.56 ? 47   GLY A N      1 
ATOM   351 C  CA     . GLY A 1 46 ? 14.524  -15.352 -2.071  1.00 22.66 ? 47   GLY A CA     1 
ATOM   352 C  C      . GLY A 1 46 ? 15.795  -15.162 -2.884  1.00 23.29 ? 47   GLY A C      1 
ATOM   353 O  O      . GLY A 1 46 ? 16.851  -14.880 -2.322  1.00 24.08 ? 47   GLY A O      1 
ATOM   354 N  N      . ALA A 1 47 ? 15.683  -15.321 -4.205  1.00 24.01 ? 48   ALA A N      1 
ATOM   355 C  CA     . ALA A 1 47 ? 16.758  -14.940 -5.129  1.00 23.76 ? 48   ALA A CA     1 
ATOM   356 C  C      . ALA A 1 47 ? 17.131  -13.477 -4.883  1.00 23.39 ? 48   ALA A C      1 
ATOM   357 O  O      . ALA A 1 47 ? 18.311  -13.108 -4.850  1.00 24.04 ? 48   ALA A O      1 
ATOM   358 C  CB     . ALA A 1 47 ? 16.307  -15.137 -6.569  1.00 24.36 ? 48   ALA A CB     1 
ATOM   359 N  N      . VAL A 1 48 ? 16.102  -12.653 -4.692  1.00 21.68 ? 49   VAL A N      1 
ATOM   360 C  CA     . VAL A 1 48 ? 16.282  -11.264 -4.302  1.00 20.35 ? 49   VAL A CA     1 
ATOM   361 C  C      . VAL A 1 48 ? 15.445  -11.031 -3.041  1.00 18.20 ? 49   VAL A C      1 
ATOM   362 O  O      . VAL A 1 48 ? 14.631  -11.876 -2.673  1.00 18.12 ? 49   VAL A O      1 
ATOM   363 C  CB     . VAL A 1 48 ? 15.850  -10.285 -5.421  1.00 20.71 ? 49   VAL A CB     1 
ATOM   364 C  CG1    . VAL A 1 48 ? 16.766  -10.426 -6.659  1.00 21.90 ? 49   VAL A CG1    1 
ATOM   365 C  CG2    . VAL A 1 48 ? 14.384  -10.474 -5.792  1.00 22.43 ? 49   VAL A CG2    1 
ATOM   366 N  N      . ARG A 1 49 ? 15.666  -9.907  -2.370  1.00 16.56 ? 50   ARG A N      1 
ATOM   367 C  CA     . ARG A 1 49 ? 14.796  -9.535  -1.253  1.00 14.53 ? 50   ARG A CA     1 
ATOM   368 C  C      . ARG A 1 49 ? 13.706  -8.620  -1.771  1.00 14.29 ? 50   ARG A C      1 
ATOM   369 O  O      . ARG A 1 49 ? 13.988  -7.667  -2.511  1.00 14.67 ? 50   ARG A O      1 
ATOM   370 C  CB     . ARG A 1 49 ? 15.576  -8.834  -0.145  1.00 14.44 ? 50   ARG A CB     1 
ATOM   371 C  CG     . ARG A 1 49 ? 16.648  -9.705  0.436   1.00 13.95 ? 50   ARG A CG     1 
ATOM   372 C  CD     . ARG A 1 49 ? 17.426  -8.993  1.519   1.00 16.00 ? 50   ARG A CD     1 
ATOM   373 N  NE     . ARG A 1 49 ? 18.540  -9.835  1.931   1.00 14.37 ? 50   ARG A NE     1 
ATOM   374 C  CZ     . ARG A 1 49 ? 19.506  -9.459  2.755   1.00 14.27 ? 50   ARG A CZ     1 
ATOM   375 N  NH1    . ARG A 1 49 ? 19.517  -8.231  3.283   1.00 14.83 ? 50   ARG A NH1    1 
ATOM   376 N  NH2    . ARG A 1 49 ? 20.479  -10.315 3.035   1.00 13.66 ? 50   ARG A NH2    1 
ATOM   377 N  N      . THR A 1 50 ? 12.475  -8.919  -1.383  1.00 12.31 ? 51   THR A N      1 
ATOM   378 C  CA     . THR A 1 50 ? 11.337  -8.085  -1.746  1.00 12.96 ? 51   THR A CA     1 
ATOM   379 C  C      . THR A 1 50 ? 10.761  -7.508  -0.457  1.00 12.20 ? 51   THR A C      1 
ATOM   380 O  O      . THR A 1 50 ? 10.265  -8.243  0.409   1.00 11.47 ? 51   THR A O      1 
ATOM   381 C  CB     . THR A 1 50 ? 10.294  -8.880  -2.550  1.00 13.79 ? 51   THR A CB     1 
ATOM   382 O  OG1    . THR A 1 50 ? 10.922  -9.404  -3.737  1.00 15.49 ? 51   THR A OG1    1 
ATOM   383 C  CG2    . THR A 1 50 ? 9.138   -7.977  -2.952  1.00 14.78 ? 51   THR A CG2    1 
ATOM   384 N  N      . TYR A 1 51 ? 10.864  -6.188  -0.326  1.00 11.37 ? 52   TYR A N      1 
ATOM   385 C  CA     . TYR A 1 51 ? 10.323  -5.470  0.819   1.00 10.52 ? 52   TYR A CA     1 
ATOM   386 C  C      . TYR A 1 51 ? 8.829   -5.362  0.623   1.00 10.42 ? 52   TYR A C      1 
ATOM   387 O  O      . TYR A 1 51 ? 8.357   -5.138  -0.488  1.00 9.44  ? 52   TYR A O      1 
ATOM   388 C  CB     . TYR A 1 51 ? 10.991  -4.078  0.962   1.00 10.87 ? 52   TYR A CB     1 
ATOM   389 C  CG     . TYR A 1 51 ? 12.469  -4.284  0.955   1.00 11.79 ? 52   TYR A CG     1 
ATOM   390 C  CD1    . TYR A 1 51 ? 13.214  -4.127  -0.217  1.00 12.43 ? 52   TYR A CD1    1 
ATOM   391 C  CD2    . TYR A 1 51 ? 13.116  -4.722  2.092   1.00 11.89 ? 52   TYR A CD2    1 
ATOM   392 C  CE1    . TYR A 1 51 ? 14.573  -4.420  -0.248  1.00 14.00 ? 52   TYR A CE1    1 
ATOM   393 C  CE2    . TYR A 1 51 ? 14.480  -5.009  2.083   1.00 14.19 ? 52   TYR A CE2    1 
ATOM   394 C  CZ     . TYR A 1 51 ? 15.196  -4.848  0.914   1.00 13.59 ? 52   TYR A CZ     1 
ATOM   395 O  OH     . TYR A 1 51 ? 16.544  -5.139  0.910   1.00 14.98 ? 52   TYR A OH     1 
ATOM   396 N  N      . GLN A 1 52 ? 8.092   -5.589  1.693   1.00 9.80  ? 53   GLN A N      1 
ATOM   397 C  CA     . GLN A 1 52 ? 6.648   -5.457  1.653   1.00 11.00 ? 53   GLN A CA     1 
ATOM   398 C  C      . GLN A 1 52 ? 6.167   -4.516  2.752   1.00 10.68 ? 53   GLN A C      1 
ATOM   399 O  O      . GLN A 1 52 ? 6.699   -4.519  3.891   1.00 10.43 ? 53   GLN A O      1 
ATOM   400 C  CB     . GLN A 1 52 ? 5.969   -6.821  1.816   1.00 11.23 ? 53   GLN A CB     1 
ATOM   401 C  CG     . GLN A 1 52 ? 6.468   -7.914  0.841   1.00 12.85 ? 53   GLN A CG     1 
ATOM   402 C  CD     . GLN A 1 52 ? 5.624   -9.160  0.942   1.00 16.03 ? 53   GLN A CD     1 
ATOM   403 O  OE1    . GLN A 1 52 ? 4.857   -9.301  1.887   1.00 18.28 ? 53   GLN A OE1    1 
ATOM   404 N  NE2    . GLN A 1 52 ? 5.762   -10.072 -0.022  1.00 17.79 ? 53   GLN A NE2    1 
ATOM   405 N  N      . THR A 1 53 ? 5.172   -3.707  2.406   1.00 9.31  ? 54   THR A N      1 
ATOM   406 C  CA     . THR A 1 53 ? 4.557   -2.815  3.362   1.00 10.37 ? 54   THR A CA     1 
ATOM   407 C  C      . THR A 1 53 ? 3.074   -2.926  3.165   1.00 10.09 ? 54   THR A C      1 
ATOM   408 O  O      . THR A 1 53 ? 2.568   -2.715  2.059   1.00 10.32 ? 54   THR A O      1 
ATOM   409 C  CB     . THR A 1 53 ? 5.022   -1.340  3.174   1.00 10.53 ? 54   THR A CB     1 
ATOM   410 O  OG1    . THR A 1 53 ? 6.445   -1.261  3.326   1.00 12.20 ? 54   THR A OG1    1 
ATOM   411 C  CG2    . THR A 1 53 ? 4.338   -0.429  4.189   1.00 11.38 ? 54   THR A CG2    1 
ATOM   412 N  N      . GLU A 1 54 ? 2.389   -3.298  4.241   1.00 9.48  ? 55   GLU A N      1 
ATOM   413 C  CA     . GLU A 1 54 ? 0.952   -3.429  4.246   1.00 10.22 ? 55   GLU A CA     1 
ATOM   414 C  C      . GLU A 1 54 ? 0.383   -2.122  4.753   1.00 9.36  ? 55   GLU A C      1 
ATOM   415 O  O      . GLU A 1 54 ? 0.839   -1.593  5.772   1.00 9.09  ? 55   GLU A O      1 
ATOM   416 C  CB     . GLU A 1 54 ? 0.533   -4.565  5.154   1.00 11.18 ? 55   GLU A CB     1 
ATOM   417 C  CG     . GLU A 1 54 ? -0.940  -4.856  5.053   1.00 13.02 ? 55   GLU A CG     1 
ATOM   418 C  CD     . GLU A 1 54 ? -1.331  -6.028  5.889   1.00 18.53 ? 55   GLU A CD     1 
ATOM   419 O  OE1    . GLU A 1 54 ? -0.843  -6.136  7.040   1.00 20.31 ? 55   GLU A OE1    1 
ATOM   420 O  OE2    . GLU A 1 54 ? -2.113  -6.848  5.383   1.00 20.93 ? 55   GLU A OE2    1 
ATOM   421 N  N      . VAL A 1 55 ? -0.606  -1.618  4.029   1.00 8.67  ? 56   VAL A N      1 
ATOM   422 C  CA     . VAL A 1 55 ? -1.223  -0.335  4.357   1.00 9.23  ? 56   VAL A CA     1 
ATOM   423 C  C      . VAL A 1 55 ? -2.740  -0.439  4.318   1.00 9.41  ? 56   VAL A C      1 
ATOM   424 O  O      . VAL A 1 55 ? -3.293  -1.141  3.450   1.00 9.11  ? 56   VAL A O      1 
ATOM   425 C  CB     . VAL A 1 55 ? -0.772  0.819   3.408   1.00 9.50  ? 56   VAL A CB     1 
ATOM   426 C  CG1    . VAL A 1 55 ? 0.629   1.340   3.805   1.00 11.50 ? 56   VAL A CG1    1 
ATOM   427 C  CG2    . VAL A 1 55 ? -0.851  0.411   1.919   1.00 10.72 ? 56   VAL A CG2    1 
ATOM   428 N  N      . GLN A 1 56 ? -3.398  0.255   5.258   1.00 8.83  ? 57   GLN A N      1 
ATOM   429 C  CA     . GLN A 1 56 ? -4.812  0.570   5.099   1.00 9.44  ? 57   GLN A CA     1 
ATOM   430 C  C      . GLN A 1 56 ? -4.839  1.830   4.247   1.00 9.21  ? 57   GLN A C      1 
ATOM   431 O  O      . GLN A 1 56 ? -4.299  2.851   4.662   1.00 10.20 ? 57   GLN A O      1 
ATOM   432 C  CB     . GLN A 1 56 ? -5.477  0.824   6.457   1.00 9.23  ? 57   GLN A CB     1 
ATOM   433 C  CG     . GLN A 1 56 ? -5.587  -0.415  7.351   1.00 10.19 ? 57   GLN A CG     1 
ATOM   434 C  CD     . GLN A 1 56 ? -6.718  -1.364  6.954   1.00 10.24 ? 57   GLN A CD     1 
ATOM   435 O  OE1    . GLN A 1 56 ? -7.268  -1.285  5.846   1.00 11.73 ? 57   GLN A OE1    1 
ATOM   436 N  NE2    . GLN A 1 56 ? -7.068  -2.276  7.869   1.00 13.24 ? 57   GLN A NE2    1 
ATOM   437 N  N      . VAL A 1 57 ? -5.449  1.761   3.064   1.00 9.95  ? 58   VAL A N      1 
ATOM   438 C  CA     . VAL A 1 57 ? -5.565  2.935   2.187   1.00 10.08 ? 58   VAL A CA     1 
ATOM   439 C  C      . VAL A 1 57 ? -7.006  3.445   2.265   1.00 10.00 ? 58   VAL A C      1 
ATOM   440 O  O      . VAL A 1 57 ? -7.955  2.724   1.920   1.00 9.40  ? 58   VAL A O      1 
ATOM   441 C  CB     . VAL A 1 57 ? -5.221  2.630   0.710   1.00 10.31 ? 58   VAL A CB     1 
ATOM   442 C  CG1    . VAL A 1 57 ? -5.305  3.907   -0.124  1.00 11.10 ? 58   VAL A CG1    1 
ATOM   443 C  CG2    . VAL A 1 57 ? -3.819  2.024   0.580   1.00 11.58 ? 58   VAL A CG2    1 
ATOM   444 N  N      . ALA A 1 58 ? -7.137  4.683   2.736   1.00 9.85  ? 59   ALA A N      1 
ATOM   445 C  CA     . ALA A 1 58 ? -8.429  5.327   2.959   1.00 10.51 ? 59   ALA A CA     1 
ATOM   446 C  C      . ALA A 1 58 ? -8.838  6.185   1.764   1.00 11.15 ? 59   ALA A C      1 
ATOM   447 O  O      . ALA A 1 58 ? -8.025  6.953   1.203   1.00 10.59 ? 59   ALA A O      1 
ATOM   448 C  CB     . ALA A 1 58 ? -8.373  6.178   4.207   1.00 10.99 ? 59   ALA A CB     1 
ATOM   449 N  N      . PHE A 1 59 ? -10.096 6.038   1.367   1.00 11.64 ? 60   PHE A N      1 
ATOM   450 C  CA     . PHE A 1 59 ? -10.638 6.842   0.280   1.00 13.29 ? 60   PHE A CA     1 
ATOM   451 C  C      . PHE A 1 59 ? -12.020 7.348   0.661   1.00 14.28 ? 60   PHE A C      1 
ATOM   452 O  O      . PHE A 1 59 ? -12.732 6.699   1.436   1.00 13.36 ? 60   PHE A O      1 
ATOM   453 C  CB     . PHE A 1 59 ? -10.637 6.076   -1.057  1.00 12.65 ? 60   PHE A CB     1 
ATOM   454 C  CG     . PHE A 1 59 ? -11.388 4.775   -1.038  1.00 13.30 ? 60   PHE A CG     1 
ATOM   455 C  CD1    . PHE A 1 59 ? -12.657 4.679   -1.602  1.00 15.81 ? 60   PHE A CD1    1 
ATOM   456 C  CD2    . PHE A 1 59 ? -10.794 3.630   -0.508  1.00 14.97 ? 60   PHE A CD2    1 
ATOM   457 C  CE1    . PHE A 1 59 ? -13.341 3.458   -1.607  1.00 15.73 ? 60   PHE A CE1    1 
ATOM   458 C  CE2    . PHE A 1 59 ? -11.483 2.406   -0.500  1.00 15.67 ? 60   PHE A CE2    1 
ATOM   459 C  CZ     . PHE A 1 59 ? -12.747 2.332   -1.059  1.00 14.63 ? 60   PHE A CZ     1 
ATOM   460 N  N      . GLU A 1 60 ? -12.381 8.521   0.145   1.00 16.19 ? 61   GLU A N      1 
ATOM   461 C  CA     . GLU A 1 60 ? -13.670 9.113   0.449   1.00 18.58 ? 61   GLU A CA     1 
ATOM   462 C  C      . GLU A 1 60 ? -14.754 8.556   -0.469  1.00 19.97 ? 61   GLU A C      1 
ATOM   463 O  O      . GLU A 1 60 ? -14.611 8.559   -1.696  1.00 19.70 ? 61   GLU A O      1 
ATOM   464 C  CB     . GLU A 1 60 ? -13.617 10.647  0.371   1.00 19.31 ? 61   GLU A CB     1 
ATOM   465 C  CG     . GLU A 1 60 ? -14.883 11.306  0.911   1.00 23.89 ? 61   GLU A CG     1 
ATOM   466 C  CD     . GLU A 1 60 ? -14.708 12.773  1.265   1.00 30.11 ? 61   GLU A CD     1 
ATOM   467 O  OE1    . GLU A 1 60 ? -14.004 13.491  0.523   1.00 32.64 ? 61   GLU A OE1    1 
ATOM   468 O  OE2    . GLU A 1 60 ? -15.299 13.216  2.282   1.00 33.93 ? 61   GLU A OE2    1 
ATOM   469 N  N      . LEU A 1 61 ? -15.832 8.071   0.141   1.00 21.53 ? 62   LEU A N      1 
ATOM   470 C  CA     . LEU A 1 61 ? -16.948 7.491   -0.595  1.00 23.89 ? 62   LEU A CA     1 
ATOM   471 C  C      . LEU A 1 61 ? -17.824 8.556   -1.279  1.00 26.34 ? 62   LEU A C      1 
ATOM   472 O  O      . LEU A 1 61 ? -18.003 9.653   -0.743  1.00 26.24 ? 62   LEU A O      1 
ATOM   473 C  CB     . LEU A 1 61 ? -17.779 6.601   0.332   1.00 23.54 ? 62   LEU A CB     1 
ATOM   474 C  CG     . LEU A 1 61 ? -17.113 5.290   0.771   1.00 22.62 ? 62   LEU A CG     1 
ATOM   475 C  CD1    . LEU A 1 61 ? -18.066 4.466   1.624   1.00 22.09 ? 62   LEU A CD1    1 
ATOM   476 C  CD2    . LEU A 1 61 ? -16.650 4.456   -0.433  1.00 22.98 ? 62   LEU A CD2    1 
ATOM   477 N  N      . ASP A 1 62 ? -18.335 8.190   -2.462  1.00 29.49 ? 63   ASP A N      1 
ATOM   478 C  CA     . ASP A 1 62 ? -19.204 8.995   -3.362  1.00 32.58 ? 63   ASP A CA     1 
ATOM   479 C  C      . ASP A 1 62 ? -18.470 9.753   -4.479  1.00 33.45 ? 63   ASP A C      1 
ATOM   480 O  O      . ASP A 1 62 ? -17.784 10.755  -4.233  1.00 34.84 ? 63   ASP A O      1 
ATOM   481 C  CB     . ASP A 1 62 ? -20.193 9.895   -2.603  1.00 33.61 ? 63   ASP A CB     1 
ATOM   482 C  CG     . ASP A 1 62 ? -21.535 9.222   -2.396  1.00 36.83 ? 63   ASP A CG     1 
ATOM   483 O  OD1    . ASP A 1 62 ? -21.643 8.017   -2.728  1.00 40.62 ? 63   ASP A OD1    1 
ATOM   484 O  OD2    . ASP A 1 62 ? -22.483 9.892   -1.911  1.00 40.38 ? 63   ASP A OD2    1 
HETATM 485 MG MG     . MG  B 2 .  ? -7.603  5.763   13.049  1.00 33.29 ? 1061 MG  A MG     1 
HETATM 486 MG MG     . MG  C 2 .  ? 16.901  -3.033  -7.603  1.00 20.91 ? 1062 MG  A MG     1 
HETATM 487 NA NA     . NA  D 3 .  ? -10.429 -4.708  5.879   0.33 15.12 ? 1063 NA  A NA     1 
HETATM 488 CL CL     . CL  E 4 .  ? -9.147  -4.720  8.238   0.33 13.17 ? 1064 CL  A CL     1 
HETATM 489 S  S      . SO4 F 5 .  ? 12.810  3.549   4.203   0.33 25.50 ? 1065 SO4 A S      1 
HETATM 490 O  O1     . SO4 F 5 .  ? 12.337  3.223   2.846   0.33 23.49 ? 1065 SO4 A O1     1 
HETATM 491 O  O2     . SO4 F 5 .  ? 11.768  3.004   5.399   0.33 26.00 ? 1065 SO4 A O2     1 
HETATM 492 O  O3     . SO4 F 5 .  ? 14.165  2.976   4.324   0.33 21.96 ? 1065 SO4 A O3     1 
HETATM 493 O  O4     . SO4 F 5 .  ? 12.961  5.014   4.249   0.33 23.97 ? 1065 SO4 A O4     1 
HETATM 494 O  O6A    . CF2 G 6 .  ? -11.971 14.366  2.838   1.00 38.13 ? 1066 CF2 A O6A    1 
HETATM 495 C  C6A    . CF2 G 6 .  ? -11.177 14.504  1.880   1.00 37.86 ? 1066 CF2 A C6A    1 
HETATM 496 N  N1A    . CF2 G 6 .  ? -11.487 14.073  0.628   1.00 37.54 ? 1066 CF2 A N1A    1 
HETATM 497 C  C2A    . CF2 G 6 .  ? -10.642 14.216  -0.437  1.00 37.84 ? 1066 CF2 A C2A    1 
HETATM 498 N  N2A    . CF2 G 6 .  ? -11.011 13.759  -1.661  1.00 37.42 ? 1066 CF2 A N2A    1 
HETATM 499 N  N3A    . CF2 G 6 .  ? -9.420  14.794  -0.311  1.00 37.31 ? 1066 CF2 A N3A    1 
HETATM 500 C  C5AA   . CF2 G 6 .  ? -9.853  15.148  2.080   1.00 37.65 ? 1066 CF2 A C5AA   1 
HETATM 501 C  C4AA   . CF2 G 6 .  ? -8.991  15.264  0.890   1.00 37.33 ? 1066 CF2 A C4AA   1 
HETATM 502 N  N7A    . CF2 G 6 .  ? -9.170  15.690  3.108   1.00 37.50 ? 1066 CF2 A N7A    1 
HETATM 503 C  C8A    . CF2 G 6 .  ? -7.977  16.118  2.625   1.00 37.49 ? 1066 CF2 A C8A    1 
HETATM 504 N  N9A    . CF2 G 6 .  ? -7.881  15.866  1.300   1.00 36.97 ? 1066 CF2 A N9A    1 
HETATM 505 C  "C1'A" . CF2 G 6 .  ? -6.746  16.148  0.396   1.00 36.85 ? 1066 CF2 A "C1'A" 1 
HETATM 506 C  "C2'A" . CF2 G 6 .  ? -5.823  17.231  0.935   1.00 36.48 ? 1066 CF2 A "C2'A" 1 
HETATM 507 C  "C3'A" . CF2 G 6 .  ? -4.432  16.673  0.718   1.00 36.08 ? 1066 CF2 A "C3'A" 1 
HETATM 508 O  "O3'A" . CF2 G 6 .  ? -3.911  17.252  -0.487  1.00 39.77 ? 1066 CF2 A "O3'A" 1 
HETATM 509 O  "O4'A" . CF2 G 6 .  ? -6.000  14.926  0.280   1.00 34.48 ? 1066 CF2 A "O4'A" 1 
HETATM 510 C  "C4'A" . CF2 G 6 .  ? -4.614  15.168  0.549   1.00 34.87 ? 1066 CF2 A "C4'A" 1 
HETATM 511 C  "C5'A" . CF2 G 6 .  ? -4.154  14.382  1.774   1.00 31.92 ? 1066 CF2 A "C5'A" 1 
HETATM 512 O  "O1'"  . CF2 G 6 .  ? -4.989  14.704  2.889   1.00 29.04 ? 1066 CF2 A "O1'"  1 
HETATM 513 C  "C5'"  . CF2 G 6 .  ? -4.702  14.138  4.189   1.00 26.96 ? 1066 CF2 A "C5'"  1 
HETATM 514 O  "O2'"  . CF2 G 6 .  ? -3.808  13.302  4.264   1.00 24.79 ? 1066 CF2 A "O2'"  1 
HETATM 515 N  "N1'"  . CF2 G 6 .  ? -5.419  14.520  5.247   1.00 25.01 ? 1066 CF2 A "N1'"  1 
HETATM 516 C  "C4'"  . CF2 G 6 .  ? -5.211  14.025  6.605   1.00 23.25 ? 1066 CF2 A "C4'"  1 
HETATM 517 C  "C1'"  . CF2 G 6 .  ? -6.050  12.771  6.581   1.00 20.87 ? 1066 CF2 A "C1'"  1 
HETATM 518 N  N10    . CF2 G 6 .  ? -5.930  11.734  7.627   1.00 20.39 ? 1066 CF2 A N10    1 
HETATM 519 C  C9A    . CF2 G 6 .  ? -4.798  10.936  7.911   1.00 19.53 ? 1066 CF2 A C9A    1 
HETATM 520 C  C5A    . CF2 G 6 .  ? -4.901  9.941   8.904   1.00 19.36 ? 1066 CF2 A C5A    1 
HETATM 521 C  C6     . CF2 G 6 .  ? -3.783  9.153   9.200   1.00 19.85 ? 1066 CF2 A C6     1 
HETATM 522 C  C7     . CF2 G 6 .  ? -2.578  9.341   8.513   1.00 19.69 ? 1066 CF2 A C7     1 
HETATM 523 C  C7M    . CF2 G 6 .  ? -1.404  8.458   8.871   1.00 19.85 ? 1066 CF2 A C7M    1 
HETATM 524 C  C8     . CF2 G 6 .  ? -2.477  10.324  7.535   1.00 19.34 ? 1066 CF2 A C8     1 
HETATM 525 C  C8M    . CF2 G 6 .  ? -1.191  10.562  6.780   1.00 19.64 ? 1066 CF2 A C8M    1 
HETATM 526 C  C9     . CF2 G 6 .  ? -3.580  11.125  7.234   1.00 19.66 ? 1066 CF2 A C9     1 
HETATM 527 N  N5     . CF2 G 6 .  ? -6.071  9.730   9.581   1.00 19.40 ? 1066 CF2 A N5     1 
HETATM 528 C  C4A    . CF2 G 6 .  ? -7.168  10.491  9.312   1.00 19.33 ? 1066 CF2 A C4A    1 
HETATM 529 C  C4     . CF2 G 6 .  ? -8.389  10.311  9.973   1.00 19.82 ? 1066 CF2 A C4     1 
HETATM 530 O  O4     . CF2 G 6 .  ? -8.522  9.439   10.856  1.00 20.30 ? 1066 CF2 A O4     1 
HETATM 531 N  N3     . CF2 G 6 .  ? -9.447  11.099  9.652   1.00 19.47 ? 1066 CF2 A N3     1 
HETATM 532 C  C10    . CF2 G 6 .  ? -7.111  11.488  8.337   1.00 19.52 ? 1066 CF2 A C10    1 
HETATM 533 N  N1     . CF2 G 6 .  ? -8.188  12.253  8.044   1.00 19.88 ? 1066 CF2 A N1     1 
HETATM 534 C  C2     . CF2 G 6 .  ? -9.353  12.062  8.702   1.00 19.43 ? 1066 CF2 A C2     1 
HETATM 535 O  O2     . CF2 G 6 .  ? -10.326 12.792  8.418   1.00 20.57 ? 1066 CF2 A O2     1 
HETATM 536 O  O      . HOH H 7 .  ? 16.336  5.596   0.144   0.33 40.83 ? 2001 HOH A O      1 
HETATM 537 O  O      . HOH H 7 .  ? -15.854 11.573  4.779   1.00 33.94 ? 2002 HOH A O      1 
HETATM 538 O  O      . HOH H 7 .  ? -19.073 10.183  1.911   1.00 34.69 ? 2003 HOH A O      1 
HETATM 539 O  O      . HOH H 7 .  ? -11.656 -4.698  3.616   0.33 18.93 ? 2004 HOH A O      1 
HETATM 540 O  O      . HOH H 7 .  ? -18.571 1.313   -0.677  1.00 41.56 ? 2005 HOH A O      1 
HETATM 541 O  O      . HOH H 7 .  ? -14.029 -3.499  1.208   1.00 43.56 ? 2006 HOH A O      1 
HETATM 542 O  O      . HOH H 7 .  ? -18.873 -1.456  1.042   1.00 39.62 ? 2007 HOH A O      1 
HETATM 543 O  O      . HOH H 7 .  ? -15.982 0.471   -2.747  1.00 36.00 ? 2008 HOH A O      1 
HETATM 544 O  O      . HOH H 7 .  ? -14.014 -0.803  -2.677  1.00 28.87 ? 2009 HOH A O      1 
HETATM 545 O  O      . HOH H 7 .  ? -5.945  1.755   9.841   1.00 30.67 ? 2010 HOH A O      1 
HETATM 546 O  O      . HOH H 7 .  ? -13.105 -2.404  3.802   1.00 16.05 ? 2011 HOH A O      1 
HETATM 547 O  O      . HOH H 7 .  ? 0.698   -8.674  4.196   1.00 22.90 ? 2012 HOH A O      1 
HETATM 548 O  O      . HOH H 7 .  ? -2.838  -6.696  2.470   1.00 19.94 ? 2013 HOH A O      1 
HETATM 549 O  O      . HOH H 7 .  ? 8.421   -5.835  -6.245  1.00 20.83 ? 2014 HOH A O      1 
HETATM 550 O  O      . HOH H 7 .  ? 7.374   -1.229  -6.314  1.00 21.60 ? 2015 HOH A O      1 
HETATM 551 O  O      . HOH H 7 .  ? 5.957   -4.266  -7.263  1.00 32.33 ? 2016 HOH A O      1 
HETATM 552 O  O      . HOH H 7 .  ? 6.447   -8.865  -5.819  1.00 38.61 ? 2017 HOH A O      1 
HETATM 553 O  O      . HOH H 7 .  ? 9.981   -0.277  -6.153  1.00 21.02 ? 2018 HOH A O      1 
HETATM 554 O  O      . HOH H 7 .  ? 15.346  -4.268  -8.537  1.00 19.58 ? 2019 HOH A O      1 
HETATM 555 O  O      . HOH H 7 .  ? 17.128  -6.763  -5.995  1.00 27.50 ? 2020 HOH A O      1 
HETATM 556 O  O      . HOH H 7 .  ? 10.822  -3.344  -7.451  1.00 25.02 ? 2021 HOH A O      1 
HETATM 557 O  O      . HOH H 7 .  ? 16.870  -4.161  -5.707  1.00 19.37 ? 2022 HOH A O      1 
HETATM 558 O  O      . HOH H 7 .  ? 18.261  -1.719  -6.692  1.00 19.43 ? 2023 HOH A O      1 
HETATM 559 O  O      . HOH H 7 .  ? 17.615  -2.455  -1.918  1.00 30.22 ? 2024 HOH A O      1 
HETATM 560 O  O      . HOH H 7 .  ? 13.527  3.520   -2.536  1.00 16.98 ? 2025 HOH A O      1 
HETATM 561 O  O      . HOH H 7 .  ? 12.467  5.515   -0.563  1.00 41.25 ? 2026 HOH A O      1 
HETATM 562 O  O      . HOH H 7 .  ? 6.891   1.777   -5.614  1.00 14.48 ? 2027 HOH A O      1 
HETATM 563 O  O      . HOH H 7 .  ? 9.276   7.459   -2.195  1.00 30.71 ? 2028 HOH A O      1 
HETATM 564 O  O      . HOH H 7 .  ? 5.503   7.145   -5.820  1.00 40.22 ? 2029 HOH A O      1 
HETATM 565 O  O      . HOH H 7 .  ? 5.784   0.067   -7.983  1.00 29.41 ? 2030 HOH A O      1 
HETATM 566 O  O      . HOH H 7 .  ? 3.346   -5.407  -6.109  1.00 22.96 ? 2031 HOH A O      1 
HETATM 567 O  O      . HOH H 7 .  ? 1.108   -0.769  -8.080  1.00 24.04 ? 2032 HOH A O      1 
HETATM 568 O  O      . HOH H 7 .  ? 3.382   -3.392  -8.609  1.00 36.49 ? 2033 HOH A O      1 
HETATM 569 O  O      . HOH H 7 .  ? -7.794  -4.732  10.728  0.33 23.16 ? 2034 HOH A O      1 
HETATM 570 O  O      . HOH H 7 .  ? 3.991   3.605   -10.489 1.00 39.89 ? 2035 HOH A O      1 
HETATM 571 O  O      . HOH H 7 .  ? 5.529   4.353   -6.690  1.00 17.48 ? 2036 HOH A O      1 
HETATM 572 O  O      . HOH H 7 .  ? 3.737   0.872   -8.654  1.00 28.39 ? 2037 HOH A O      1 
HETATM 573 O  O      . HOH H 7 .  ? 3.679   6.448   -8.433  1.00 29.75 ? 2038 HOH A O      1 
HETATM 574 O  O      . HOH H 7 .  ? -0.672  6.888   -8.852  1.00 36.16 ? 2039 HOH A O      1 
HETATM 575 O  O      . HOH H 7 .  ? -0.363  10.072  -5.126  1.00 22.56 ? 2040 HOH A O      1 
HETATM 576 O  O      . HOH H 7 .  ? -5.014  10.317  -4.702  1.00 32.76 ? 2041 HOH A O      1 
HETATM 577 O  O      . HOH H 7 .  ? -1.596  4.757   -9.877  1.00 33.73 ? 2042 HOH A O      1 
HETATM 578 O  O      . HOH H 7 .  ? -0.376  0.327   -10.171 1.00 36.65 ? 2043 HOH A O      1 
HETATM 579 O  O      . HOH H 7 .  ? -3.758  6.479   -11.595 1.00 29.56 ? 2044 HOH A O      1 
HETATM 580 O  O      . HOH H 7 .  ? -7.997  -2.116  -5.445  1.00 32.88 ? 2045 HOH A O      1 
HETATM 581 O  O      . HOH H 7 .  ? -9.685  5.602   -10.681 1.00 51.21 ? 2046 HOH A O      1 
HETATM 582 O  O      . HOH H 7 .  ? -7.618  7.820   -8.141  1.00 41.83 ? 2047 HOH A O      1 
HETATM 583 O  O      . HOH H 7 .  ? -15.930 7.495   -7.643  1.00 55.19 ? 2048 HOH A O      1 
HETATM 584 O  O      . HOH H 7 .  ? -13.958 5.020   -6.237  1.00 43.15 ? 2049 HOH A O      1 
HETATM 585 O  O      . HOH H 7 .  ? -10.084 10.996  -7.345  1.00 43.29 ? 2050 HOH A O      1 
HETATM 586 O  O      . HOH H 7 .  ? -7.308  9.459   -5.923  1.00 26.68 ? 2051 HOH A O      1 
HETATM 587 O  O      . HOH H 7 .  ? -2.130  3.811   12.059  1.00 37.73 ? 2052 HOH A O      1 
HETATM 588 O  O      . HOH H 7 .  ? -6.400  4.052   12.451  1.00 25.77 ? 2053 HOH A O      1 
HETATM 589 O  O      . HOH H 7 .  ? -6.976  7.026   11.331  1.00 28.79 ? 2054 HOH A O      1 
HETATM 590 O  O      . HOH H 7 .  ? 1.986   2.591   11.522  1.00 23.57 ? 2055 HOH A O      1 
HETATM 591 O  O      . HOH H 7 .  ? 3.561   -1.068  11.201  1.00 35.99 ? 2056 HOH A O      1 
HETATM 592 O  O      . HOH H 7 .  ? 2.556   -2.072  13.113  1.00 36.29 ? 2057 HOH A O      1 
HETATM 593 O  O      . HOH H 7 .  ? 2.856   -10.499 9.390   1.00 43.79 ? 2058 HOH A O      1 
HETATM 594 O  O      . HOH H 7 .  ? 3.354   -8.755  7.045   1.00 40.55 ? 2059 HOH A O      1 
HETATM 595 O  O      . HOH H 7 .  ? 9.898   1.939   7.598   0.33 20.34 ? 2060 HOH A O      1 
HETATM 596 O  O      . HOH H 7 .  ? 4.009   -6.691  5.667   1.00 33.11 ? 2061 HOH A O      1 
HETATM 597 O  O      . HOH H 7 .  ? 5.910   -2.049  10.826  1.00 30.05 ? 2062 HOH A O      1 
HETATM 598 O  O      . HOH H 7 .  ? 5.242   -8.361  8.847   1.00 24.88 ? 2063 HOH A O      1 
HETATM 599 O  O      . HOH H 7 .  ? 14.752  -18.550 0.514   1.00 36.34 ? 2064 HOH A O      1 
HETATM 600 O  O      . HOH H 7 .  ? 18.020  -12.836 -1.302  1.00 32.16 ? 2065 HOH A O      1 
HETATM 601 O  O      . HOH H 7 .  ? 12.941  -13.634 -5.237  1.00 34.14 ? 2066 HOH A O      1 
HETATM 602 O  O      . HOH H 7 .  ? 18.581  -8.850  -2.669  1.00 29.33 ? 2067 HOH A O      1 
HETATM 603 O  O      . HOH H 7 .  ? 16.209  -6.514  -3.258  1.00 32.92 ? 2068 HOH A O      1 
HETATM 604 O  O      . HOH H 7 .  ? 20.180  -8.152  -0.683  1.00 32.25 ? 2069 HOH A O      1 
HETATM 605 O  O      . HOH H 7 .  ? 10.216  -8.808  -6.232  1.00 29.70 ? 2070 HOH A O      1 
HETATM 606 O  O      . HOH H 7 .  ? 11.717  -12.076 -2.925  1.00 23.03 ? 2071 HOH A O      1 
HETATM 607 O  O      . HOH H 7 .  ? 18.327  -3.940  0.019   1.00 27.07 ? 2072 HOH A O      1 
HETATM 608 O  O      . HOH H 7 .  ? 18.005  -5.745  -1.543  1.00 28.46 ? 2073 HOH A O      1 
HETATM 609 O  O      . HOH H 7 .  ? 7.012   -10.554 -2.831  1.00 30.18 ? 2074 HOH A O      1 
HETATM 610 O  O      . HOH H 7 .  ? 3.693   -8.650  4.131   1.00 27.38 ? 2075 HOH A O      1 
HETATM 611 O  O      . HOH H 7 .  ? 0.851   -7.894  6.673   1.00 31.68 ? 2076 HOH A O      1 
HETATM 612 O  O      . HOH H 7 .  ? -1.086  -7.268  9.134   1.00 33.41 ? 2077 HOH A O      1 
HETATM 613 O  O      . HOH H 7 .  ? -5.391  -2.697  10.496  1.00 36.99 ? 2078 HOH A O      1 
HETATM 614 O  O      . HOH H 7 .  ? -9.535  -2.678  5.159   1.00 11.02 ? 2079 HOH A O      1 
HETATM 615 O  O      . HOH H 7 .  ? -14.410 6.951   -3.946  1.00 41.80 ? 2080 HOH A O      1 
HETATM 616 O  O      . HOH H 7 .  ? -18.097 5.872   -3.797  1.00 34.39 ? 2081 HOH A O      1 
HETATM 617 O  O      . HOH H 7 .  ? 14.476  4.447   2.006   0.33 30.07 ? 2082 HOH A O      1 
HETATM 618 O  O      . HOH H 7 .  ? -10.351 15.871  8.140   1.00 46.57 ? 2083 HOH A O      1 
HETATM 619 O  O      . HOH H 7 .  ? -12.233 16.270  4.746   1.00 41.15 ? 2084 HOH A O      1 
HETATM 620 O  O      . HOH H 7 .  ? -7.179  17.185  5.742   0.50 24.37 ? 2085 HOH A O      1 
HETATM 621 O  O      . HOH H 7 .  ? -4.718  8.392   12.255  0.50 52.95 ? 2086 HOH A O      1 
# 
loop_
_pdbx_poly_seq_scheme.asym_id 
_pdbx_poly_seq_scheme.entity_id 
_pdbx_poly_seq_scheme.seq_id 
_pdbx_poly_seq_scheme.mon_id 
_pdbx_poly_seq_scheme.ndb_seq_num 
_pdbx_poly_seq_scheme.pdb_seq_num 
_pdbx_poly_seq_scheme.auth_seq_num 
_pdbx_poly_seq_scheme.pdb_mon_id 
_pdbx_poly_seq_scheme.auth_mon_id 
_pdbx_poly_seq_scheme.pdb_strand_id 
_pdbx_poly_seq_scheme.pdb_ins_code 
_pdbx_poly_seq_scheme.hetero 
A 1 1  VAL 1  2  2  VAL VAL A . n 
A 1 2  PHE 2  3  3  PHE PHE A . n 
A 1 3  LYS 3  4  4  LYS LYS A . n 
A 1 4  LYS 4  5  5  LYS LYS A . n 
A 1 5  VAL 5  6  6  VAL VAL A . n 
A 1 6  LEU 6  7  7  LEU LEU A . n 
A 1 7  LEU 7  8  8  LEU LEU A . n 
A 1 8  THR 8  9  9  THR THR A . n 
A 1 9  GLY 9  10 10 GLY GLY A . n 
A 1 10 THR 10 11 11 THR THR A . n 
A 1 11 SER 11 12 12 SER SER A . n 
A 1 12 GLU 12 13 13 GLU GLU A . n 
A 1 13 GLU 13 14 14 GLU GLU A . n 
A 1 14 SER 14 15 15 SER SER A . n 
A 1 15 PHE 15 16 16 PHE PHE A . n 
A 1 16 THR 16 17 17 THR THR A . n 
A 1 17 ALA 17 18 18 ALA ALA A . n 
A 1 18 ALA 18 19 19 ALA ALA A . n 
A 1 19 ALA 19 20 20 ALA ALA A . n 
A 1 20 ASP 20 21 21 ASP ASP A . n 
A 1 21 ASP 21 22 22 ASP ASP A . n 
A 1 22 ALA 22 23 23 ALA ALA A . n 
A 1 23 ILE 23 24 24 ILE ILE A . n 
A 1 24 ASP 24 25 25 ASP ASP A . n 
A 1 25 ARG 25 26 26 ARG ARG A . n 
A 1 26 ALA 26 27 27 ALA ALA A . n 
A 1 27 GLU 27 28 28 GLU GLU A . n 
A 1 28 ASP 28 29 29 ASP ASP A . n 
A 1 29 THR 29 30 30 THR THR A . n 
A 1 30 LEU 30 31 31 LEU LEU A . n 
A 1 31 ASP 31 32 32 ASP ASP A . n 
A 1 32 ASN 32 33 33 ASN ASN A . n 
A 1 33 VAL 33 34 34 VAL VAL A . n 
A 1 34 VAL 34 35 35 VAL VAL A . n 
A 1 35 TRP 35 36 36 TRP TRP A . n 
A 1 36 ALA 36 37 37 ALA ALA A . n 
A 1 37 GLU 37 38 38 GLU GLU A . n 
A 1 38 VAL 38 39 39 VAL VAL A . n 
A 1 39 VAL 39 40 40 VAL VAL A . n 
A 1 40 ASP 40 41 41 ASP ASP A . n 
A 1 41 GLN 41 42 42 GLN GLN A . n 
A 1 42 GLY 42 43 43 GLY GLY A . n 
A 1 43 VAL 43 44 44 VAL VAL A . n 
A 1 44 ALA 44 45 45 ALA ALA A . n 
A 1 45 ILE 45 46 46 ILE ILE A . n 
A 1 46 GLY 46 47 47 GLY GLY A . n 
A 1 47 ALA 47 48 48 ALA ALA A . n 
A 1 48 VAL 48 49 49 VAL VAL A . n 
A 1 49 ARG 49 50 50 ARG ARG A . n 
A 1 50 THR 50 51 51 THR THR A . n 
A 1 51 TYR 51 52 52 TYR TYR A . n 
A 1 52 GLN 52 53 53 GLN GLN A . n 
A 1 53 THR 53 54 54 THR THR A . n 
A 1 54 GLU 54 55 55 GLU GLU A . n 
A 1 55 VAL 55 56 56 VAL VAL A . n 
A 1 56 GLN 56 57 57 GLN GLN A . n 
A 1 57 VAL 57 58 58 VAL VAL A . n 
A 1 58 ALA 58 59 59 ALA ALA A . n 
A 1 59 PHE 59 60 60 PHE PHE A . n 
A 1 60 GLU 60 61 61 GLU GLU A . n 
A 1 61 LEU 61 62 62 LEU LEU A . n 
A 1 62 ASP 62 63 63 ASP ASP A . n 
# 
loop_
_pdbx_nonpoly_scheme.asym_id 
_pdbx_nonpoly_scheme.entity_id 
_pdbx_nonpoly_scheme.mon_id 
_pdbx_nonpoly_scheme.ndb_seq_num 
_pdbx_nonpoly_scheme.pdb_seq_num 
_pdbx_nonpoly_scheme.auth_seq_num 
_pdbx_nonpoly_scheme.pdb_mon_id 
_pdbx_nonpoly_scheme.auth_mon_id 
_pdbx_nonpoly_scheme.pdb_strand_id 
_pdbx_nonpoly_scheme.pdb_ins_code 
B 2 MG  1  1061 1061 MG  MG  A . 
C 2 MG  1  1062 1062 MG  MG  A . 
D 3 NA  1  1063 1063 NA  NA  A . 
E 4 CL  1  1064 1064 CL  CL  A . 
F 5 SO4 1  1065 1065 SO4 SO4 A . 
G 6 CF2 1  1066 1066 CF2 CF2 A . 
H 7 HOH 1  2001 2001 HOH HOH A . 
H 7 HOH 2  2002 2002 HOH HOH A . 
H 7 HOH 3  2003 2003 HOH HOH A . 
H 7 HOH 4  2004 2004 HOH HOH A . 
H 7 HOH 5  2005 2005 HOH HOH A . 
H 7 HOH 6  2006 2006 HOH HOH A . 
H 7 HOH 7  2007 2007 HOH HOH A . 
H 7 HOH 8  2008 2008 HOH HOH A . 
H 7 HOH 9  2009 2009 HOH HOH A . 
H 7 HOH 10 2010 2010 HOH HOH A . 
H 7 HOH 11 2011 2011 HOH HOH A . 
H 7 HOH 12 2012 2012 HOH HOH A . 
H 7 HOH 13 2013 2013 HOH HOH A . 
H 7 HOH 14 2014 2014 HOH HOH A . 
H 7 HOH 15 2015 2015 HOH HOH A . 
H 7 HOH 16 2016 2016 HOH HOH A . 
H 7 HOH 17 2017 2017 HOH HOH A . 
H 7 HOH 18 2018 2018 HOH HOH A . 
H 7 HOH 19 2019 2019 HOH HOH A . 
H 7 HOH 20 2020 2020 HOH HOH A . 
H 7 HOH 21 2021 2021 HOH HOH A . 
H 7 HOH 22 2022 2022 HOH HOH A . 
H 7 HOH 23 2023 2023 HOH HOH A . 
H 7 HOH 24 2024 2024 HOH HOH A . 
H 7 HOH 25 2025 2025 HOH HOH A . 
H 7 HOH 26 2026 2026 HOH HOH A . 
H 7 HOH 27 2027 2027 HOH HOH A . 
H 7 HOH 28 2028 2028 HOH HOH A . 
H 7 HOH 29 2029 2029 HOH HOH A . 
H 7 HOH 30 2030 2030 HOH HOH A . 
H 7 HOH 31 2031 2031 HOH HOH A . 
H 7 HOH 32 2032 2032 HOH HOH A . 
H 7 HOH 33 2033 2033 HOH HOH A . 
H 7 HOH 34 2034 2034 HOH HOH A . 
H 7 HOH 35 2035 2035 HOH HOH A . 
H 7 HOH 36 2036 2036 HOH HOH A . 
H 7 HOH 37 2037 2037 HOH HOH A . 
H 7 HOH 38 2038 2038 HOH HOH A . 
H 7 HOH 39 2039 2039 HOH HOH A . 
H 7 HOH 40 2040 2040 HOH HOH A . 
H 7 HOH 41 2041 2041 HOH HOH A . 
H 7 HOH 42 2042 2042 HOH HOH A . 
H 7 HOH 43 2043 2043 HOH HOH A . 
H 7 HOH 44 2044 2044 HOH HOH A . 
H 7 HOH 45 2045 2045 HOH HOH A . 
H 7 HOH 46 2046 2046 HOH HOH A . 
H 7 HOH 47 2047 2047 HOH HOH A . 
H 7 HOH 48 2048 2048 HOH HOH A . 
H 7 HOH 49 2049 2049 HOH HOH A . 
H 7 HOH 50 2050 2050 HOH HOH A . 
H 7 HOH 51 2051 2051 HOH HOH A . 
H 7 HOH 52 2052 2052 HOH HOH A . 
H 7 HOH 53 2053 2053 HOH HOH A . 
H 7 HOH 54 2054 2054 HOH HOH A . 
H 7 HOH 55 2055 2055 HOH HOH A . 
H 7 HOH 56 2056 2056 HOH HOH A . 
H 7 HOH 57 2057 2057 HOH HOH A . 
H 7 HOH 58 2058 2058 HOH HOH A . 
H 7 HOH 59 2059 2059 HOH HOH A . 
H 7 HOH 60 2060 2060 HOH HOH A . 
H 7 HOH 61 2061 2061 HOH HOH A . 
H 7 HOH 62 2062 2062 HOH HOH A . 
H 7 HOH 63 2063 2063 HOH HOH A . 
H 7 HOH 64 2064 2064 HOH HOH A . 
H 7 HOH 65 2065 2065 HOH HOH A . 
H 7 HOH 66 2066 2066 HOH HOH A . 
H 7 HOH 67 2067 2067 HOH HOH A . 
H 7 HOH 68 2068 2068 HOH HOH A . 
H 7 HOH 69 2069 2069 HOH HOH A . 
H 7 HOH 70 2070 2070 HOH HOH A . 
H 7 HOH 71 2071 2071 HOH HOH A . 
H 7 HOH 72 2072 2072 HOH HOH A . 
H 7 HOH 73 2073 2073 HOH HOH A . 
H 7 HOH 74 2074 2074 HOH HOH A . 
H 7 HOH 75 2075 2075 HOH HOH A . 
H 7 HOH 76 2076 2076 HOH HOH A . 
H 7 HOH 77 2077 2077 HOH HOH A . 
H 7 HOH 78 2078 2078 HOH HOH A . 
H 7 HOH 79 2079 2079 HOH HOH A . 
H 7 HOH 80 2080 2080 HOH HOH A . 
H 7 HOH 81 2081 2081 HOH HOH A . 
H 7 HOH 82 2082 2082 HOH HOH A . 
H 7 HOH 83 2083 2083 HOH HOH A . 
H 7 HOH 84 2084 2084 HOH HOH A . 
H 7 HOH 85 2085 2085 HOH HOH A . 
H 7 HOH 86 2086 2086 HOH HOH A . 
# 
_pdbx_struct_assembly.id                   1 
_pdbx_struct_assembly.details              author_and_software_defined_assembly 
_pdbx_struct_assembly.method_details       PISA 
_pdbx_struct_assembly.oligomeric_details   dodecameric 
_pdbx_struct_assembly.oligomeric_count     12 
# 
_pdbx_struct_assembly_gen.assembly_id       1 
_pdbx_struct_assembly_gen.oper_expression   1,2,3,4,5,6,7,8,9,10,11,12 
_pdbx_struct_assembly_gen.asym_id_list      A,B,C,D,E,F,G,H 
# 
loop_
_pdbx_struct_assembly_prop.biol_id 
_pdbx_struct_assembly_prop.type 
_pdbx_struct_assembly_prop.value 
_pdbx_struct_assembly_prop.details 
1 'ABSA (A^2)' 33160  ? 
1 MORE         -599.6 ? 
1 'SSA (A^2)'  26170  ? 
# 
loop_
_pdbx_struct_oper_list.id 
_pdbx_struct_oper_list.type 
_pdbx_struct_oper_list.name 
_pdbx_struct_oper_list.symmetry_operation 
_pdbx_struct_oper_list.matrix[1][1] 
_pdbx_struct_oper_list.matrix[1][2] 
_pdbx_struct_oper_list.matrix[1][3] 
_pdbx_struct_oper_list.vector[1] 
_pdbx_struct_oper_list.matrix[2][1] 
_pdbx_struct_oper_list.matrix[2][2] 
_pdbx_struct_oper_list.matrix[2][3] 
_pdbx_struct_oper_list.vector[2] 
_pdbx_struct_oper_list.matrix[3][1] 
_pdbx_struct_oper_list.matrix[3][2] 
_pdbx_struct_oper_list.matrix[3][3] 
_pdbx_struct_oper_list.vector[3] 
1  'identity operation'         1_555  x,y,z   1.0000000000  0.0000000000  0.0000000000  0.0000000000   0.0000000000  1.0000000000  0.0000000000  0.0000000000   0.0000000000  0.0000000000  1.0000000000  0.0000000000  
2  'crystal symmetry operation' 5_555  z,x,y   0.0627601523  0.9335577263  -0.3528896922 10.1490424364  -0.2971435844 -0.3200730105 -0.8995882159 12.3470322143  -0.9527679956 0.1613172015  0.2573128582  14.7671012293 
3  'crystal symmetry operation' 9_555  y,z,x   0.0627601523  -0.2971435844 -0.9527679956 17.1015073995  0.9335577263  -0.3200730105 0.1613172015  -7.9049526545  -0.3528896922 -0.8995882159 0.2573128582  10.8889721181 
4  'crystal symmetry operation' 80_555 -z,x,-y -0.1580578902 -0.7639519636 0.6256157771  -19.3515776624 0.7579095256  -0.4999733061 -0.4190463508 3.3053440307   0.6329224710  0.4079265748  0.6580311963  10.5314327516 
5  'crystal symmetry operation' 59_555 y,-z,-x -0.1580578902 0.7579095256  0.6329224710  -12.2294017034 -0.7639519636 -0.4999733061 0.4079265748  -17.4271432619 0.6256157771  -0.4190463508 0.6580311963  6.5617333603  
6  'crystal symmetry operation' 82_555 -y,z,-x -0.3789830025 0.1978868267  0.9039981679  -21.1497218909 0.5953843293  0.7999808702  0.0744856210  -1.3638864300  -0.7084415179 0.5664551272  -0.4209978677 31.7088856162 
7  'crystal symmetry operation' 52_555 x,-y,-z -0.8381559645 -0.2880412663 -0.4631703877 4.8708255902   -0.2880412663 -0.4873597235 0.8243256206  -25.3298176533 -0.4631703877 0.8243256206  0.3255156880  17.4543689258 
8  'crystal symmetry operation' 75_555 -x,y,-z -0.9438863545 -0.2713102878 0.1883328901  -9.2032889837  -0.2713102878 0.3117891673  -0.9105922484 15.6560206744  0.1883328901  -0.9105922484 -0.3679028127 25.2960041619 
9  'crystal symmetry operation' 54_555 z,-x,-y 0.4742807403  -0.7649900920 0.4357154329  -14.0317936582 -0.6586527679 0.0200654465  0.7521794395  -22.0977070087 -0.5841526433 -0.6437293973 -0.4943461867 27.7385311145 
10 'crystal symmetry operation' 36_555 -y,-z,x 0.4742807403  -0.6586527679 -0.5841526433 8.3038298701   -0.7649900920 0.0200654465  -0.6437293973 7.5653251512   0.4357154329  0.7521794395  -0.4943461867 36.4477470023 
11 'crystal symmetry operation' 31_555 -z,-x,y -0.3789830025 0.5953843293  -0.7084415179 15.2605425594  0.1978868267  0.7999808702  0.5664551272  -12.6853264315 0.9039981679  0.0744856210  -0.4209978677 32.5702730015 
12 'crystal symmetry operation' 26_555 -x,-y,z 0.7820423190  0.5593515542  0.2748374977  -3.6413229313  0.5593515542  -0.8244294438 0.0862666278  -9.4568602162  0.2748374977  0.0862666278  -0.9576128752 42.8569650092 
# 
loop_
_pdbx_struct_special_symmetry.id 
_pdbx_struct_special_symmetry.PDB_model_num 
_pdbx_struct_special_symmetry.auth_asym_id 
_pdbx_struct_special_symmetry.auth_comp_id 
_pdbx_struct_special_symmetry.auth_seq_id 
_pdbx_struct_special_symmetry.PDB_ins_code 
_pdbx_struct_special_symmetry.label_asym_id 
_pdbx_struct_special_symmetry.label_comp_id 
_pdbx_struct_special_symmetry.label_seq_id 
1  1 A NA  1063 ? D NA  . 
2  1 A CL  1064 ? E CL  . 
3  1 A SO4 1065 ? F SO4 . 
4  1 A SO4 1065 ? F SO4 . 
5  1 A HOH 2001 ? H HOH . 
6  1 A HOH 2004 ? H HOH . 
7  1 A HOH 2034 ? H HOH . 
8  1 A HOH 2060 ? H HOH . 
9  1 A HOH 2082 ? H HOH . 
10 1 A HOH 2086 ? H HOH . 
# 
loop_
_pdbx_struct_conn_angle.id 
_pdbx_struct_conn_angle.ptnr1_label_atom_id 
_pdbx_struct_conn_angle.ptnr1_label_alt_id 
_pdbx_struct_conn_angle.ptnr1_label_asym_id 
_pdbx_struct_conn_angle.ptnr1_label_comp_id 
_pdbx_struct_conn_angle.ptnr1_label_seq_id 
_pdbx_struct_conn_angle.ptnr1_auth_atom_id 
_pdbx_struct_conn_angle.ptnr1_auth_asym_id 
_pdbx_struct_conn_angle.ptnr1_auth_comp_id 
_pdbx_struct_conn_angle.ptnr1_auth_seq_id 
_pdbx_struct_conn_angle.ptnr1_PDB_ins_code 
_pdbx_struct_conn_angle.ptnr1_symmetry 
_pdbx_struct_conn_angle.ptnr2_label_atom_id 
_pdbx_struct_conn_angle.ptnr2_label_alt_id 
_pdbx_struct_conn_angle.ptnr2_label_asym_id 
_pdbx_struct_conn_angle.ptnr2_label_comp_id 
_pdbx_struct_conn_angle.ptnr2_label_seq_id 
_pdbx_struct_conn_angle.ptnr2_auth_atom_id 
_pdbx_struct_conn_angle.ptnr2_auth_asym_id 
_pdbx_struct_conn_angle.ptnr2_auth_comp_id 
_pdbx_struct_conn_angle.ptnr2_auth_seq_id 
_pdbx_struct_conn_angle.ptnr2_PDB_ins_code 
_pdbx_struct_conn_angle.ptnr2_symmetry 
_pdbx_struct_conn_angle.ptnr3_label_atom_id 
_pdbx_struct_conn_angle.ptnr3_label_alt_id 
_pdbx_struct_conn_angle.ptnr3_label_asym_id 
_pdbx_struct_conn_angle.ptnr3_label_comp_id 
_pdbx_struct_conn_angle.ptnr3_label_seq_id 
_pdbx_struct_conn_angle.ptnr3_auth_atom_id 
_pdbx_struct_conn_angle.ptnr3_auth_asym_id 
_pdbx_struct_conn_angle.ptnr3_auth_comp_id 
_pdbx_struct_conn_angle.ptnr3_auth_seq_id 
_pdbx_struct_conn_angle.ptnr3_PDB_ins_code 
_pdbx_struct_conn_angle.ptnr3_symmetry 
_pdbx_struct_conn_angle.value 
_pdbx_struct_conn_angle.value_esd 
1  OE2 ? A GLU 13 ? A GLU 14   ? 1_555  MG ? C MG . ? A MG 1062 ? 1_555 O ? H HOH . ? A HOH 2019 ? 1_555  91.8  ? 
2  OE2 ? A GLU 13 ? A GLU 14   ? 1_555  MG ? C MG . ? A MG 1062 ? 1_555 O ? H HOH . ? A HOH 2022 ? 1_555  91.6  ? 
3  O   ? H HOH .  ? A HOH 2019 ? 1_555  MG ? C MG . ? A MG 1062 ? 1_555 O ? H HOH . ? A HOH 2022 ? 1_555  93.9  ? 
4  OE2 ? A GLU 13 ? A GLU 14   ? 1_555  MG ? C MG . ? A MG 1062 ? 1_555 O ? H HOH . ? A HOH 2023 ? 1_555  83.3  ? 
5  O   ? H HOH .  ? A HOH 2019 ? 1_555  MG ? C MG . ? A MG 1062 ? 1_555 O ? H HOH . ? A HOH 2023 ? 1_555  174.9 ? 
6  O   ? H HOH .  ? A HOH 2022 ? 1_555  MG ? C MG . ? A MG 1062 ? 1_555 O ? H HOH . ? A HOH 2023 ? 1_555  87.5  ? 
7  OE2 ? A GLU 13 ? A GLU 14   ? 1_555  MG ? C MG . ? A MG 1062 ? 1_555 O ? H HOH . ? A HOH 2027 ? 24_555 88.7  ? 
8  O   ? H HOH .  ? A HOH 2019 ? 1_555  MG ? C MG . ? A MG 1062 ? 1_555 O ? H HOH . ? A HOH 2027 ? 24_555 86.4  ? 
9  O   ? H HOH .  ? A HOH 2022 ? 1_555  MG ? C MG . ? A MG 1062 ? 1_555 O ? H HOH . ? A HOH 2027 ? 24_555 179.6 ? 
10 O   ? H HOH .  ? A HOH 2023 ? 1_555  MG ? C MG . ? A MG 1062 ? 1_555 O ? H HOH . ? A HOH 2027 ? 24_555 92.3  ? 
11 OE2 ? A GLU 13 ? A GLU 14   ? 1_555  MG ? C MG . ? A MG 1062 ? 1_555 O ? H HOH . ? A HOH 2036 ? 24_555 175.6 ? 
12 O   ? H HOH .  ? A HOH 2019 ? 1_555  MG ? C MG . ? A MG 1062 ? 1_555 O ? H HOH . ? A HOH 2036 ? 24_555 90.6  ? 
13 O   ? H HOH .  ? A HOH 2022 ? 1_555  MG ? C MG . ? A MG 1062 ? 1_555 O ? H HOH . ? A HOH 2036 ? 24_555 84.6  ? 
14 O   ? H HOH .  ? A HOH 2023 ? 1_555  MG ? C MG . ? A MG 1062 ? 1_555 O ? H HOH . ? A HOH 2036 ? 24_555 94.3  ? 
15 O   ? H HOH .  ? A HOH 2027 ? 24_555 MG ? C MG . ? A MG 1062 ? 1_555 O ? H HOH . ? A HOH 2036 ? 24_555 95.2  ? 
16 OD2 ? A ASP 40 ? A ASP 41   ? 80_555 MG ? B MG . ? A MG 1061 ? 1_555 O ? H HOH . ? A HOH 2053 ? 1_555  82.6  ? 
17 OD2 ? A ASP 40 ? A ASP 41   ? 80_555 MG ? B MG . ? A MG 1061 ? 1_555 O ? H HOH . ? A HOH 2054 ? 1_555  167.7 ? 
18 O   ? H HOH .  ? A HOH 2053 ? 1_555  MG ? B MG . ? A MG 1061 ? 1_555 O ? H HOH . ? A HOH 2054 ? 1_555  94.5  ? 
19 OD2 ? A ASP 40 ? A ASP 41   ? 80_555 MG ? B MG . ? A MG 1061 ? 1_555 O ? H HOH . ? A HOH 2058 ? 80_555 81.9  ? 
20 O   ? H HOH .  ? A HOH 2053 ? 1_555  MG ? B MG . ? A MG 1061 ? 1_555 O ? H HOH . ? A HOH 2058 ? 80_555 94.8  ? 
21 O   ? H HOH .  ? A HOH 2054 ? 1_555  MG ? B MG . ? A MG 1061 ? 1_555 O ? H HOH . ? A HOH 2058 ? 80_555 86.5  ? 
22 OD2 ? A ASP 40 ? A ASP 41   ? 80_555 MG ? B MG . ? A MG 1061 ? 1_555 O ? H HOH . ? A HOH 2059 ? 80_555 93.3  ? 
23 O   ? H HOH .  ? A HOH 2053 ? 1_555  MG ? B MG . ? A MG 1061 ? 1_555 O ? H HOH . ? A HOH 2059 ? 80_555 175.6 ? 
24 O   ? H HOH .  ? A HOH 2054 ? 1_555  MG ? B MG . ? A MG 1061 ? 1_555 O ? H HOH . ? A HOH 2059 ? 80_555 89.8  ? 
25 O   ? H HOH .  ? A HOH 2058 ? 80_555 MG ? B MG . ? A MG 1061 ? 1_555 O ? H HOH . ? A HOH 2059 ? 80_555 86.0  ? 
26 OD2 ? A ASP 40 ? A ASP 41   ? 80_555 MG ? B MG . ? A MG 1061 ? 1_555 O ? H HOH . ? A HOH 2076 ? 80_555 95.6  ? 
27 O   ? H HOH .  ? A HOH 2053 ? 1_555  MG ? B MG . ? A MG 1061 ? 1_555 O ? H HOH . ? A HOH 2076 ? 80_555 95.4  ? 
28 O   ? H HOH .  ? A HOH 2054 ? 1_555  MG ? B MG . ? A MG 1061 ? 1_555 O ? H HOH . ? A HOH 2076 ? 80_555 96.5  ? 
29 O   ? H HOH .  ? A HOH 2058 ? 80_555 MG ? B MG . ? A MG 1061 ? 1_555 O ? H HOH . ? A HOH 2076 ? 80_555 169.2 ? 
30 O   ? H HOH .  ? A HOH 2059 ? 80_555 MG ? B MG . ? A MG 1061 ? 1_555 O ? H HOH . ? A HOH 2076 ? 80_555 83.7  ? 
31 O   ? H HOH .  ? A HOH 2004 ? 80_555 NA ? D NA . ? A NA 1063 ? 1_555 O ? H HOH . ? A HOH 2004 ? 59_555 0.1   ? 
32 O   ? H HOH .  ? A HOH 2004 ? 80_555 NA ? D NA . ? A NA 1063 ? 1_555 O ? H HOH . ? A HOH 2004 ? 1_555  0.1   ? 
33 O   ? H HOH .  ? A HOH 2004 ? 59_555 NA ? D NA . ? A NA 1063 ? 1_555 O ? H HOH . ? A HOH 2004 ? 1_555  0.1   ? 
34 O   ? H HOH .  ? A HOH 2004 ? 80_555 NA ? D NA . ? A NA 1063 ? 1_555 O ? H HOH . ? A HOH 2079 ? 1_555  84.7  ? 
35 O   ? H HOH .  ? A HOH 2004 ? 59_555 NA ? D NA . ? A NA 1063 ? 1_555 O ? H HOH . ? A HOH 2079 ? 1_555  84.8  ? 
36 O   ? H HOH .  ? A HOH 2004 ? 1_555  NA ? D NA . ? A NA 1063 ? 1_555 O ? H HOH . ? A HOH 2079 ? 1_555  84.7  ? 
37 O   ? H HOH .  ? A HOH 2004 ? 80_555 NA ? D NA . ? A NA 1063 ? 1_555 O ? H HOH . ? A HOH 2079 ? 80_555 84.7  ? 
38 O   ? H HOH .  ? A HOH 2004 ? 59_555 NA ? D NA . ? A NA 1063 ? 1_555 O ? H HOH . ? A HOH 2079 ? 80_555 84.7  ? 
39 O   ? H HOH .  ? A HOH 2004 ? 1_555  NA ? D NA . ? A NA 1063 ? 1_555 O ? H HOH . ? A HOH 2079 ? 80_555 84.8  ? 
40 O   ? H HOH .  ? A HOH 2079 ? 1_555  NA ? D NA . ? A NA 1063 ? 1_555 O ? H HOH . ? A HOH 2079 ? 80_555 119.2 ? 
41 O   ? H HOH .  ? A HOH 2004 ? 80_555 NA ? D NA . ? A NA 1063 ? 1_555 O ? H HOH . ? A HOH 2079 ? 59_555 84.8  ? 
42 O   ? H HOH .  ? A HOH 2004 ? 59_555 NA ? D NA . ? A NA 1063 ? 1_555 O ? H HOH . ? A HOH 2079 ? 59_555 84.7  ? 
43 O   ? H HOH .  ? A HOH 2004 ? 1_555  NA ? D NA . ? A NA 1063 ? 1_555 O ? H HOH . ? A HOH 2079 ? 59_555 84.7  ? 
44 O   ? H HOH .  ? A HOH 2079 ? 1_555  NA ? D NA . ? A NA 1063 ? 1_555 O ? H HOH . ? A HOH 2079 ? 59_555 119.2 ? 
45 O   ? H HOH .  ? A HOH 2079 ? 80_555 NA ? D NA . ? A NA 1063 ? 1_555 O ? H HOH . ? A HOH 2079 ? 59_555 119.2 ? 
# 
loop_
_pdbx_audit_revision_history.ordinal 
_pdbx_audit_revision_history.data_content_type 
_pdbx_audit_revision_history.major_revision 
_pdbx_audit_revision_history.minor_revision 
_pdbx_audit_revision_history.revision_date 
1 'Structure model' 1 0 2008-09-30 
2 'Structure model' 1 1 2012-06-06 
3 'Structure model' 1 2 2023-12-13 
# 
_pdbx_audit_revision_details.ordinal             1 
_pdbx_audit_revision_details.revision_ordinal    1 
_pdbx_audit_revision_details.data_content_type   'Structure model' 
_pdbx_audit_revision_details.provider            repository 
_pdbx_audit_revision_details.type                'Initial release' 
_pdbx_audit_revision_details.description         ? 
_pdbx_audit_revision_details.details             ? 
# 
loop_
_pdbx_audit_revision_group.ordinal 
_pdbx_audit_revision_group.revision_ordinal 
_pdbx_audit_revision_group.data_content_type 
_pdbx_audit_revision_group.group 
1  2 'Structure model' 'Database references'       
2  2 'Structure model' 'Derived calculations'      
3  2 'Structure model' 'Non-polymer description'   
4  2 'Structure model' Other                       
5  2 'Structure model' 'Version format compliance' 
6  3 'Structure model' 'Data collection'           
7  3 'Structure model' 'Database references'       
8  3 'Structure model' 'Derived calculations'      
9  3 'Structure model' Other                       
10 3 'Structure model' 'Refinement description'    
# 
loop_
_pdbx_audit_revision_category.ordinal 
_pdbx_audit_revision_category.revision_ordinal 
_pdbx_audit_revision_category.data_content_type 
_pdbx_audit_revision_category.category 
1 3 'Structure model' chem_comp_atom                
2 3 'Structure model' chem_comp_bond                
3 3 'Structure model' database_2                    
4 3 'Structure model' pdbx_database_status          
5 3 'Structure model' pdbx_initial_refinement_model 
6 3 'Structure model' pdbx_struct_conn_angle        
7 3 'Structure model' pdbx_struct_special_symmetry  
8 3 'Structure model' struct_conn                   
9 3 'Structure model' struct_site                   
# 
loop_
_pdbx_audit_revision_item.ordinal 
_pdbx_audit_revision_item.revision_ordinal 
_pdbx_audit_revision_item.data_content_type 
_pdbx_audit_revision_item.item 
1  3 'Structure model' '_database_2.pdbx_DOI'                        
2  3 'Structure model' '_database_2.pdbx_database_accession'         
3  3 'Structure model' '_pdbx_database_status.status_code_sf'        
4  3 'Structure model' '_pdbx_struct_conn_angle.ptnr1_auth_comp_id'  
5  3 'Structure model' '_pdbx_struct_conn_angle.ptnr1_auth_seq_id'   
6  3 'Structure model' '_pdbx_struct_conn_angle.ptnr1_label_asym_id' 
7  3 'Structure model' '_pdbx_struct_conn_angle.ptnr1_label_atom_id' 
8  3 'Structure model' '_pdbx_struct_conn_angle.ptnr1_label_comp_id' 
9  3 'Structure model' '_pdbx_struct_conn_angle.ptnr1_label_seq_id'  
10 3 'Structure model' '_pdbx_struct_conn_angle.ptnr1_symmetry'      
11 3 'Structure model' '_pdbx_struct_conn_angle.ptnr2_auth_seq_id'   
12 3 'Structure model' '_pdbx_struct_conn_angle.ptnr2_label_asym_id' 
13 3 'Structure model' '_pdbx_struct_conn_angle.ptnr3_auth_comp_id'  
14 3 'Structure model' '_pdbx_struct_conn_angle.ptnr3_auth_seq_id'   
15 3 'Structure model' '_pdbx_struct_conn_angle.ptnr3_label_asym_id' 
16 3 'Structure model' '_pdbx_struct_conn_angle.ptnr3_label_atom_id' 
17 3 'Structure model' '_pdbx_struct_conn_angle.ptnr3_label_comp_id' 
18 3 'Structure model' '_pdbx_struct_conn_angle.ptnr3_label_seq_id'  
19 3 'Structure model' '_pdbx_struct_conn_angle.ptnr3_symmetry'      
20 3 'Structure model' '_pdbx_struct_conn_angle.value'               
21 3 'Structure model' '_struct_conn.pdbx_dist_value'                
22 3 'Structure model' '_struct_conn.ptnr1_auth_comp_id'             
23 3 'Structure model' '_struct_conn.ptnr1_auth_seq_id'              
24 3 'Structure model' '_struct_conn.ptnr1_label_asym_id'            
25 3 'Structure model' '_struct_conn.ptnr1_label_atom_id'            
26 3 'Structure model' '_struct_conn.ptnr1_label_comp_id'            
27 3 'Structure model' '_struct_conn.ptnr1_label_seq_id'             
28 3 'Structure model' '_struct_conn.ptnr1_symmetry'                 
29 3 'Structure model' '_struct_conn.ptnr2_auth_comp_id'             
30 3 'Structure model' '_struct_conn.ptnr2_auth_seq_id'              
31 3 'Structure model' '_struct_conn.ptnr2_label_asym_id'            
32 3 'Structure model' '_struct_conn.ptnr2_label_atom_id'            
33 3 'Structure model' '_struct_conn.ptnr2_label_comp_id'            
34 3 'Structure model' '_struct_conn.ptnr2_label_seq_id'             
35 3 'Structure model' '_struct_conn.ptnr2_symmetry'                 
36 3 'Structure model' '_struct_site.pdbx_auth_asym_id'              
37 3 'Structure model' '_struct_site.pdbx_auth_comp_id'              
38 3 'Structure model' '_struct_site.pdbx_auth_seq_id'               
# 
loop_
_software.name 
_software.classification 
_software.version 
_software.citation_id 
_software.pdbx_ordinal 
REFMAC refinement       5.2.0019 ? 1 
XDS    'data reduction' .        ? 2 
XSCALE 'data scaling'   .        ? 3 
# 
_pdbx_entry_details.entry_id                 2VKF 
_pdbx_entry_details.compound_details         'ENGINEERED RESIDUE IN CHAIN A, GLU 54 TO ALA' 
_pdbx_entry_details.source_details           ? 
_pdbx_entry_details.nonpolymer_details       
;COFC2_O5 (CF2): NEW LIGAND, GUANOSIN ATTACHED VIA AN
 ALIPHATIC LINKER TO ISOALLOXAZINE
;
_pdbx_entry_details.sequence_details         'MUTATION OF E45A AND DELETION OF GLU50,GLU51(UNP GLU59, GLU60)' 
_pdbx_entry_details.has_ligand_of_interest   ? 
# 
_pdbx_validate_symm_contact.id                1 
_pdbx_validate_symm_contact.PDB_model_num     1 
_pdbx_validate_symm_contact.auth_atom_id_1    O 
_pdbx_validate_symm_contact.auth_asym_id_1    A 
_pdbx_validate_symm_contact.auth_comp_id_1    HOH 
_pdbx_validate_symm_contact.auth_seq_id_1     2028 
_pdbx_validate_symm_contact.PDB_ins_code_1    ? 
_pdbx_validate_symm_contact.label_alt_id_1    ? 
_pdbx_validate_symm_contact.site_symmetry_1   1_555 
_pdbx_validate_symm_contact.auth_atom_id_2    O 
_pdbx_validate_symm_contact.auth_asym_id_2    A 
_pdbx_validate_symm_contact.auth_comp_id_2    HOH 
_pdbx_validate_symm_contact.auth_seq_id_2     2072 
_pdbx_validate_symm_contact.PDB_ins_code_2    ? 
_pdbx_validate_symm_contact.label_alt_id_2    ? 
_pdbx_validate_symm_contact.site_symmetry_2   5_555 
_pdbx_validate_symm_contact.dist              2.12 
# 
loop_
_chem_comp_atom.comp_id 
_chem_comp_atom.atom_id 
_chem_comp_atom.type_symbol 
_chem_comp_atom.pdbx_aromatic_flag 
_chem_comp_atom.pdbx_stereo_config 
_chem_comp_atom.pdbx_ordinal 
ALA N      N  N N 1   
ALA CA     C  N S 2   
ALA C      C  N N 3   
ALA O      O  N N 4   
ALA CB     C  N N 5   
ALA OXT    O  N N 6   
ALA H      H  N N 7   
ALA H2     H  N N 8   
ALA HA     H  N N 9   
ALA HB1    H  N N 10  
ALA HB2    H  N N 11  
ALA HB3    H  N N 12  
ALA HXT    H  N N 13  
ARG N      N  N N 14  
ARG CA     C  N S 15  
ARG C      C  N N 16  
ARG O      O  N N 17  
ARG CB     C  N N 18  
ARG CG     C  N N 19  
ARG CD     C  N N 20  
ARG NE     N  N N 21  
ARG CZ     C  N N 22  
ARG NH1    N  N N 23  
ARG NH2    N  N N 24  
ARG OXT    O  N N 25  
ARG H      H  N N 26  
ARG H2     H  N N 27  
ARG HA     H  N N 28  
ARG HB2    H  N N 29  
ARG HB3    H  N N 30  
ARG HG2    H  N N 31  
ARG HG3    H  N N 32  
ARG HD2    H  N N 33  
ARG HD3    H  N N 34  
ARG HE     H  N N 35  
ARG HH11   H  N N 36  
ARG HH12   H  N N 37  
ARG HH21   H  N N 38  
ARG HH22   H  N N 39  
ARG HXT    H  N N 40  
ASN N      N  N N 41  
ASN CA     C  N S 42  
ASN C      C  N N 43  
ASN O      O  N N 44  
ASN CB     C  N N 45  
ASN CG     C  N N 46  
ASN OD1    O  N N 47  
ASN ND2    N  N N 48  
ASN OXT    O  N N 49  
ASN H      H  N N 50  
ASN H2     H  N N 51  
ASN HA     H  N N 52  
ASN HB2    H  N N 53  
ASN HB3    H  N N 54  
ASN HD21   H  N N 55  
ASN HD22   H  N N 56  
ASN HXT    H  N N 57  
ASP N      N  N N 58  
ASP CA     C  N S 59  
ASP C      C  N N 60  
ASP O      O  N N 61  
ASP CB     C  N N 62  
ASP CG     C  N N 63  
ASP OD1    O  N N 64  
ASP OD2    O  N N 65  
ASP OXT    O  N N 66  
ASP H      H  N N 67  
ASP H2     H  N N 68  
ASP HA     H  N N 69  
ASP HB2    H  N N 70  
ASP HB3    H  N N 71  
ASP HD2    H  N N 72  
ASP HXT    H  N N 73  
CF2 O6A    O  N N 74  
CF2 C6A    C  N N 75  
CF2 N1A    N  N N 76  
CF2 C2A    C  N N 77  
CF2 N2A    N  N N 78  
CF2 N3A    N  N N 79  
CF2 C5AA   C  Y N 80  
CF2 C4AA   C  Y N 81  
CF2 N7A    N  Y N 82  
CF2 C8A    C  Y N 83  
CF2 N9A    N  Y N 84  
CF2 "C1'A" C  N R 85  
CF2 "C2'A" C  N N 86  
CF2 "C3'A" C  N S 87  
CF2 "O3'A" O  N N 88  
CF2 "O4'A" O  N N 89  
CF2 "C4'A" C  N R 90  
CF2 "C5'A" C  N N 91  
CF2 "O1'"  O  N N 92  
CF2 "C5'"  C  N N 93  
CF2 "O2'"  O  N N 94  
CF2 "N1'"  N  N N 95  
CF2 "C4'"  C  N N 96  
CF2 "C1'"  C  N N 97  
CF2 N10    N  N N 98  
CF2 C9A    C  Y N 99  
CF2 C5A    C  Y N 100 
CF2 C6     C  Y N 101 
CF2 C7     C  Y N 102 
CF2 C7M    C  N N 103 
CF2 C8     C  Y N 104 
CF2 C8M    C  N N 105 
CF2 C9     C  Y N 106 
CF2 N5     N  N N 107 
CF2 C4A    C  N N 108 
CF2 C4     C  N N 109 
CF2 O4     O  N N 110 
CF2 N3     N  N N 111 
CF2 C10    C  N N 112 
CF2 N1     N  N N 113 
CF2 C2     C  N N 114 
CF2 O2     O  N N 115 
CF2 "HA'"  H  N N 116 
CF2 "HA'1" H  N N 117 
CF2 "HA'2" H  N N 118 
CF2 HAA    H  N N 119 
CF2 HAB    H  N N 120 
CF2 HAA1   H  N N 121 
CF2 HAA2   H  N N 122 
CF2 HAC    H  N N 123 
CF2 HAD    H  N N 124 
CF2 HAE    H  N N 125 
CF2 HAB1   H  N N 126 
CF2 HAB2   H  N N 127 
CF2 "H1'"  H  N N 128 
CF2 "H4'1" H  N N 129 
CF2 "H4'2" H  N N 130 
CF2 "H1'1" H  N N 131 
CF2 "H1'2" H  N N 132 
CF2 H9     H  N N 133 
CF2 H6     H  N N 134 
CF2 H7M1   H  N N 135 
CF2 H7M2   H  N N 136 
CF2 H7M3   H  N N 137 
CF2 H8M1   H  N N 138 
CF2 H8M2   H  N N 139 
CF2 H8M3   H  N N 140 
CF2 H3     H  N N 141 
CL  CL     CL N N 142 
GLN N      N  N N 143 
GLN CA     C  N S 144 
GLN C      C  N N 145 
GLN O      O  N N 146 
GLN CB     C  N N 147 
GLN CG     C  N N 148 
GLN CD     C  N N 149 
GLN OE1    O  N N 150 
GLN NE2    N  N N 151 
GLN OXT    O  N N 152 
GLN H      H  N N 153 
GLN H2     H  N N 154 
GLN HA     H  N N 155 
GLN HB2    H  N N 156 
GLN HB3    H  N N 157 
GLN HG2    H  N N 158 
GLN HG3    H  N N 159 
GLN HE21   H  N N 160 
GLN HE22   H  N N 161 
GLN HXT    H  N N 162 
GLU N      N  N N 163 
GLU CA     C  N S 164 
GLU C      C  N N 165 
GLU O      O  N N 166 
GLU CB     C  N N 167 
GLU CG     C  N N 168 
GLU CD     C  N N 169 
GLU OE1    O  N N 170 
GLU OE2    O  N N 171 
GLU OXT    O  N N 172 
GLU H      H  N N 173 
GLU H2     H  N N 174 
GLU HA     H  N N 175 
GLU HB2    H  N N 176 
GLU HB3    H  N N 177 
GLU HG2    H  N N 178 
GLU HG3    H  N N 179 
GLU HE2    H  N N 180 
GLU HXT    H  N N 181 
GLY N      N  N N 182 
GLY CA     C  N N 183 
GLY C      C  N N 184 
GLY O      O  N N 185 
GLY OXT    O  N N 186 
GLY H      H  N N 187 
GLY H2     H  N N 188 
GLY HA2    H  N N 189 
GLY HA3    H  N N 190 
GLY HXT    H  N N 191 
HOH O      O  N N 192 
HOH H1     H  N N 193 
HOH H2     H  N N 194 
ILE N      N  N N 195 
ILE CA     C  N S 196 
ILE C      C  N N 197 
ILE O      O  N N 198 
ILE CB     C  N S 199 
ILE CG1    C  N N 200 
ILE CG2    C  N N 201 
ILE CD1    C  N N 202 
ILE OXT    O  N N 203 
ILE H      H  N N 204 
ILE H2     H  N N 205 
ILE HA     H  N N 206 
ILE HB     H  N N 207 
ILE HG12   H  N N 208 
ILE HG13   H  N N 209 
ILE HG21   H  N N 210 
ILE HG22   H  N N 211 
ILE HG23   H  N N 212 
ILE HD11   H  N N 213 
ILE HD12   H  N N 214 
ILE HD13   H  N N 215 
ILE HXT    H  N N 216 
LEU N      N  N N 217 
LEU CA     C  N S 218 
LEU C      C  N N 219 
LEU O      O  N N 220 
LEU CB     C  N N 221 
LEU CG     C  N N 222 
LEU CD1    C  N N 223 
LEU CD2    C  N N 224 
LEU OXT    O  N N 225 
LEU H      H  N N 226 
LEU H2     H  N N 227 
LEU HA     H  N N 228 
LEU HB2    H  N N 229 
LEU HB3    H  N N 230 
LEU HG     H  N N 231 
LEU HD11   H  N N 232 
LEU HD12   H  N N 233 
LEU HD13   H  N N 234 
LEU HD21   H  N N 235 
LEU HD22   H  N N 236 
LEU HD23   H  N N 237 
LEU HXT    H  N N 238 
LYS N      N  N N 239 
LYS CA     C  N S 240 
LYS C      C  N N 241 
LYS O      O  N N 242 
LYS CB     C  N N 243 
LYS CG     C  N N 244 
LYS CD     C  N N 245 
LYS CE     C  N N 246 
LYS NZ     N  N N 247 
LYS OXT    O  N N 248 
LYS H      H  N N 249 
LYS H2     H  N N 250 
LYS HA     H  N N 251 
LYS HB2    H  N N 252 
LYS HB3    H  N N 253 
LYS HG2    H  N N 254 
LYS HG3    H  N N 255 
LYS HD2    H  N N 256 
LYS HD3    H  N N 257 
LYS HE2    H  N N 258 
LYS HE3    H  N N 259 
LYS HZ1    H  N N 260 
LYS HZ2    H  N N 261 
LYS HZ3    H  N N 262 
LYS HXT    H  N N 263 
MG  MG     MG N N 264 
NA  NA     NA N N 265 
PHE N      N  N N 266 
PHE CA     C  N S 267 
PHE C      C  N N 268 
PHE O      O  N N 269 
PHE CB     C  N N 270 
PHE CG     C  Y N 271 
PHE CD1    C  Y N 272 
PHE CD2    C  Y N 273 
PHE CE1    C  Y N 274 
PHE CE2    C  Y N 275 
PHE CZ     C  Y N 276 
PHE OXT    O  N N 277 
PHE H      H  N N 278 
PHE H2     H  N N 279 
PHE HA     H  N N 280 
PHE HB2    H  N N 281 
PHE HB3    H  N N 282 
PHE HD1    H  N N 283 
PHE HD2    H  N N 284 
PHE HE1    H  N N 285 
PHE HE2    H  N N 286 
PHE HZ     H  N N 287 
PHE HXT    H  N N 288 
SER N      N  N N 289 
SER CA     C  N S 290 
SER C      C  N N 291 
SER O      O  N N 292 
SER CB     C  N N 293 
SER OG     O  N N 294 
SER OXT    O  N N 295 
SER H      H  N N 296 
SER H2     H  N N 297 
SER HA     H  N N 298 
SER HB2    H  N N 299 
SER HB3    H  N N 300 
SER HG     H  N N 301 
SER HXT    H  N N 302 
SO4 S      S  N N 303 
SO4 O1     O  N N 304 
SO4 O2     O  N N 305 
SO4 O3     O  N N 306 
SO4 O4     O  N N 307 
THR N      N  N N 308 
THR CA     C  N S 309 
THR C      C  N N 310 
THR O      O  N N 311 
THR CB     C  N R 312 
THR OG1    O  N N 313 
THR CG2    C  N N 314 
THR OXT    O  N N 315 
THR H      H  N N 316 
THR H2     H  N N 317 
THR HA     H  N N 318 
THR HB     H  N N 319 
THR HG1    H  N N 320 
THR HG21   H  N N 321 
THR HG22   H  N N 322 
THR HG23   H  N N 323 
THR HXT    H  N N 324 
TRP N      N  N N 325 
TRP CA     C  N S 326 
TRP C      C  N N 327 
TRP O      O  N N 328 
TRP CB     C  N N 329 
TRP CG     C  Y N 330 
TRP CD1    C  Y N 331 
TRP CD2    C  Y N 332 
TRP NE1    N  Y N 333 
TRP CE2    C  Y N 334 
TRP CE3    C  Y N 335 
TRP CZ2    C  Y N 336 
TRP CZ3    C  Y N 337 
TRP CH2    C  Y N 338 
TRP OXT    O  N N 339 
TRP H      H  N N 340 
TRP H2     H  N N 341 
TRP HA     H  N N 342 
TRP HB2    H  N N 343 
TRP HB3    H  N N 344 
TRP HD1    H  N N 345 
TRP HE1    H  N N 346 
TRP HE3    H  N N 347 
TRP HZ2    H  N N 348 
TRP HZ3    H  N N 349 
TRP HH2    H  N N 350 
TRP HXT    H  N N 351 
TYR N      N  N N 352 
TYR CA     C  N S 353 
TYR C      C  N N 354 
TYR O      O  N N 355 
TYR CB     C  N N 356 
TYR CG     C  Y N 357 
TYR CD1    C  Y N 358 
TYR CD2    C  Y N 359 
TYR CE1    C  Y N 360 
TYR CE2    C  Y N 361 
TYR CZ     C  Y N 362 
TYR OH     O  N N 363 
TYR OXT    O  N N 364 
TYR H      H  N N 365 
TYR H2     H  N N 366 
TYR HA     H  N N 367 
TYR HB2    H  N N 368 
TYR HB3    H  N N 369 
TYR HD1    H  N N 370 
TYR HD2    H  N N 371 
TYR HE1    H  N N 372 
TYR HE2    H  N N 373 
TYR HH     H  N N 374 
TYR HXT    H  N N 375 
VAL N      N  N N 376 
VAL CA     C  N S 377 
VAL C      C  N N 378 
VAL O      O  N N 379 
VAL CB     C  N N 380 
VAL CG1    C  N N 381 
VAL CG2    C  N N 382 
VAL OXT    O  N N 383 
VAL H      H  N N 384 
VAL H2     H  N N 385 
VAL HA     H  N N 386 
VAL HB     H  N N 387 
VAL HG11   H  N N 388 
VAL HG12   H  N N 389 
VAL HG13   H  N N 390 
VAL HG21   H  N N 391 
VAL HG22   H  N N 392 
VAL HG23   H  N N 393 
VAL HXT    H  N N 394 
# 
loop_
_chem_comp_bond.comp_id 
_chem_comp_bond.atom_id_1 
_chem_comp_bond.atom_id_2 
_chem_comp_bond.value_order 
_chem_comp_bond.pdbx_aromatic_flag 
_chem_comp_bond.pdbx_stereo_config 
_chem_comp_bond.pdbx_ordinal 
ALA N      CA     sing N N 1   
ALA N      H      sing N N 2   
ALA N      H2     sing N N 3   
ALA CA     C      sing N N 4   
ALA CA     CB     sing N N 5   
ALA CA     HA     sing N N 6   
ALA C      O      doub N N 7   
ALA C      OXT    sing N N 8   
ALA CB     HB1    sing N N 9   
ALA CB     HB2    sing N N 10  
ALA CB     HB3    sing N N 11  
ALA OXT    HXT    sing N N 12  
ARG N      CA     sing N N 13  
ARG N      H      sing N N 14  
ARG N      H2     sing N N 15  
ARG CA     C      sing N N 16  
ARG CA     CB     sing N N 17  
ARG CA     HA     sing N N 18  
ARG C      O      doub N N 19  
ARG C      OXT    sing N N 20  
ARG CB     CG     sing N N 21  
ARG CB     HB2    sing N N 22  
ARG CB     HB3    sing N N 23  
ARG CG     CD     sing N N 24  
ARG CG     HG2    sing N N 25  
ARG CG     HG3    sing N N 26  
ARG CD     NE     sing N N 27  
ARG CD     HD2    sing N N 28  
ARG CD     HD3    sing N N 29  
ARG NE     CZ     sing N N 30  
ARG NE     HE     sing N N 31  
ARG CZ     NH1    sing N N 32  
ARG CZ     NH2    doub N N 33  
ARG NH1    HH11   sing N N 34  
ARG NH1    HH12   sing N N 35  
ARG NH2    HH21   sing N N 36  
ARG NH2    HH22   sing N N 37  
ARG OXT    HXT    sing N N 38  
ASN N      CA     sing N N 39  
ASN N      H      sing N N 40  
ASN N      H2     sing N N 41  
ASN CA     C      sing N N 42  
ASN CA     CB     sing N N 43  
ASN CA     HA     sing N N 44  
ASN C      O      doub N N 45  
ASN C      OXT    sing N N 46  
ASN CB     CG     sing N N 47  
ASN CB     HB2    sing N N 48  
ASN CB     HB3    sing N N 49  
ASN CG     OD1    doub N N 50  
ASN CG     ND2    sing N N 51  
ASN ND2    HD21   sing N N 52  
ASN ND2    HD22   sing N N 53  
ASN OXT    HXT    sing N N 54  
ASP N      CA     sing N N 55  
ASP N      H      sing N N 56  
ASP N      H2     sing N N 57  
ASP CA     C      sing N N 58  
ASP CA     CB     sing N N 59  
ASP CA     HA     sing N N 60  
ASP C      O      doub N N 61  
ASP C      OXT    sing N N 62  
ASP CB     CG     sing N N 63  
ASP CB     HB2    sing N N 64  
ASP CB     HB3    sing N N 65  
ASP CG     OD1    doub N N 66  
ASP CG     OD2    sing N N 67  
ASP OD2    HD2    sing N N 68  
ASP OXT    HXT    sing N N 69  
CF2 O6A    C6A    doub N N 70  
CF2 C6A    N1A    sing N N 71  
CF2 C6A    C5AA   sing N N 72  
CF2 N1A    C2A    sing N N 73  
CF2 C2A    N2A    sing N N 74  
CF2 C2A    N3A    doub N N 75  
CF2 N3A    C4AA   sing N N 76  
CF2 C5AA   C4AA   doub Y N 77  
CF2 C5AA   N7A    sing Y N 78  
CF2 C4AA   N9A    sing Y N 79  
CF2 N7A    C8A    doub Y N 80  
CF2 C8A    N9A    sing Y N 81  
CF2 N9A    "C1'A" sing N N 82  
CF2 "C1'A" "C2'A" sing N N 83  
CF2 "C1'A" "O4'A" sing N N 84  
CF2 "C2'A" "C3'A" sing N N 85  
CF2 "C3'A" "O3'A" sing N N 86  
CF2 "C3'A" "C4'A" sing N N 87  
CF2 "O4'A" "C4'A" sing N N 88  
CF2 "C4'A" "C5'A" sing N N 89  
CF2 "C5'A" "O1'"  sing N N 90  
CF2 "O1'"  "C5'"  sing N N 91  
CF2 "C5'"  "O2'"  doub N N 92  
CF2 "C5'"  "N1'"  sing N N 93  
CF2 "N1'"  "C4'"  sing N N 94  
CF2 "C4'"  "C1'"  sing N N 95  
CF2 "C1'"  N10    sing N N 96  
CF2 N10    C9A    sing N N 97  
CF2 N10    C10    sing N N 98  
CF2 C9A    C5A    sing Y N 99  
CF2 C9A    C9     doub Y N 100 
CF2 C5A    C6     doub Y N 101 
CF2 C5A    N5     sing N N 102 
CF2 C6     C7     sing Y N 103 
CF2 C7     C7M    sing N N 104 
CF2 C7     C8     doub Y N 105 
CF2 C8     C8M    sing N N 106 
CF2 C8     C9     sing Y N 107 
CF2 N5     C4A    doub N N 108 
CF2 C4A    C4     sing N N 109 
CF2 C4A    C10    sing N N 110 
CF2 C4     O4     doub N N 111 
CF2 C4     N3     sing N N 112 
CF2 N3     C2     sing N N 113 
CF2 C10    N1     doub N N 114 
CF2 N1     C2     sing N N 115 
CF2 C2     O2     doub N N 116 
CF2 N1A    "HA'"  sing N N 117 
CF2 N2A    "HA'1" sing N N 118 
CF2 N2A    "HA'2" sing N N 119 
CF2 C8A    HAA    sing N N 120 
CF2 "C1'A" HAB    sing N N 121 
CF2 "C2'A" HAA1   sing N N 122 
CF2 "C2'A" HAA2   sing N N 123 
CF2 "C3'A" HAC    sing N N 124 
CF2 "O3'A" HAD    sing N N 125 
CF2 "C4'A" HAE    sing N N 126 
CF2 "C5'A" HAB1   sing N N 127 
CF2 "C5'A" HAB2   sing N N 128 
CF2 "N1'"  "H1'"  sing N N 129 
CF2 "C4'"  "H4'1" sing N N 130 
CF2 "C4'"  "H4'2" sing N N 131 
CF2 "C1'"  "H1'1" sing N N 132 
CF2 "C1'"  "H1'2" sing N N 133 
CF2 C9     H9     sing N N 134 
CF2 C6     H6     sing N N 135 
CF2 C7M    H7M1   sing N N 136 
CF2 C7M    H7M2   sing N N 137 
CF2 C7M    H7M3   sing N N 138 
CF2 C8M    H8M1   sing N N 139 
CF2 C8M    H8M2   sing N N 140 
CF2 C8M    H8M3   sing N N 141 
CF2 N3     H3     sing N N 142 
GLN N      CA     sing N N 143 
GLN N      H      sing N N 144 
GLN N      H2     sing N N 145 
GLN CA     C      sing N N 146 
GLN CA     CB     sing N N 147 
GLN CA     HA     sing N N 148 
GLN C      O      doub N N 149 
GLN C      OXT    sing N N 150 
GLN CB     CG     sing N N 151 
GLN CB     HB2    sing N N 152 
GLN CB     HB3    sing N N 153 
GLN CG     CD     sing N N 154 
GLN CG     HG2    sing N N 155 
GLN CG     HG3    sing N N 156 
GLN CD     OE1    doub N N 157 
GLN CD     NE2    sing N N 158 
GLN NE2    HE21   sing N N 159 
GLN NE2    HE22   sing N N 160 
GLN OXT    HXT    sing N N 161 
GLU N      CA     sing N N 162 
GLU N      H      sing N N 163 
GLU N      H2     sing N N 164 
GLU CA     C      sing N N 165 
GLU CA     CB     sing N N 166 
GLU CA     HA     sing N N 167 
GLU C      O      doub N N 168 
GLU C      OXT    sing N N 169 
GLU CB     CG     sing N N 170 
GLU CB     HB2    sing N N 171 
GLU CB     HB3    sing N N 172 
GLU CG     CD     sing N N 173 
GLU CG     HG2    sing N N 174 
GLU CG     HG3    sing N N 175 
GLU CD     OE1    doub N N 176 
GLU CD     OE2    sing N N 177 
GLU OE2    HE2    sing N N 178 
GLU OXT    HXT    sing N N 179 
GLY N      CA     sing N N 180 
GLY N      H      sing N N 181 
GLY N      H2     sing N N 182 
GLY CA     C      sing N N 183 
GLY CA     HA2    sing N N 184 
GLY CA     HA3    sing N N 185 
GLY C      O      doub N N 186 
GLY C      OXT    sing N N 187 
GLY OXT    HXT    sing N N 188 
HOH O      H1     sing N N 189 
HOH O      H2     sing N N 190 
ILE N      CA     sing N N 191 
ILE N      H      sing N N 192 
ILE N      H2     sing N N 193 
ILE CA     C      sing N N 194 
ILE CA     CB     sing N N 195 
ILE CA     HA     sing N N 196 
ILE C      O      doub N N 197 
ILE C      OXT    sing N N 198 
ILE CB     CG1    sing N N 199 
ILE CB     CG2    sing N N 200 
ILE CB     HB     sing N N 201 
ILE CG1    CD1    sing N N 202 
ILE CG1    HG12   sing N N 203 
ILE CG1    HG13   sing N N 204 
ILE CG2    HG21   sing N N 205 
ILE CG2    HG22   sing N N 206 
ILE CG2    HG23   sing N N 207 
ILE CD1    HD11   sing N N 208 
ILE CD1    HD12   sing N N 209 
ILE CD1    HD13   sing N N 210 
ILE OXT    HXT    sing N N 211 
LEU N      CA     sing N N 212 
LEU N      H      sing N N 213 
LEU N      H2     sing N N 214 
LEU CA     C      sing N N 215 
LEU CA     CB     sing N N 216 
LEU CA     HA     sing N N 217 
LEU C      O      doub N N 218 
LEU C      OXT    sing N N 219 
LEU CB     CG     sing N N 220 
LEU CB     HB2    sing N N 221 
LEU CB     HB3    sing N N 222 
LEU CG     CD1    sing N N 223 
LEU CG     CD2    sing N N 224 
LEU CG     HG     sing N N 225 
LEU CD1    HD11   sing N N 226 
LEU CD1    HD12   sing N N 227 
LEU CD1    HD13   sing N N 228 
LEU CD2    HD21   sing N N 229 
LEU CD2    HD22   sing N N 230 
LEU CD2    HD23   sing N N 231 
LEU OXT    HXT    sing N N 232 
LYS N      CA     sing N N 233 
LYS N      H      sing N N 234 
LYS N      H2     sing N N 235 
LYS CA     C      sing N N 236 
LYS CA     CB     sing N N 237 
LYS CA     HA     sing N N 238 
LYS C      O      doub N N 239 
LYS C      OXT    sing N N 240 
LYS CB     CG     sing N N 241 
LYS CB     HB2    sing N N 242 
LYS CB     HB3    sing N N 243 
LYS CG     CD     sing N N 244 
LYS CG     HG2    sing N N 245 
LYS CG     HG3    sing N N 246 
LYS CD     CE     sing N N 247 
LYS CD     HD2    sing N N 248 
LYS CD     HD3    sing N N 249 
LYS CE     NZ     sing N N 250 
LYS CE     HE2    sing N N 251 
LYS CE     HE3    sing N N 252 
LYS NZ     HZ1    sing N N 253 
LYS NZ     HZ2    sing N N 254 
LYS NZ     HZ3    sing N N 255 
LYS OXT    HXT    sing N N 256 
PHE N      CA     sing N N 257 
PHE N      H      sing N N 258 
PHE N      H2     sing N N 259 
PHE CA     C      sing N N 260 
PHE CA     CB     sing N N 261 
PHE CA     HA     sing N N 262 
PHE C      O      doub N N 263 
PHE C      OXT    sing N N 264 
PHE CB     CG     sing N N 265 
PHE CB     HB2    sing N N 266 
PHE CB     HB3    sing N N 267 
PHE CG     CD1    doub Y N 268 
PHE CG     CD2    sing Y N 269 
PHE CD1    CE1    sing Y N 270 
PHE CD1    HD1    sing N N 271 
PHE CD2    CE2    doub Y N 272 
PHE CD2    HD2    sing N N 273 
PHE CE1    CZ     doub Y N 274 
PHE CE1    HE1    sing N N 275 
PHE CE2    CZ     sing Y N 276 
PHE CE2    HE2    sing N N 277 
PHE CZ     HZ     sing N N 278 
PHE OXT    HXT    sing N N 279 
SER N      CA     sing N N 280 
SER N      H      sing N N 281 
SER N      H2     sing N N 282 
SER CA     C      sing N N 283 
SER CA     CB     sing N N 284 
SER CA     HA     sing N N 285 
SER C      O      doub N N 286 
SER C      OXT    sing N N 287 
SER CB     OG     sing N N 288 
SER CB     HB2    sing N N 289 
SER CB     HB3    sing N N 290 
SER OG     HG     sing N N 291 
SER OXT    HXT    sing N N 292 
SO4 S      O1     doub N N 293 
SO4 S      O2     doub N N 294 
SO4 S      O3     sing N N 295 
SO4 S      O4     sing N N 296 
THR N      CA     sing N N 297 
THR N      H      sing N N 298 
THR N      H2     sing N N 299 
THR CA     C      sing N N 300 
THR CA     CB     sing N N 301 
THR CA     HA     sing N N 302 
THR C      O      doub N N 303 
THR C      OXT    sing N N 304 
THR CB     OG1    sing N N 305 
THR CB     CG2    sing N N 306 
THR CB     HB     sing N N 307 
THR OG1    HG1    sing N N 308 
THR CG2    HG21   sing N N 309 
THR CG2    HG22   sing N N 310 
THR CG2    HG23   sing N N 311 
THR OXT    HXT    sing N N 312 
TRP N      CA     sing N N 313 
TRP N      H      sing N N 314 
TRP N      H2     sing N N 315 
TRP CA     C      sing N N 316 
TRP CA     CB     sing N N 317 
TRP CA     HA     sing N N 318 
TRP C      O      doub N N 319 
TRP C      OXT    sing N N 320 
TRP CB     CG     sing N N 321 
TRP CB     HB2    sing N N 322 
TRP CB     HB3    sing N N 323 
TRP CG     CD1    doub Y N 324 
TRP CG     CD2    sing Y N 325 
TRP CD1    NE1    sing Y N 326 
TRP CD1    HD1    sing N N 327 
TRP CD2    CE2    doub Y N 328 
TRP CD2    CE3    sing Y N 329 
TRP NE1    CE2    sing Y N 330 
TRP NE1    HE1    sing N N 331 
TRP CE2    CZ2    sing Y N 332 
TRP CE3    CZ3    doub Y N 333 
TRP CE3    HE3    sing N N 334 
TRP CZ2    CH2    doub Y N 335 
TRP CZ2    HZ2    sing N N 336 
TRP CZ3    CH2    sing Y N 337 
TRP CZ3    HZ3    sing N N 338 
TRP CH2    HH2    sing N N 339 
TRP OXT    HXT    sing N N 340 
TYR N      CA     sing N N 341 
TYR N      H      sing N N 342 
TYR N      H2     sing N N 343 
TYR CA     C      sing N N 344 
TYR CA     CB     sing N N 345 
TYR CA     HA     sing N N 346 
TYR C      O      doub N N 347 
TYR C      OXT    sing N N 348 
TYR CB     CG     sing N N 349 
TYR CB     HB2    sing N N 350 
TYR CB     HB3    sing N N 351 
TYR CG     CD1    doub Y N 352 
TYR CG     CD2    sing Y N 353 
TYR CD1    CE1    sing Y N 354 
TYR CD1    HD1    sing N N 355 
TYR CD2    CE2    doub Y N 356 
TYR CD2    HD2    sing N N 357 
TYR CE1    CZ     doub Y N 358 
TYR CE1    HE1    sing N N 359 
TYR CE2    CZ     sing Y N 360 
TYR CE2    HE2    sing N N 361 
TYR CZ     OH     sing N N 362 
TYR OH     HH     sing N N 363 
TYR OXT    HXT    sing N N 364 
VAL N      CA     sing N N 365 
VAL N      H      sing N N 366 
VAL N      H2     sing N N 367 
VAL CA     C      sing N N 368 
VAL CA     CB     sing N N 369 
VAL CA     HA     sing N N 370 
VAL C      O      doub N N 371 
VAL C      OXT    sing N N 372 
VAL CB     CG1    sing N N 373 
VAL CB     CG2    sing N N 374 
VAL CB     HB     sing N N 375 
VAL CG1    HG11   sing N N 376 
VAL CG1    HG12   sing N N 377 
VAL CG1    HG13   sing N N 378 
VAL CG2    HG21   sing N N 379 
VAL CG2    HG22   sing N N 380 
VAL CG2    HG23   sing N N 381 
VAL OXT    HXT    sing N N 382 
# 
loop_
_pdbx_entity_nonpoly.entity_id 
_pdbx_entity_nonpoly.name 
_pdbx_entity_nonpoly.comp_id 
2 'MAGNESIUM ION'                                                                                             MG  
3 'SODIUM ION'                                                                                                NA  
4 'CHLORIDE ION'                                                                                              CL  
5 'SULFATE ION'                                                                                               SO4 
6 "2'-deoxy-5'-O-{[2-(7,8-dimethyl-2,4-dioxo-3,4-dihydrobenzo[g]pteridin-10(2H)-yl)ethyl]carbamoyl}guanosine" CF2 
7 water                                                                                                       HOH 
# 
_pdbx_initial_refinement_model.id               1 
_pdbx_initial_refinement_model.entity_id_list   ? 
_pdbx_initial_refinement_model.type             'experimental model' 
_pdbx_initial_refinement_model.source_name      PDB 
_pdbx_initial_refinement_model.accession_code   2CCC 
_pdbx_initial_refinement_model.details          'PDB ENTRY 2CCC' 
# 
